data_2INP
#
_entry.id   2INP
#
_cell.length_a   87.751
_cell.length_b   146.305
_cell.length_c   190.020
_cell.angle_alpha   90.00
_cell.angle_beta   90.00
_cell.angle_gamma   90.00
#
_symmetry.space_group_name_H-M   'P 21 21 21'
#
loop_
_entity.id
_entity.type
_entity.pdbx_description
1 polymer 'Phenol hydroxylase component phN'
2 polymer 'Phenol hydroxylase component phL'
3 polymer 'Phenol hydroxylase component phO'
4 polymer 'Phenol hydroxylase component phM'
5 non-polymer 'FE (III) ION'
6 non-polymer 'ZINC ION'
7 water water
#
loop_
_entity_poly.entity_id
_entity_poly.type
_entity_poly.pdbx_seq_one_letter_code
_entity_poly.pdbx_strand_id
1 'polypeptide(L)'
;KKLNLKDKYQYLTRDMAWEPTYQDKKDIFPEEDFEGIKITDWSQWEDPFRLTMDAYWKYQAEKEKKLYAIFDAFAQNNGH
QNISDARYVNALKLFISGISPLEHAAFQGYSKVGRQFSGAGARVACQMQAIDELRHSQTQQHAMSHYNKHFNGLHDGPHM
HDRVWYLSVPKSFFDDARSAGPFEFLTAISFSFEYVLTNLLFVPFMSGAAYNGDMATVTFGFSAQSDEARHMTLGLEVIK
FILEQHEDNVPIVQRWIDKWFWRGFRLLSLVSMMMDYMLPNKVMSWSEAWEVYYEQNGGALFKDLERYGIRPPKYQDVAN
DAKHHLSHQLWTTFYQYCQATNFHTWIPEKEEMDWMSEKYPDTFDKYYRPRYEYLAKEAAAGRRFYNNTLPQLCQVCQIP
TIFTEKDAPTMLSHRQIEHEGERYHFCSDGCCDIFKHEPEKYIQAWLPVHQIYQGNCEGGDLETVVQKYYHINIGEDNFD
YVGSPDQKHWLSIK
;
A,B
2 'polypeptide(L)'
;EIKTNSVEPIRHTYGHIARRFGDKPATRYQEASYDIEAKTNFHYRPQWDSEHTLNDPTRTAIRMEDWCAVSDPRQFYYGA
YVGNRAKMQESAETSFGFCEKRNLLTRLSEETQKQLLRLLVPLRHVELGANMNNAKIAGDATATTVSQMHIYTGMDRLGI
GQYLSRIALMIDGSTGAALDESKAYWMDDEMWQPMRKLVEDTLVVDDWFELTLVQNILIDGMMYPLVYDKMDQWFESQGA
EDVSMLTEFMRDWYKESLRWTNAMMKAVAGESETNRELLQKWIDHWEPQAYEALKPLAEASVGIDGLNEARAELSARLKK
FELQSRGV
;
C,D
3 'polypeptide(L)'
;SVNALYDYKFEPKDKVENFHGMQLLYVYWPDHLLFCAPFALLVQPGMTFSALVDEILKPATAAHPDSAKADFLNAEWLLN
DEPFTPKADASLKEQGIDHKSMLTVTTPGLKGMANAGY
;
E,F
4 'polypeptide(L)'
;MSQLVFIVFQDNDDSRYLAEAVMEDNPDAEMQHQPAMIRIQAEKRLVINRETMEEKLGRDWDVQEMLINVISIAGNVDED
DDHFILEWN
;
L
#
loop_
_chem_comp.id
_chem_comp.type
_chem_comp.name
_chem_comp.formula
FE non-polymer 'FE (III) ION' 'Fe 3'
ZN non-polymer 'ZINC ION' 'Zn 2'
#
# COMPACT_ATOMS: atom_id res chain seq x y z
N LYS A 1 -6.17 23.81 38.74
CA LYS A 1 -5.08 23.63 37.71
C LYS A 1 -5.25 22.36 36.78
N LYS A 2 -5.09 22.59 35.47
CA LYS A 2 -5.13 21.54 34.42
C LYS A 2 -4.12 20.42 34.64
N LEU A 3 -4.56 19.20 34.40
CA LEU A 3 -3.63 18.07 34.54
C LEU A 3 -2.46 18.19 33.54
N ASN A 4 -1.28 17.94 34.04
CA ASN A 4 -0.12 17.41 33.36
C ASN A 4 -0.32 16.27 32.33
N LEU A 5 0.70 15.97 31.53
CA LEU A 5 0.68 14.82 30.64
C LEU A 5 0.70 13.50 31.43
N LYS A 6 1.70 13.31 32.29
CA LYS A 6 1.75 12.16 33.15
C LYS A 6 0.48 11.88 33.90
N ASP A 7 -0.04 12.90 34.53
CA ASP A 7 -1.17 12.80 35.38
C ASP A 7 -2.45 12.65 34.64
N LYS A 8 -2.58 13.29 33.47
CA LYS A 8 -3.81 13.08 32.73
C LYS A 8 -3.85 11.55 32.28
N TYR A 9 -2.69 11.00 32.01
CA TYR A 9 -2.63 9.63 31.47
C TYR A 9 -2.93 8.64 32.62
N GLN A 10 -2.47 8.95 33.83
CA GLN A 10 -2.77 8.14 34.99
C GLN A 10 -4.26 8.14 35.30
N TYR A 11 -4.89 9.30 35.15
CA TYR A 11 -6.33 9.43 35.26
C TYR A 11 -7.11 8.63 34.25
N LEU A 12 -6.54 8.46 33.06
CA LEU A 12 -7.20 7.70 32.01
C LEU A 12 -6.89 6.23 32.10
N THR A 13 -6.01 5.87 33.01
CA THR A 13 -5.64 4.49 33.29
C THR A 13 -5.78 4.04 34.78
N ARG A 14 -4.77 4.31 35.61
CA ARG A 14 -4.72 3.84 36.99
C ARG A 14 -5.96 4.26 37.81
N ASP A 15 -6.40 5.49 37.61
CA ASP A 15 -7.56 6.00 38.32
C ASP A 15 -8.81 5.17 38.13
N MET A 16 -8.89 4.43 37.02
CA MET A 16 -10.05 3.58 36.77
C MET A 16 -10.06 2.36 37.73
N ALA A 17 -8.90 2.00 38.26
CA ALA A 17 -8.76 0.86 39.17
C ALA A 17 -9.15 1.39 40.61
N TRP A 18 -9.21 0.53 41.65
CA TRP A 18 -9.73 0.91 43.02
C TRP A 18 -9.37 -0.16 44.00
N GLU A 19 -9.33 0.17 45.30
CA GLU A 19 -9.01 -0.83 46.36
C GLU A 19 -10.23 -1.67 46.58
N PRO A 20 -10.08 -2.99 46.48
CA PRO A 20 -11.29 -3.83 46.62
C PRO A 20 -11.83 -3.85 48.09
N THR A 21 -13.13 -4.07 48.25
CA THR A 21 -13.78 -4.10 49.56
C THR A 21 -14.45 -5.46 49.83
N TYR A 22 -15.04 -6.04 48.79
CA TYR A 22 -15.70 -7.34 48.81
C TYR A 22 -14.84 -8.59 48.48
N GLN A 23 -13.58 -8.37 48.08
CA GLN A 23 -12.63 -9.46 47.76
C GLN A 23 -11.28 -9.06 48.21
N ASP A 24 -10.53 -10.01 48.72
CA ASP A 24 -9.22 -9.64 49.17
C ASP A 24 -8.30 -9.50 47.95
N LYS A 25 -7.41 -8.54 48.07
CA LYS A 25 -6.57 -8.11 46.99
C LYS A 25 -5.66 -9.25 46.53
N LYS A 26 -5.14 -10.02 47.48
CA LYS A 26 -4.40 -11.24 47.24
C LYS A 26 -5.19 -12.39 46.65
N ASP A 27 -6.51 -12.31 46.61
CA ASP A 27 -7.25 -13.32 45.86
C ASP A 27 -7.43 -12.83 44.40
N ILE A 28 -7.65 -11.52 44.25
CA ILE A 28 -7.75 -10.92 42.94
C ILE A 28 -6.40 -11.01 42.22
N PHE A 29 -5.28 -10.94 42.96
CA PHE A 29 -3.90 -10.98 42.43
C PHE A 29 -3.06 -12.02 43.13
N PRO A 30 -3.29 -13.32 42.83
CA PRO A 30 -2.55 -14.31 43.66
C PRO A 30 -1.12 -14.62 43.34
N GLU A 31 -0.52 -14.01 42.29
CA GLU A 31 0.78 -14.46 41.78
C GLU A 31 1.96 -13.57 42.11
N GLU A 32 1.71 -12.51 42.86
CA GLU A 32 2.70 -11.53 43.07
C GLU A 32 3.69 -11.77 44.19
N ASP A 33 3.48 -12.84 44.97
CA ASP A 33 4.36 -13.08 46.13
C ASP A 33 5.29 -14.27 46.07
N PHE A 34 4.90 -15.34 45.40
CA PHE A 34 5.69 -16.63 45.51
C PHE A 34 7.07 -16.58 44.95
N GLU A 35 7.36 -15.64 44.05
CA GLU A 35 8.72 -15.50 43.47
C GLU A 35 9.71 -14.82 44.34
N GLY A 36 9.27 -14.24 45.48
CA GLY A 36 10.19 -13.58 46.45
C GLY A 36 10.35 -12.08 46.16
N ILE A 37 9.66 -11.61 45.11
CA ILE A 37 9.75 -10.18 44.78
C ILE A 37 8.72 -9.45 45.64
N LYS A 38 9.18 -8.35 46.22
CA LYS A 38 8.42 -7.41 47.04
C LYS A 38 8.33 -6.03 46.37
N ILE A 39 7.10 -5.57 46.24
CA ILE A 39 6.78 -4.25 45.80
C ILE A 39 6.17 -3.41 46.96
N THR A 40 6.90 -2.35 47.28
CA THR A 40 6.60 -1.49 48.41
C THR A 40 5.46 -0.53 48.10
N ASP A 41 5.50 0.03 46.88
CA ASP A 41 4.61 1.08 46.47
C ASP A 41 4.42 1.10 44.95
N TRP A 42 3.32 0.49 44.53
CA TRP A 42 2.86 0.54 43.18
C TRP A 42 2.56 1.94 42.57
N SER A 43 2.30 2.92 43.42
CA SER A 43 1.86 4.24 42.91
C SER A 43 3.12 5.01 42.55
N GLN A 44 4.27 4.36 42.64
CA GLN A 44 5.49 4.90 42.08
C GLN A 44 5.83 4.41 40.65
N TRP A 45 4.93 3.59 40.10
CA TRP A 45 5.03 3.12 38.71
C TRP A 45 5.08 4.27 37.74
N GLU A 46 6.06 4.27 36.86
CA GLU A 46 6.11 5.25 35.77
C GLU A 46 5.70 4.53 34.49
N ASP A 47 4.75 5.09 33.77
CA ASP A 47 4.38 4.54 32.50
C ASP A 47 5.52 4.55 31.43
N PRO A 48 5.80 3.37 30.79
CA PRO A 48 6.86 3.35 29.73
C PRO A 48 6.40 4.04 28.43
N PHE A 49 5.09 4.17 28.26
CA PHE A 49 4.50 4.85 27.13
C PHE A 49 3.04 5.18 27.52
N ARG A 50 2.48 6.15 26.83
CA ARG A 50 1.24 6.78 27.24
C ARG A 50 0.26 7.00 26.07
N LEU A 51 -0.05 5.90 25.37
CA LEU A 51 -1.00 5.91 24.27
C LEU A 51 -2.39 5.52 24.79
N THR A 52 -3.37 6.42 24.74
CA THR A 52 -4.73 6.01 25.01
C THR A 52 -5.24 5.13 23.84
N MET A 53 -6.37 4.47 24.04
CA MET A 53 -6.88 3.49 23.09
C MET A 53 -7.17 4.13 21.75
N ASP A 54 -7.72 5.32 21.77
CA ASP A 54 -8.07 5.98 20.54
C ASP A 54 -6.81 6.29 19.70
N ALA A 55 -5.71 6.67 20.37
CA ALA A 55 -4.42 6.89 19.73
C ALA A 55 -3.81 5.60 19.19
N TYR A 56 -3.84 4.53 20.02
CA TYR A 56 -3.27 3.25 19.62
C TYR A 56 -4.03 2.82 18.36
N TRP A 57 -5.37 2.78 18.38
CA TRP A 57 -6.12 2.35 17.22
C TRP A 57 -5.77 3.20 15.99
N LYS A 58 -5.75 4.53 16.15
CA LYS A 58 -5.46 5.44 15.03
C LYS A 58 -4.13 5.14 14.35
N TYR A 59 -3.05 5.06 15.16
CA TYR A 59 -1.75 4.84 14.63
C TYR A 59 -1.60 3.48 14.00
N GLN A 60 -2.09 2.45 14.67
CA GLN A 60 -1.90 1.08 14.20
C GLN A 60 -2.62 0.80 12.82
N ALA A 61 -3.80 1.37 12.66
CA ALA A 61 -4.58 1.29 11.47
C ALA A 61 -3.91 1.93 10.23
N GLU A 62 -3.41 3.16 10.41
CA GLU A 62 -2.62 3.79 9.38
C GLU A 62 -1.42 2.84 8.99
N LYS A 63 -0.69 2.31 9.98
CA LYS A 63 0.43 1.41 9.71
C LYS A 63 0.00 0.16 8.99
N GLU A 64 -1.17 -0.39 9.36
CA GLU A 64 -1.63 -1.68 8.80
C GLU A 64 -2.11 -1.48 7.36
N LYS A 65 -2.83 -0.40 7.06
CA LYS A 65 -3.23 -0.12 5.70
C LYS A 65 -2.07 -0.07 4.73
N LYS A 66 -0.97 0.55 5.12
CA LYS A 66 0.25 0.62 4.32
C LYS A 66 0.95 -0.74 4.20
N LEU A 67 1.05 -1.50 5.30
CA LEU A 67 1.66 -2.78 5.31
C LEU A 67 0.92 -3.76 4.33
N TYR A 68 -0.42 -3.83 4.40
CA TYR A 68 -1.16 -4.83 3.59
C TYR A 68 -1.20 -4.36 2.14
N ALA A 69 -1.15 -3.05 1.88
CA ALA A 69 -1.06 -2.54 0.46
C ALA A 69 0.17 -3.15 -0.19
N ILE A 70 1.30 -3.06 0.53
CA ILE A 70 2.56 -3.65 0.15
C ILE A 70 2.57 -5.19 0.04
N PHE A 71 1.95 -5.86 1.04
CA PHE A 71 1.92 -7.33 1.01
C PHE A 71 1.18 -7.67 -0.28
N ASP A 72 0.06 -7.00 -0.59
CA ASP A 72 -0.73 -7.31 -1.75
C ASP A 72 0.04 -7.00 -3.09
N ALA A 73 0.81 -5.91 -3.10
CA ALA A 73 1.56 -5.58 -4.29
C ALA A 73 2.64 -6.64 -4.46
N PHE A 74 3.36 -6.98 -3.40
CA PHE A 74 4.40 -7.98 -3.48
C PHE A 74 3.87 -9.32 -4.06
N ALA A 75 2.71 -9.76 -3.60
CA ALA A 75 2.18 -11.04 -4.00
C ALA A 75 1.74 -10.96 -5.50
N GLN A 76 1.05 -9.88 -5.86
CA GLN A 76 0.65 -9.55 -7.21
C GLN A 76 1.80 -9.45 -8.27
N ASN A 77 2.97 -9.04 -7.83
CA ASN A 77 4.06 -8.83 -8.74
C ASN A 77 5.03 -9.94 -8.55
N ASN A 78 4.64 -10.97 -7.81
CA ASN A 78 5.52 -12.07 -7.57
C ASN A 78 6.87 -11.67 -7.09
N GLY A 79 6.86 -10.86 -6.03
CA GLY A 79 8.10 -10.31 -5.54
C GLY A 79 9.07 -11.32 -5.00
N HIS A 80 8.61 -12.53 -4.77
CA HIS A 80 9.53 -13.58 -4.29
C HIS A 80 10.56 -13.92 -5.36
N GLN A 81 10.30 -13.59 -6.61
CA GLN A 81 11.34 -13.79 -7.65
C GLN A 81 12.49 -12.76 -7.62
N ASN A 82 12.39 -11.76 -6.74
CA ASN A 82 13.31 -10.66 -6.74
C ASN A 82 14.38 -10.80 -5.68
N ILE A 83 14.35 -11.92 -4.95
CA ILE A 83 15.27 -12.12 -3.84
C ILE A 83 16.61 -12.47 -4.41
N SER A 84 17.69 -12.47 -3.62
CA SER A 84 19.01 -12.68 -4.16
C SER A 84 19.21 -14.11 -4.75
N ASP A 85 18.77 -15.11 -4.00
CA ASP A 85 18.97 -16.52 -4.33
C ASP A 85 17.98 -17.30 -3.48
N ALA A 86 17.46 -18.40 -3.99
CA ALA A 86 16.49 -19.19 -3.25
C ALA A 86 16.99 -19.84 -1.92
N ARG A 87 18.30 -20.04 -1.76
CA ARG A 87 18.91 -20.39 -0.48
C ARG A 87 18.44 -19.41 0.65
N TYR A 88 18.18 -18.16 0.26
CA TYR A 88 17.89 -17.15 1.20
C TYR A 88 16.60 -17.55 1.98
N VAL A 89 15.65 -18.12 1.26
CA VAL A 89 14.36 -18.58 1.81
C VAL A 89 14.44 -19.51 3.01
N ASN A 90 15.58 -20.15 3.19
CA ASN A 90 15.82 -21.00 4.33
C ASN A 90 15.85 -20.25 5.64
N ALA A 91 16.20 -18.95 5.57
CA ALA A 91 16.17 -18.06 6.72
C ALA A 91 14.72 -17.84 7.14
N LEU A 92 13.83 -17.71 6.16
CA LEU A 92 12.41 -17.57 6.37
C LEU A 92 11.67 -18.82 6.91
N LYS A 93 12.23 -19.99 6.60
CA LYS A 93 11.74 -21.27 7.05
C LYS A 93 12.00 -21.39 8.53
N LEU A 94 13.27 -21.21 8.91
CA LEU A 94 13.69 -21.05 10.28
C LEU A 94 12.84 -19.97 11.02
N PHE A 95 12.67 -18.79 10.44
CA PHE A 95 11.85 -17.76 11.03
C PHE A 95 10.39 -18.19 11.35
N ILE A 96 9.70 -18.69 10.33
CA ILE A 96 8.31 -18.95 10.50
C ILE A 96 8.02 -20.14 11.46
N SER A 97 8.96 -21.05 11.62
CA SER A 97 8.73 -22.17 12.51
C SER A 97 9.43 -22.02 13.86
N GLY A 98 10.40 -21.11 13.93
CA GLY A 98 11.23 -20.97 15.13
C GLY A 98 10.88 -19.67 15.87
N ILE A 99 10.60 -18.56 15.15
CA ILE A 99 10.50 -17.27 15.75
C ILE A 99 9.07 -16.80 15.83
N SER A 100 8.35 -16.95 14.72
CA SER A 100 6.99 -16.52 14.61
C SER A 100 6.08 -17.13 15.70
N PRO A 101 6.29 -18.44 16.00
CA PRO A 101 5.54 -19.06 17.14
C PRO A 101 5.88 -18.38 18.45
N LEU A 102 7.10 -17.90 18.60
CA LEU A 102 7.41 -17.13 19.84
C LEU A 102 6.57 -15.83 19.96
N GLU A 103 6.20 -15.22 18.84
CA GLU A 103 5.40 -14.03 18.87
C GLU A 103 4.03 -14.39 19.42
N HIS A 104 3.50 -15.54 18.98
CA HIS A 104 2.21 -15.99 19.48
C HIS A 104 2.20 -16.40 20.95
N ALA A 105 3.22 -17.09 21.41
CA ALA A 105 3.44 -17.41 22.80
C ALA A 105 3.54 -16.13 23.69
N ALA A 106 4.32 -15.12 23.23
CA ALA A 106 4.39 -13.80 23.87
C ALA A 106 3.03 -13.09 23.96
N PHE A 107 2.24 -13.07 22.91
CA PHE A 107 0.89 -12.67 22.96
C PHE A 107 0.14 -13.33 24.15
N GLN A 108 0.25 -14.65 24.26
CA GLN A 108 -0.37 -15.42 25.35
C GLN A 108 0.15 -15.09 26.74
N GLY A 109 1.47 -14.99 26.86
CA GLY A 109 2.19 -14.63 28.04
C GLY A 109 1.86 -13.25 28.59
N TYR A 110 1.94 -12.21 27.75
CA TYR A 110 1.61 -10.85 28.14
C TYR A 110 0.15 -10.66 28.43
N SER A 111 -0.76 -11.39 27.75
CA SER A 111 -2.18 -11.30 28.08
C SER A 111 -2.36 -11.74 29.57
N LYS A 112 -1.67 -12.79 29.96
CA LYS A 112 -1.82 -13.31 31.29
C LYS A 112 -1.26 -12.31 32.37
N VAL A 113 -0.08 -11.82 32.14
CA VAL A 113 0.62 -10.91 33.01
C VAL A 113 -0.14 -9.56 33.01
N GLY A 114 -0.82 -9.24 31.92
CA GLY A 114 -1.68 -8.05 31.93
C GLY A 114 -3.02 -8.21 32.64
N ARG A 115 -3.22 -9.39 33.23
CA ARG A 115 -4.27 -9.69 34.24
C ARG A 115 -3.66 -9.76 35.65
N GLN A 116 -2.46 -10.24 35.78
CA GLN A 116 -1.95 -10.64 37.10
C GLN A 116 -1.15 -9.62 37.87
N PHE A 117 -0.67 -8.57 37.21
CA PHE A 117 -0.08 -7.47 37.95
C PHE A 117 -1.11 -6.64 38.66
N SER A 118 -0.82 -6.32 39.93
CA SER A 118 -1.75 -5.45 40.70
C SER A 118 -1.64 -3.99 40.30
N GLY A 119 -0.48 -3.51 39.81
CA GLY A 119 -0.41 -2.12 39.29
C GLY A 119 -1.23 -2.09 38.00
N ALA A 120 -2.25 -1.24 37.92
CA ALA A 120 -3.05 -1.06 36.71
C ALA A 120 -2.24 -0.50 35.53
N GLY A 121 -1.19 0.31 35.79
CA GLY A 121 -0.31 0.82 34.75
C GLY A 121 0.50 -0.34 34.15
N ALA A 122 1.02 -1.21 35.02
CA ALA A 122 1.71 -2.39 34.56
C ALA A 122 0.77 -3.24 33.68
N ARG A 123 -0.50 -3.37 34.07
CA ARG A 123 -1.47 -4.03 33.20
C ARG A 123 -1.69 -3.48 31.79
N VAL A 124 -2.02 -2.17 31.65
CA VAL A 124 -2.21 -1.54 30.37
C VAL A 124 -0.93 -1.73 29.50
N ALA A 125 0.25 -1.55 30.10
CA ALA A 125 1.49 -1.75 29.38
C ALA A 125 1.66 -3.18 28.86
N CYS A 126 1.44 -4.19 29.73
CA CYS A 126 1.49 -5.60 29.35
C CYS A 126 0.47 -5.97 28.27
N GLN A 127 -0.72 -5.39 28.34
CA GLN A 127 -1.76 -5.75 27.48
C GLN A 127 -1.55 -5.12 26.11
N MET A 128 -1.06 -3.88 26.07
CA MET A 128 -0.65 -3.27 24.81
C MET A 128 0.45 -4.10 24.13
N GLN A 129 1.41 -4.55 24.90
CA GLN A 129 2.42 -5.49 24.42
C GLN A 129 1.82 -6.76 23.82
N ALA A 130 0.82 -7.32 24.52
CA ALA A 130 0.21 -8.58 24.12
C ALA A 130 -0.46 -8.50 22.75
N ILE A 131 -1.27 -7.48 22.54
CA ILE A 131 -1.97 -7.29 21.29
C ILE A 131 -0.96 -6.94 20.14
N ASP A 132 0.14 -6.32 20.50
CA ASP A 132 1.21 -6.02 19.56
C ASP A 132 1.84 -7.31 19.06
N GLU A 133 2.14 -8.21 20.01
CA GLU A 133 2.66 -9.56 19.75
C GLU A 133 1.76 -10.34 18.86
N LEU A 134 0.46 -10.10 18.99
CA LEU A 134 -0.49 -10.80 18.16
C LEU A 134 -0.49 -10.23 16.73
N ARG A 135 -0.45 -8.90 16.61
CA ARG A 135 -0.12 -8.25 15.36
C ARG A 135 1.12 -8.87 14.69
N HIS A 136 2.25 -8.99 15.41
CA HIS A 136 3.44 -9.60 14.83
C HIS A 136 3.21 -11.02 14.35
N SER A 137 2.55 -11.81 15.17
CA SER A 137 2.23 -13.19 14.90
C SER A 137 1.41 -13.26 13.62
N GLN A 138 0.38 -12.45 13.56
CA GLN A 138 -0.49 -12.56 12.40
C GLN A 138 0.07 -11.92 11.13
N THR A 139 0.75 -10.76 11.25
CA THR A 139 1.40 -10.13 10.08
C THR A 139 2.53 -10.99 9.53
N GLN A 140 3.25 -11.72 10.34
CA GLN A 140 4.23 -12.68 9.83
C GLN A 140 3.62 -13.83 9.01
N GLN A 141 2.45 -14.33 9.40
CA GLN A 141 1.73 -15.34 8.63
C GLN A 141 1.36 -14.80 7.32
N HIS A 142 0.88 -13.57 7.29
CA HIS A 142 0.60 -12.92 6.02
C HIS A 142 1.86 -12.61 5.21
N ALA A 143 2.93 -12.21 5.88
CA ALA A 143 4.16 -11.85 5.15
C ALA A 143 4.73 -13.11 4.43
N MET A 144 4.63 -14.25 5.13
CA MET A 144 5.28 -15.49 4.73
C MET A 144 4.43 -16.25 3.75
N SER A 145 3.15 -15.91 3.66
CA SER A 145 2.13 -16.70 2.94
C SER A 145 2.53 -16.87 1.44
N HIS A 146 2.90 -15.79 0.79
CA HIS A 146 3.20 -15.87 -0.59
C HIS A 146 4.51 -16.63 -0.82
N TYR A 147 5.45 -16.59 0.13
CA TYR A 147 6.59 -17.49 0.11
C TYR A 147 6.26 -18.98 0.28
N ASN A 148 5.41 -19.28 1.27
CA ASN A 148 4.88 -20.63 1.44
C ASN A 148 4.28 -21.19 0.13
N LYS A 149 3.68 -20.38 -0.69
CA LYS A 149 3.12 -20.86 -1.93
C LYS A 149 4.19 -21.34 -2.95
N HIS A 150 5.44 -20.86 -2.82
CA HIS A 150 6.47 -21.00 -3.88
C HIS A 150 7.66 -21.79 -3.48
N PHE A 151 7.74 -22.11 -2.18
CA PHE A 151 8.89 -22.77 -1.59
C PHE A 151 8.47 -23.75 -0.53
N ASN A 152 9.43 -24.60 -0.15
CA ASN A 152 9.18 -25.72 0.74
C ASN A 152 9.58 -25.35 2.15
N GLY A 153 9.21 -26.14 3.15
CA GLY A 153 9.66 -25.90 4.54
C GLY A 153 8.81 -24.92 5.38
N LEU A 154 7.85 -24.25 4.73
CA LEU A 154 7.03 -23.17 5.42
C LEU A 154 5.61 -23.56 5.73
N HIS A 155 5.23 -24.79 5.43
CA HIS A 155 3.85 -25.19 5.30
C HIS A 155 3.25 -25.71 6.60
N ASP A 156 4.02 -25.92 7.65
CA ASP A 156 3.41 -26.45 8.90
C ASP A 156 4.18 -25.98 10.12
N GLY A 157 4.40 -24.67 10.27
CA GLY A 157 5.41 -24.19 11.26
C GLY A 157 4.92 -24.44 12.68
N PRO A 158 3.66 -24.09 12.99
CA PRO A 158 3.25 -24.30 14.41
C PRO A 158 3.24 -25.80 14.77
N HIS A 159 2.85 -26.64 13.81
CA HIS A 159 2.93 -28.10 13.96
C HIS A 159 4.31 -28.57 14.26
N MET A 160 5.25 -28.11 13.46
CA MET A 160 6.67 -28.46 13.67
C MET A 160 7.28 -27.85 14.89
N HIS A 161 6.88 -26.60 15.20
CA HIS A 161 7.42 -25.93 16.40
C HIS A 161 7.22 -26.87 17.64
N ASP A 162 6.06 -27.55 17.73
CA ASP A 162 5.82 -28.44 18.87
C ASP A 162 6.61 -29.77 18.89
N ARG A 163 7.27 -30.17 17.76
CA ARG A 163 7.67 -31.59 17.52
C ARG A 163 9.11 -31.71 17.10
N VAL A 164 9.52 -30.92 16.07
CA VAL A 164 10.85 -31.01 15.45
C VAL A 164 11.98 -30.78 16.44
N TRP A 165 12.99 -31.63 16.40
CA TRP A 165 14.05 -31.53 17.37
C TRP A 165 14.58 -30.10 17.59
N TYR A 166 15.05 -29.39 16.54
CA TYR A 166 15.83 -28.15 16.78
C TYR A 166 14.88 -27.02 17.28
N LEU A 167 13.58 -27.11 16.92
CA LEU A 167 12.57 -26.17 17.33
C LEU A 167 12.18 -26.23 18.82
N SER A 168 12.67 -27.23 19.55
CA SER A 168 12.44 -27.32 20.96
C SER A 168 13.35 -26.32 21.65
N VAL A 169 14.35 -25.81 20.91
CA VAL A 169 15.24 -24.77 21.41
C VAL A 169 14.46 -23.45 21.68
N PRO A 170 13.88 -22.87 20.64
CA PRO A 170 13.02 -21.74 20.90
C PRO A 170 11.78 -22.08 21.78
N LYS A 171 11.15 -23.24 21.59
CA LYS A 171 9.82 -23.58 22.22
C LYS A 171 9.97 -23.67 23.75
N SER A 172 10.97 -24.45 24.21
CA SER A 172 11.34 -24.55 25.62
C SER A 172 11.77 -23.23 26.24
N PHE A 173 12.43 -22.36 25.44
CA PHE A 173 12.87 -21.07 25.93
C PHE A 173 11.63 -20.31 26.41
N PHE A 174 10.57 -20.30 25.61
CA PHE A 174 9.37 -19.61 25.96
C PHE A 174 8.46 -20.35 26.97
N ASP A 175 8.41 -21.68 26.93
CA ASP A 175 7.71 -22.46 27.94
C ASP A 175 8.42 -22.22 29.31
N ASP A 176 9.72 -22.08 29.35
CA ASP A 176 10.43 -21.77 30.59
C ASP A 176 9.96 -20.41 31.17
N ALA A 177 9.89 -19.40 30.29
CA ALA A 177 9.40 -18.06 30.62
C ALA A 177 7.94 -18.08 31.05
N ARG A 178 7.08 -18.77 30.33
CA ARG A 178 5.67 -18.67 30.60
C ARG A 178 5.20 -19.49 31.82
N SER A 179 5.98 -20.50 32.21
CA SER A 179 5.67 -21.40 33.34
C SER A 179 6.17 -20.74 34.61
N ALA A 180 7.11 -19.77 34.46
CA ALA A 180 7.64 -19.01 35.56
C ALA A 180 6.61 -18.01 36.04
N GLY A 181 6.90 -17.30 37.14
CA GLY A 181 5.93 -16.34 37.70
C GLY A 181 6.08 -15.00 36.96
N PRO A 182 5.16 -14.04 37.22
CA PRO A 182 5.04 -12.83 36.36
C PRO A 182 6.23 -11.90 36.34
N PHE A 183 7.01 -11.83 37.42
CA PHE A 183 8.12 -10.93 37.47
C PHE A 183 9.33 -11.55 36.70
N GLU A 184 9.48 -12.86 36.79
CA GLU A 184 10.50 -13.50 36.03
C GLU A 184 10.06 -13.46 34.54
N PHE A 185 8.78 -13.71 34.25
CA PHE A 185 8.36 -13.61 32.86
C PHE A 185 8.82 -12.23 32.25
N LEU A 186 8.47 -11.12 32.94
CA LEU A 186 8.90 -9.78 32.56
C LEU A 186 10.40 -9.67 32.49
N THR A 187 11.12 -10.23 33.46
CA THR A 187 12.60 -10.04 33.42
C THR A 187 13.23 -10.82 32.25
N ALA A 188 12.66 -12.00 32.00
CA ALA A 188 13.13 -12.94 31.02
C ALA A 188 12.83 -12.35 29.61
N ILE A 189 11.60 -11.87 29.44
CA ILE A 189 11.16 -11.48 28.11
C ILE A 189 11.24 -10.01 27.79
N SER A 190 10.57 -9.18 28.56
CA SER A 190 10.68 -7.69 28.43
C SER A 190 12.09 -7.12 28.51
N PHE A 191 12.81 -7.54 29.54
CA PHE A 191 14.15 -7.04 29.76
C PHE A 191 15.16 -7.82 28.92
N SER A 192 15.33 -9.09 29.25
CA SER A 192 16.38 -9.89 28.56
C SER A 192 16.23 -10.09 27.05
N PHE A 193 15.07 -10.49 26.61
CA PHE A 193 14.81 -10.81 25.21
C PHE A 193 14.53 -9.51 24.45
N GLU A 194 13.64 -8.66 24.94
CA GLU A 194 13.21 -7.48 24.19
C GLU A 194 14.00 -6.20 24.36
N TYR A 195 14.90 -6.14 25.32
CA TYR A 195 15.71 -4.95 25.46
C TYR A 195 17.14 -5.33 25.19
N VAL A 196 17.65 -6.21 26.01
CA VAL A 196 19.03 -6.55 25.90
C VAL A 196 19.41 -7.24 24.56
N LEU A 197 18.64 -8.26 24.18
CA LEU A 197 19.03 -9.10 23.05
C LEU A 197 18.27 -8.80 21.78
N THR A 198 17.33 -7.88 21.84
CA THR A 198 16.40 -7.66 20.75
C THR A 198 17.07 -7.42 19.35
N ASN A 199 18.19 -6.67 19.31
CA ASN A 199 18.77 -6.27 18.04
C ASN A 199 19.44 -7.46 17.43
N LEU A 200 19.88 -8.39 18.27
CA LEU A 200 20.55 -9.66 17.82
C LEU A 200 19.61 -10.63 17.15
N LEU A 201 18.33 -10.46 17.36
CA LEU A 201 17.29 -11.16 16.60
C LEU A 201 16.69 -10.28 15.44
N PHE A 202 16.26 -9.08 15.78
CA PHE A 202 15.56 -8.27 14.82
C PHE A 202 16.50 -7.95 13.66
N VAL A 203 17.61 -7.26 13.93
CA VAL A 203 18.44 -6.72 12.84
C VAL A 203 18.96 -7.82 11.86
N PRO A 204 19.46 -8.96 12.34
CA PRO A 204 19.83 -9.88 11.29
C PRO A 204 18.73 -10.34 10.33
N PHE A 205 17.50 -10.56 10.81
CA PHE A 205 16.47 -10.95 9.88
C PHE A 205 16.01 -9.83 8.97
N MET A 206 15.76 -8.65 9.58
CA MET A 206 15.12 -7.55 8.85
C MET A 206 16.12 -6.91 7.84
N SER A 207 17.33 -6.75 8.31
CA SER A 207 18.33 -6.15 7.42
C SER A 207 18.87 -7.24 6.48
N GLY A 208 18.89 -8.50 6.94
CA GLY A 208 19.13 -9.64 6.07
C GLY A 208 18.14 -9.63 4.89
N ALA A 209 16.86 -9.30 5.13
CA ALA A 209 15.88 -9.13 4.06
C ALA A 209 16.12 -7.96 3.09
N ALA A 210 16.51 -6.80 3.62
CA ALA A 210 16.83 -5.60 2.83
C ALA A 210 18.04 -5.86 1.87
N TYR A 211 19.02 -6.58 2.36
CA TYR A 211 20.21 -6.90 1.59
C TYR A 211 20.01 -7.99 0.59
N ASN A 212 18.85 -8.70 0.70
CA ASN A 212 18.60 -9.84 -0.13
C ASN A 212 17.36 -9.76 -0.97
N GLY A 213 16.78 -8.58 -1.16
CA GLY A 213 15.64 -8.45 -2.06
C GLY A 213 14.27 -8.89 -1.58
N ASP A 214 14.15 -9.13 -0.27
CA ASP A 214 12.86 -9.52 0.30
C ASP A 214 12.09 -8.32 0.86
N MET A 215 11.27 -7.73 -0.01
CA MET A 215 10.46 -6.61 0.32
C MET A 215 9.35 -6.89 1.41
N ALA A 216 8.75 -8.09 1.37
CA ALA A 216 7.68 -8.44 2.30
C ALA A 216 8.24 -8.40 3.75
N THR A 217 9.30 -9.14 4.06
CA THR A 217 9.89 -9.17 5.36
C THR A 217 10.46 -7.83 5.83
N VAL A 218 11.13 -7.10 4.96
CA VAL A 218 11.68 -5.82 5.30
C VAL A 218 10.58 -4.85 5.61
N THR A 219 9.50 -4.94 4.85
CA THR A 219 8.35 -4.13 5.12
C THR A 219 7.73 -4.43 6.52
N PHE A 220 7.62 -5.71 6.90
CA PHE A 220 7.07 -6.03 8.22
C PHE A 220 8.02 -5.43 9.30
N GLY A 221 9.33 -5.49 9.02
CA GLY A 221 10.38 -5.02 9.95
C GLY A 221 10.30 -3.53 10.19
N PHE A 222 10.19 -2.73 9.14
CA PHE A 222 9.95 -1.34 9.36
C PHE A 222 8.65 -1.05 10.10
N SER A 223 7.57 -1.70 9.70
CA SER A 223 6.29 -1.39 10.27
C SER A 223 6.19 -1.74 11.82
N ALA A 224 7.07 -2.62 12.30
CA ALA A 224 7.12 -3.11 13.69
C ALA A 224 8.07 -2.28 14.59
N GLN A 225 8.92 -1.42 14.01
CA GLN A 225 9.95 -0.74 14.77
C GLN A 225 9.30 0.14 15.82
N SER A 226 8.15 0.75 15.53
CA SER A 226 7.60 1.65 16.55
C SER A 226 6.97 0.85 17.67
N ASP A 227 6.61 -0.42 17.41
CA ASP A 227 6.10 -1.33 18.47
C ASP A 227 7.26 -1.76 19.35
N GLU A 228 8.35 -2.18 18.72
CA GLU A 228 9.47 -2.59 19.50
C GLU A 228 10.05 -1.42 20.35
N ALA A 229 10.03 -0.17 19.89
CA ALA A 229 10.46 0.97 20.70
C ALA A 229 9.64 1.04 21.99
N ARG A 230 8.33 0.81 21.95
CA ARG A 230 7.52 0.67 23.19
C ARG A 230 7.91 -0.53 24.08
N HIS A 231 8.16 -1.67 23.47
CA HIS A 231 8.50 -2.86 24.21
C HIS A 231 9.83 -2.77 24.88
N MET A 232 10.79 -2.11 24.26
CA MET A 232 12.11 -1.87 24.87
C MET A 232 11.96 -0.94 26.07
N THR A 233 11.25 0.18 25.93
CA THR A 233 10.93 1.04 27.07
C THR A 233 10.21 0.32 28.26
N LEU A 234 9.21 -0.50 27.97
CA LEU A 234 8.67 -1.42 28.93
C LEU A 234 9.77 -2.25 29.59
N GLY A 235 10.64 -2.90 28.83
CA GLY A 235 11.64 -3.74 29.45
C GLY A 235 12.58 -2.98 30.43
N LEU A 236 13.06 -1.80 30.02
CA LEU A 236 14.04 -1.09 30.84
C LEU A 236 13.35 -0.44 32.08
N GLU A 237 12.21 0.23 31.88
CA GLU A 237 11.47 0.80 33.01
C GLU A 237 11.09 -0.28 34.04
N VAL A 238 10.50 -1.35 33.57
CA VAL A 238 10.08 -2.36 34.48
C VAL A 238 11.20 -2.94 35.37
N ILE A 239 12.39 -3.25 34.85
CA ILE A 239 13.37 -3.78 35.80
C ILE A 239 13.95 -2.72 36.72
N LYS A 240 14.12 -1.48 36.26
CA LYS A 240 14.48 -0.39 37.19
C LYS A 240 13.42 -0.29 38.31
N PHE A 241 12.12 -0.30 37.96
CA PHE A 241 11.04 -0.32 38.94
C PHE A 241 11.23 -1.51 39.94
N ILE A 242 11.33 -2.74 39.42
CA ILE A 242 11.53 -3.85 40.34
C ILE A 242 12.75 -3.67 41.24
N LEU A 243 13.88 -3.28 40.66
CA LEU A 243 15.13 -3.04 41.39
C LEU A 243 14.96 -1.99 42.50
N GLU A 244 14.14 -0.99 42.25
CA GLU A 244 14.01 0.11 43.18
C GLU A 244 13.07 -0.23 44.29
N GLN A 245 12.12 -1.10 44.06
CA GLN A 245 11.05 -1.32 45.03
C GLN A 245 11.48 -2.03 46.36
N HIS A 246 12.66 -2.64 46.37
CA HIS A 246 13.17 -3.36 47.53
C HIS A 246 14.59 -3.87 47.36
N GLU A 247 15.43 -3.63 48.37
CA GLU A 247 16.81 -4.16 48.44
C GLU A 247 16.83 -5.62 48.05
N ASP A 248 15.83 -6.37 48.48
CA ASP A 248 15.93 -7.83 48.36
C ASP A 248 15.58 -8.32 46.95
N ASN A 249 15.00 -7.43 46.15
CA ASN A 249 14.65 -7.73 44.76
C ASN A 249 15.95 -7.86 44.00
N VAL A 250 16.97 -7.12 44.41
CA VAL A 250 18.22 -7.09 43.65
C VAL A 250 18.82 -8.49 43.39
N PRO A 251 19.05 -9.33 44.43
CA PRO A 251 19.70 -10.63 44.16
C PRO A 251 18.88 -11.60 43.28
N ILE A 252 17.55 -11.47 43.41
CA ILE A 252 16.57 -12.22 42.66
C ILE A 252 16.62 -11.75 41.18
N VAL A 253 16.58 -10.43 40.95
CA VAL A 253 16.75 -9.87 39.61
C VAL A 253 18.10 -10.22 39.01
N GLN A 254 19.17 -10.19 39.83
CA GLN A 254 20.51 -10.54 39.27
C GLN A 254 20.54 -11.93 38.74
N ARG A 255 19.99 -12.85 39.52
CA ARG A 255 20.00 -14.26 39.28
C ARG A 255 19.19 -14.51 37.99
N TRP A 256 18.12 -13.76 37.82
CA TRP A 256 17.28 -13.81 36.65
C TRP A 256 17.98 -13.26 35.38
N ILE A 257 18.69 -12.16 35.52
CA ILE A 257 19.49 -11.60 34.46
C ILE A 257 20.55 -12.60 33.99
N ASP A 258 21.26 -13.23 34.92
CA ASP A 258 22.24 -14.29 34.54
C ASP A 258 21.57 -15.39 33.78
N LYS A 259 20.37 -15.81 34.23
CA LYS A 259 19.73 -16.98 33.66
C LYS A 259 19.29 -16.74 32.16
N TRP A 260 18.65 -15.61 31.94
CA TRP A 260 17.99 -15.33 30.69
C TRP A 260 18.98 -14.77 29.71
N PHE A 261 20.07 -14.16 30.21
CA PHE A 261 21.12 -13.77 29.30
C PHE A 261 21.66 -15.02 28.68
N TRP A 262 22.01 -15.98 29.53
CA TRP A 262 22.49 -17.25 29.01
C TRP A 262 21.46 -17.98 28.14
N ARG A 263 20.23 -18.18 28.60
CA ARG A 263 19.24 -18.82 27.75
C ARG A 263 18.99 -18.05 26.40
N GLY A 264 18.91 -16.73 26.44
CA GLY A 264 18.71 -15.95 25.21
C GLY A 264 19.91 -16.07 24.26
N PHE A 265 21.10 -16.04 24.83
CA PHE A 265 22.31 -16.23 24.12
C PHE A 265 22.29 -17.58 23.36
N ARG A 266 21.88 -18.67 24.01
CA ARG A 266 21.80 -19.98 23.38
C ARG A 266 20.71 -20.03 22.32
N LEU A 267 19.56 -19.41 22.56
CA LEU A 267 18.57 -19.27 21.55
C LEU A 267 19.15 -18.54 20.30
N LEU A 268 19.76 -17.38 20.52
CA LEU A 268 20.43 -16.61 19.49
C LEU A 268 21.51 -17.35 18.65
N SER A 269 22.00 -18.48 19.12
CA SER A 269 22.85 -19.31 18.25
C SER A 269 22.28 -19.73 16.85
N LEU A 270 20.98 -19.94 16.76
CA LEU A 270 20.22 -20.12 15.50
C LEU A 270 20.26 -18.90 14.57
N VAL A 271 20.16 -17.70 15.16
CA VAL A 271 20.26 -16.48 14.42
C VAL A 271 21.71 -16.25 13.89
N SER A 272 22.77 -16.59 14.65
CA SER A 272 24.16 -16.37 14.17
C SER A 272 24.42 -17.13 12.88
N MET A 273 24.17 -18.42 12.95
CA MET A 273 24.15 -19.35 11.86
C MET A 273 23.38 -18.83 10.67
N MET A 274 22.17 -18.33 10.90
CA MET A 274 21.35 -17.85 9.83
C MET A 274 22.01 -16.67 9.13
N MET A 275 22.55 -15.71 9.91
CA MET A 275 23.08 -14.48 9.30
C MET A 275 24.41 -14.65 8.57
N ASP A 276 25.26 -15.52 9.08
CA ASP A 276 26.59 -15.70 8.53
C ASP A 276 26.53 -16.66 7.35
N TYR A 277 25.67 -17.69 7.45
CA TYR A 277 25.49 -18.66 6.35
C TYR A 277 24.30 -18.64 5.48
N MET A 278 23.14 -18.25 5.95
CA MET A 278 21.95 -18.48 5.11
C MET A 278 21.57 -17.27 4.19
N LEU A 279 22.07 -16.07 4.49
CA LEU A 279 21.83 -14.90 3.62
C LEU A 279 22.93 -14.95 2.54
N PRO A 280 22.55 -15.13 1.27
CA PRO A 280 23.57 -14.99 0.22
C PRO A 280 24.32 -13.66 0.29
N ASN A 281 23.68 -12.48 0.29
CA ASN A 281 24.36 -11.21 0.58
C ASN A 281 24.37 -10.88 2.10
N LYS A 282 25.55 -10.78 2.61
CA LYS A 282 25.81 -10.57 4.02
C LYS A 282 25.57 -9.09 4.51
N VAL A 283 25.07 -8.98 5.74
CA VAL A 283 24.85 -7.70 6.38
C VAL A 283 26.07 -7.38 7.22
N MET A 284 26.47 -8.29 8.09
CA MET A 284 27.60 -8.09 8.98
C MET A 284 27.80 -9.43 9.58
N SER A 285 28.98 -9.72 10.13
CA SER A 285 29.16 -11.01 10.69
C SER A 285 28.45 -11.12 12.06
N TRP A 286 28.25 -12.37 12.51
CA TRP A 286 27.65 -12.59 13.82
C TRP A 286 28.54 -11.94 14.87
N SER A 287 29.84 -12.00 14.64
CA SER A 287 30.84 -11.37 15.50
C SER A 287 30.69 -9.81 15.57
N GLU A 288 30.62 -9.13 14.43
CA GLU A 288 30.36 -7.69 14.48
C GLU A 288 29.02 -7.36 15.18
N ALA A 289 27.98 -8.17 14.92
CA ALA A 289 26.69 -7.97 15.50
C ALA A 289 26.75 -8.13 17.05
N TRP A 290 27.30 -9.23 17.52
CA TRP A 290 27.45 -9.40 18.96
C TRP A 290 28.21 -8.20 19.62
N GLU A 291 29.33 -7.83 19.04
CA GLU A 291 30.12 -6.82 19.55
C GLU A 291 29.43 -5.47 19.70
N VAL A 292 28.70 -5.03 18.67
CA VAL A 292 27.94 -3.77 18.71
C VAL A 292 26.66 -3.89 19.57
N TYR A 293 25.85 -4.94 19.38
CA TYR A 293 24.55 -4.90 19.99
C TYR A 293 24.59 -5.36 21.43
N TYR A 294 25.58 -6.21 21.71
CA TYR A 294 25.75 -6.72 23.02
C TYR A 294 26.95 -6.09 23.75
N GLU A 295 28.17 -6.28 23.27
CA GLU A 295 29.30 -5.84 24.10
C GLU A 295 29.34 -4.33 24.33
N GLN A 296 29.02 -3.54 23.30
CA GLN A 296 28.98 -2.09 23.42
C GLN A 296 27.69 -1.60 23.97
N ASN A 297 26.57 -1.85 23.28
CA ASN A 297 25.27 -1.44 23.80
C ASN A 297 24.92 -2.09 25.16
N GLY A 298 25.17 -3.38 25.29
CA GLY A 298 24.92 -4.07 26.55
C GLY A 298 25.86 -3.51 27.60
N GLY A 299 27.08 -3.12 27.21
CA GLY A 299 28.07 -2.53 28.13
C GLY A 299 27.55 -1.24 28.73
N ALA A 300 27.02 -0.33 27.91
CA ALA A 300 26.46 0.91 28.38
C ALA A 300 25.22 0.70 29.25
N LEU A 301 24.37 -0.25 28.87
CA LEU A 301 23.18 -0.51 29.65
C LEU A 301 23.60 -0.99 31.03
N PHE A 302 24.58 -1.90 31.08
CA PHE A 302 24.95 -2.49 32.32
C PHE A 302 25.73 -1.49 33.21
N LYS A 303 26.41 -0.52 32.61
CA LYS A 303 26.97 0.57 33.40
C LYS A 303 25.84 1.33 34.09
N ASP A 304 24.75 1.63 33.39
CA ASP A 304 23.68 2.40 33.98
C ASP A 304 22.95 1.64 35.10
N LEU A 305 23.08 0.33 35.17
CA LEU A 305 22.41 -0.44 36.23
C LEU A 305 23.30 -0.75 37.46
N GLU A 306 24.60 -0.47 37.36
CA GLU A 306 25.51 -0.70 38.45
C GLU A 306 24.99 0.02 39.68
N ARG A 307 24.39 1.18 39.42
CA ARG A 307 23.88 2.03 40.46
C ARG A 307 22.75 1.38 41.27
N TYR A 308 22.23 0.25 40.79
CA TYR A 308 21.24 -0.49 41.55
C TYR A 308 21.84 -1.72 42.19
N GLY A 309 23.14 -1.87 42.09
CA GLY A 309 23.79 -3.08 42.59
C GLY A 309 23.76 -4.25 41.62
N ILE A 310 23.45 -3.98 40.36
CA ILE A 310 23.50 -5.00 39.33
C ILE A 310 24.86 -5.06 38.68
N ARG A 311 25.35 -6.28 38.46
CA ARG A 311 26.52 -6.52 37.64
C ARG A 311 26.19 -7.22 36.25
N PRO A 312 27.12 -7.15 35.27
CA PRO A 312 26.85 -7.73 33.94
C PRO A 312 26.63 -9.24 34.01
N PRO A 313 25.84 -9.81 33.07
CA PRO A 313 25.45 -11.25 33.29
C PRO A 313 26.62 -12.25 33.48
N LYS A 314 26.38 -13.25 34.30
CA LYS A 314 27.33 -14.34 34.46
C LYS A 314 27.67 -15.02 33.10
N TYR A 315 28.96 -15.24 32.84
CA TYR A 315 29.49 -15.98 31.64
C TYR A 315 29.43 -15.11 30.35
N GLN A 316 29.30 -13.81 30.52
CA GLN A 316 29.31 -12.96 29.35
C GLN A 316 30.61 -13.07 28.58
N ASP A 317 31.70 -13.25 29.32
CA ASP A 317 33.03 -13.41 28.75
C ASP A 317 33.09 -14.66 27.87
N VAL A 318 32.31 -15.69 28.25
CA VAL A 318 32.24 -16.93 27.49
C VAL A 318 31.50 -16.69 26.16
N ALA A 319 30.45 -15.86 26.19
CA ALA A 319 29.55 -15.64 25.07
C ALA A 319 30.28 -14.70 24.14
N ASN A 320 30.98 -13.71 24.72
CA ASN A 320 31.86 -12.82 23.96
C ASN A 320 32.88 -13.61 23.13
N ASP A 321 33.57 -14.55 23.76
CA ASP A 321 34.58 -15.31 23.06
C ASP A 321 33.99 -16.30 22.02
N ALA A 322 32.81 -16.83 22.32
CA ALA A 322 32.03 -17.71 21.42
C ALA A 322 31.56 -17.07 20.06
N LYS A 323 31.44 -15.74 19.98
CA LYS A 323 31.11 -15.08 18.75
C LYS A 323 32.04 -15.43 17.53
N HIS A 324 33.25 -15.97 17.77
CA HIS A 324 34.25 -16.29 16.68
C HIS A 324 34.09 -17.72 16.22
N HIS A 325 33.15 -18.45 16.85
CA HIS A 325 32.93 -19.89 16.63
C HIS A 325 31.47 -20.28 16.34
N LEU A 326 30.56 -19.55 16.95
CA LEU A 326 29.19 -19.93 17.06
C LEU A 326 28.52 -20.32 15.73
N SER A 327 28.53 -19.40 14.71
CA SER A 327 27.85 -19.70 13.45
C SER A 327 28.40 -20.97 12.81
N HIS A 328 29.72 -21.11 12.82
CA HIS A 328 30.41 -22.21 12.16
C HIS A 328 30.09 -23.54 12.79
N GLN A 329 30.18 -23.54 14.11
CA GLN A 329 29.72 -24.66 14.95
C GLN A 329 28.28 -25.12 14.69
N LEU A 330 27.35 -24.17 14.59
CA LEU A 330 25.98 -24.48 14.27
C LEU A 330 25.69 -24.88 12.79
N TRP A 331 26.30 -24.21 11.83
CA TRP A 331 25.98 -24.57 10.42
C TRP A 331 26.42 -26.00 10.17
N THR A 332 27.52 -26.36 10.73
CA THR A 332 28.01 -27.67 10.46
C THR A 332 27.26 -28.79 11.24
N THR A 333 26.67 -28.42 12.40
CA THR A 333 25.73 -29.28 13.14
C THR A 333 24.48 -29.50 12.31
N PHE A 334 23.90 -28.42 11.80
CA PHE A 334 22.72 -28.54 10.95
C PHE A 334 22.95 -29.20 9.59
N TYR A 335 24.14 -28.98 9.04
CA TYR A 335 24.58 -29.58 7.79
C TYR A 335 24.40 -31.09 7.88
N GLN A 336 24.99 -31.69 8.92
CA GLN A 336 25.03 -33.13 9.06
C GLN A 336 23.72 -33.70 9.54
N TYR A 337 22.77 -32.84 9.89
CA TYR A 337 21.50 -33.32 10.42
C TYR A 337 20.31 -32.85 9.62
N CYS A 338 20.55 -32.26 8.45
CA CYS A 338 19.41 -31.75 7.69
C CYS A 338 18.59 -32.77 6.92
N GLN A 339 18.85 -34.05 7.11
CA GLN A 339 17.88 -35.06 6.72
C GLN A 339 16.65 -34.90 7.61
N ALA A 340 16.82 -34.20 8.75
CA ALA A 340 15.76 -34.05 9.77
C ALA A 340 15.34 -32.62 10.01
N THR A 341 15.39 -31.78 8.99
CA THR A 341 15.05 -30.36 9.21
C THR A 341 14.16 -29.88 8.09
N ASN A 342 13.42 -28.79 8.36
CA ASN A 342 12.50 -28.29 7.36
C ASN A 342 13.17 -27.24 6.51
N PHE A 343 14.51 -27.22 6.49
CA PHE A 343 15.21 -26.27 5.64
C PHE A 343 16.50 -26.94 5.12
N HIS A 344 17.04 -26.40 4.04
CA HIS A 344 18.23 -26.96 3.43
C HIS A 344 19.48 -26.34 4.07
N THR A 345 20.58 -27.09 4.01
CA THR A 345 21.97 -26.59 4.16
C THR A 345 22.74 -26.96 2.90
N TRP A 346 23.95 -26.41 2.82
CA TRP A 346 24.82 -26.45 1.65
C TRP A 346 26.25 -26.13 2.07
N ILE A 347 27.16 -26.27 1.11
CA ILE A 347 28.55 -25.80 1.36
C ILE A 347 28.68 -24.38 0.88
N PRO A 348 29.13 -23.44 1.73
CA PRO A 348 29.14 -22.04 1.26
C PRO A 348 30.04 -21.83 0.01
N GLU A 349 29.75 -20.82 -0.81
CA GLU A 349 30.55 -20.50 -2.02
C GLU A 349 31.93 -19.96 -1.64
N LYS A 350 32.84 -19.87 -2.60
CA LYS A 350 34.20 -19.55 -2.23
C LYS A 350 34.35 -18.13 -1.79
N GLU A 351 33.65 -17.22 -2.44
CA GLU A 351 33.62 -15.84 -1.97
C GLU A 351 32.98 -15.71 -0.58
N GLU A 352 31.95 -16.53 -0.27
CA GLU A 352 31.45 -16.61 1.13
C GLU A 352 32.50 -17.02 2.14
N MET A 353 33.30 -18.02 1.81
CA MET A 353 34.36 -18.48 2.70
C MET A 353 35.39 -17.41 2.86
N ASP A 354 35.69 -16.70 1.77
CA ASP A 354 36.68 -15.64 1.81
C ASP A 354 36.24 -14.57 2.80
N TRP A 355 35.02 -14.07 2.63
CA TRP A 355 34.37 -13.16 3.58
C TRP A 355 34.45 -13.70 5.03
N MET A 356 34.19 -14.98 5.21
CA MET A 356 34.30 -15.60 6.51
C MET A 356 35.75 -15.45 7.03
N SER A 357 36.74 -15.80 6.21
CA SER A 357 38.15 -15.61 6.55
C SER A 357 38.46 -14.19 7.07
N GLU A 358 37.92 -13.20 6.39
CA GLU A 358 38.11 -11.84 6.75
C GLU A 358 37.39 -11.48 8.06
N LYS A 359 36.16 -11.99 8.23
CA LYS A 359 35.40 -11.63 9.44
C LYS A 359 35.79 -12.44 10.67
N TYR A 360 36.44 -13.58 10.42
CA TYR A 360 36.90 -14.50 11.44
C TYR A 360 38.37 -14.83 11.26
N PRO A 361 39.26 -13.82 11.37
CA PRO A 361 40.68 -14.00 10.96
C PRO A 361 41.45 -14.94 11.88
N ASP A 362 40.96 -15.18 13.09
CA ASP A 362 41.71 -15.99 14.03
C ASP A 362 41.15 -17.39 14.26
N THR A 363 40.08 -17.74 13.53
CA THR A 363 39.32 -19.00 13.75
C THR A 363 38.82 -19.73 12.47
N PHE A 364 38.34 -18.98 11.48
CA PHE A 364 37.72 -19.64 10.32
C PHE A 364 38.69 -20.60 9.63
N ASP A 365 39.81 -20.04 9.13
CA ASP A 365 40.82 -20.80 8.42
C ASP A 365 41.46 -21.81 9.35
N LYS A 366 41.61 -21.51 10.62
CA LYS A 366 42.21 -22.53 11.49
C LYS A 366 41.31 -23.71 11.79
N TYR A 367 40.01 -23.47 11.98
CA TYR A 367 39.11 -24.58 12.41
C TYR A 367 37.94 -24.95 11.50
N TYR A 368 37.47 -24.01 10.67
CA TYR A 368 36.21 -24.26 9.98
C TYR A 368 36.31 -24.47 8.48
N ARG A 369 37.23 -23.72 7.86
CA ARG A 369 37.57 -23.90 6.40
C ARG A 369 37.95 -25.35 6.11
N PRO A 370 38.85 -25.96 6.92
CA PRO A 370 39.08 -27.36 6.57
C PRO A 370 37.83 -28.26 6.57
N ARG A 371 36.77 -27.84 7.28
CA ARG A 371 35.57 -28.69 7.39
C ARG A 371 34.90 -28.69 6.05
N TYR A 372 34.84 -27.53 5.42
CA TYR A 372 34.12 -27.45 4.17
C TYR A 372 34.95 -27.99 2.98
N GLU A 373 36.28 -27.92 3.06
CA GLU A 373 37.21 -28.58 2.12
C GLU A 373 36.92 -30.05 2.08
N TYR A 374 36.88 -30.69 3.24
CA TYR A 374 36.63 -32.13 3.35
C TYR A 374 35.23 -32.53 2.93
N LEU A 375 34.25 -31.78 3.43
CA LEU A 375 32.85 -32.04 3.12
C LEU A 375 32.56 -31.81 1.62
N ALA A 376 33.20 -30.80 1.01
CA ALA A 376 33.14 -30.61 -0.42
C ALA A 376 33.69 -31.81 -1.20
N LYS A 377 34.79 -32.43 -0.73
CA LYS A 377 35.40 -33.63 -1.38
C LYS A 377 34.49 -34.80 -1.28
N GLU A 378 34.02 -35.07 -0.07
CA GLU A 378 33.09 -36.13 0.16
C GLU A 378 31.87 -36.05 -0.69
N ALA A 379 31.46 -34.85 -1.03
CA ALA A 379 30.21 -34.66 -1.74
C ALA A 379 30.46 -34.82 -3.26
N ALA A 380 31.54 -34.21 -3.75
CA ALA A 380 32.02 -34.42 -5.15
C ALA A 380 32.11 -35.94 -5.43
N ALA A 381 32.62 -36.70 -4.43
CA ALA A 381 32.77 -38.17 -4.41
C ALA A 381 31.50 -39.01 -4.29
N GLY A 382 30.33 -38.35 -4.38
CA GLY A 382 29.02 -38.97 -4.08
C GLY A 382 28.75 -39.39 -2.63
N ARG A 383 29.44 -38.81 -1.67
CA ARG A 383 29.26 -39.22 -0.28
C ARG A 383 28.90 -38.05 0.67
N ARG A 384 28.00 -37.15 0.23
CA ARG A 384 27.61 -35.97 1.02
C ARG A 384 27.24 -36.41 2.43
N PHE A 385 27.94 -35.86 3.42
CA PHE A 385 27.85 -36.37 4.80
C PHE A 385 26.53 -36.00 5.45
N TYR A 386 25.82 -37.03 5.95
CA TYR A 386 24.66 -36.94 6.87
C TYR A 386 25.07 -37.81 8.04
N ASN A 387 24.81 -37.36 9.26
CA ASN A 387 25.17 -38.10 10.49
C ASN A 387 23.92 -38.77 10.90
N ASN A 388 23.94 -40.09 11.03
CA ASN A 388 22.69 -40.88 11.14
C ASN A 388 22.39 -41.30 12.55
N THR A 389 23.31 -40.90 13.44
CA THR A 389 23.19 -41.04 14.86
C THR A 389 22.83 -39.72 15.56
N LEU A 390 21.73 -39.76 16.28
CA LEU A 390 21.23 -38.63 17.05
C LEU A 390 22.23 -38.06 18.08
N PRO A 391 22.23 -36.74 18.27
CA PRO A 391 23.23 -36.15 19.21
C PRO A 391 22.74 -36.11 20.67
N GLN A 392 23.68 -36.07 21.61
CA GLN A 392 23.35 -35.66 22.97
C GLN A 392 22.81 -34.19 22.98
N LEU A 393 21.68 -33.98 23.66
CA LEU A 393 21.08 -32.60 23.85
C LEU A 393 21.41 -32.01 25.24
N CYS A 394 21.57 -30.70 25.31
CA CYS A 394 21.64 -30.02 26.61
C CYS A 394 20.29 -30.08 27.37
N GLN A 395 20.32 -30.46 28.67
CA GLN A 395 19.09 -30.60 29.45
C GLN A 395 18.34 -29.25 29.65
N VAL A 396 19.08 -28.14 29.66
CA VAL A 396 18.51 -26.79 29.71
C VAL A 396 18.17 -26.17 28.28
N CYS A 397 19.16 -25.75 27.51
CA CYS A 397 18.82 -25.08 26.25
C CYS A 397 18.30 -26.00 25.14
N GLN A 398 18.64 -27.29 25.32
CA GLN A 398 18.20 -28.39 24.45
C GLN A 398 18.90 -28.43 23.08
N ILE A 399 19.92 -27.58 22.93
CA ILE A 399 20.77 -27.58 21.74
C ILE A 399 21.67 -28.83 21.87
N PRO A 400 21.92 -29.50 20.72
CA PRO A 400 22.95 -30.54 20.76
C PRO A 400 24.18 -29.98 21.40
N THR A 401 24.91 -30.80 22.17
CA THR A 401 26.01 -30.32 22.95
C THR A 401 27.27 -30.12 22.09
N ILE A 402 27.23 -29.06 21.30
CA ILE A 402 28.18 -28.85 20.21
C ILE A 402 29.17 -27.73 20.56
N PHE A 403 29.04 -27.18 21.75
CA PHE A 403 29.82 -26.02 22.16
C PHE A 403 31.13 -26.38 22.82
N THR A 404 32.12 -25.50 22.62
CA THR A 404 33.50 -25.77 23.02
C THR A 404 33.96 -24.87 24.15
N GLU A 405 34.98 -25.30 24.91
CA GLU A 405 35.53 -24.47 26.00
C GLU A 405 36.18 -23.20 25.50
N LYS A 406 36.13 -22.15 26.31
CA LYS A 406 36.84 -20.89 26.01
C LYS A 406 38.33 -21.17 25.79
N ASP A 407 38.92 -20.59 24.74
CA ASP A 407 40.38 -20.73 24.50
C ASP A 407 40.77 -22.20 24.24
N ALA A 408 39.80 -23.03 23.89
CA ALA A 408 40.05 -24.41 23.46
C ALA A 408 38.90 -24.86 22.54
N PRO A 409 38.87 -24.36 21.29
CA PRO A 409 37.81 -24.56 20.27
C PRO A 409 37.69 -25.99 19.77
N THR A 410 38.52 -26.84 20.32
CA THR A 410 38.64 -28.25 19.98
C THR A 410 37.96 -29.17 21.05
N MET A 411 37.91 -28.67 22.29
CA MET A 411 37.29 -29.44 23.38
C MET A 411 35.90 -28.92 23.61
N LEU A 412 35.00 -29.88 23.62
CA LEU A 412 33.62 -29.72 23.91
C LEU A 412 33.43 -29.40 25.40
N SER A 413 32.75 -28.29 25.69
CA SER A 413 32.49 -27.89 27.09
C SER A 413 31.37 -28.67 27.78
N HIS A 414 31.31 -30.00 27.61
CA HIS A 414 30.31 -30.86 28.29
C HIS A 414 30.51 -30.83 29.81
N ARG A 415 29.39 -30.96 30.52
CA ARG A 415 29.22 -30.94 31.96
C ARG A 415 28.10 -31.94 32.22
N GLN A 416 28.06 -32.46 33.44
CA GLN A 416 27.22 -33.62 33.77
C GLN A 416 27.01 -33.58 35.30
N ILE A 417 25.89 -34.06 35.76
CA ILE A 417 25.58 -33.96 37.16
C ILE A 417 24.66 -35.14 37.48
N GLU A 418 24.62 -35.61 38.74
CA GLU A 418 23.53 -36.51 39.17
C GLU A 418 22.62 -35.66 40.03
N HIS A 419 21.32 -35.90 39.89
CA HIS A 419 20.35 -35.28 40.69
C HIS A 419 19.32 -36.33 41.05
N GLU A 420 19.20 -36.65 42.35
CA GLU A 420 18.12 -37.56 42.75
C GLU A 420 18.28 -38.94 42.08
N GLY A 421 19.51 -39.36 41.81
CA GLY A 421 19.75 -40.69 41.24
C GLY A 421 19.69 -40.77 39.70
N GLU A 422 19.37 -39.65 39.06
CA GLU A 422 19.28 -39.55 37.60
C GLU A 422 20.50 -38.75 37.11
N ARG A 423 20.96 -39.07 35.87
CA ARG A 423 22.04 -38.30 35.21
C ARG A 423 21.48 -37.29 34.20
N TYR A 424 22.13 -36.13 34.09
CA TYR A 424 21.72 -35.07 33.18
C TYR A 424 22.96 -34.37 32.70
N HIS A 425 22.91 -33.90 31.42
CA HIS A 425 24.08 -33.35 30.73
C HIS A 425 23.80 -31.97 30.18
N PHE A 426 24.86 -31.17 30.08
CA PHE A 426 24.74 -29.74 29.75
C PHE A 426 25.83 -29.42 28.76
N CYS A 427 25.48 -28.48 27.87
CA CYS A 427 26.43 -27.92 26.94
C CYS A 427 27.44 -26.98 27.53
N SER A 428 27.32 -26.62 28.81
CA SER A 428 28.14 -25.50 29.36
C SER A 428 27.94 -25.35 30.87
N ASP A 429 28.74 -24.50 31.52
CA ASP A 429 28.55 -24.14 32.92
C ASP A 429 27.29 -23.29 33.09
N GLY A 430 27.12 -22.35 32.14
CA GLY A 430 25.90 -21.60 31.96
C GLY A 430 24.63 -22.36 32.15
N CYS A 431 24.47 -23.45 31.43
CA CYS A 431 23.22 -24.20 31.48
C CYS A 431 23.19 -25.15 32.71
N CYS A 432 24.38 -25.63 33.08
CA CYS A 432 24.56 -26.39 34.31
C CYS A 432 24.12 -25.60 35.57
N ASP A 433 24.60 -24.35 35.72
CA ASP A 433 24.15 -23.47 36.83
C ASP A 433 22.69 -23.26 36.86
N ILE A 434 22.06 -23.18 35.68
CA ILE A 434 20.63 -22.92 35.60
C ILE A 434 19.90 -24.14 36.11
N PHE A 435 20.36 -25.31 35.65
CA PHE A 435 19.76 -26.54 36.06
C PHE A 435 19.81 -26.69 37.61
N LYS A 436 20.95 -26.38 38.22
CA LYS A 436 21.20 -26.64 39.64
C LYS A 436 20.36 -25.79 40.53
N HIS A 437 20.02 -24.58 40.06
CA HIS A 437 19.15 -23.72 40.80
C HIS A 437 17.69 -24.16 40.69
N GLU A 438 17.29 -24.82 39.59
CA GLU A 438 15.86 -25.19 39.40
C GLU A 438 15.66 -26.59 38.84
N PRO A 439 16.28 -27.59 39.48
CA PRO A 439 16.38 -28.92 38.93
C PRO A 439 14.99 -29.53 38.76
N GLU A 440 14.03 -29.18 39.59
CA GLU A 440 12.67 -29.74 39.50
C GLU A 440 11.90 -29.29 38.27
N LYS A 441 12.27 -28.08 37.78
CA LYS A 441 11.73 -27.59 36.49
C LYS A 441 12.31 -28.44 35.35
N TYR A 442 13.64 -28.49 35.26
CA TYR A 442 14.31 -28.98 34.02
C TYR A 442 14.25 -30.52 33.74
N ILE A 443 14.13 -31.34 34.81
CA ILE A 443 13.88 -32.82 34.65
C ILE A 443 12.58 -33.16 33.94
N GLN A 444 11.66 -32.19 33.80
CA GLN A 444 10.41 -32.37 33.05
C GLN A 444 10.53 -32.19 31.50
N ALA A 445 11.68 -31.74 31.04
CA ALA A 445 11.82 -31.26 29.65
C ALA A 445 11.51 -32.32 28.62
N TRP A 446 10.83 -31.93 27.56
CA TRP A 446 10.56 -32.89 26.47
C TRP A 446 11.72 -32.84 25.47
N LEU A 447 12.79 -33.60 25.73
CA LEU A 447 14.03 -33.57 24.91
C LEU A 447 13.72 -34.38 23.67
N PRO A 448 13.69 -33.72 22.44
CA PRO A 448 13.15 -34.48 21.30
C PRO A 448 13.88 -35.82 20.99
N VAL A 449 15.18 -35.85 21.19
CA VAL A 449 16.03 -37.00 20.92
C VAL A 449 15.67 -38.17 21.84
N HIS A 450 15.39 -37.84 23.12
CA HIS A 450 14.92 -38.79 24.12
C HIS A 450 13.54 -39.25 23.86
N GLN A 451 12.65 -38.36 23.44
CA GLN A 451 11.30 -38.75 23.06
C GLN A 451 11.19 -39.65 21.81
N ILE A 452 12.15 -39.52 20.89
CA ILE A 452 12.18 -40.39 19.71
C ILE A 452 12.52 -41.79 20.21
N TYR A 453 13.50 -41.91 21.09
CA TYR A 453 13.97 -43.19 21.59
C TYR A 453 12.95 -43.82 22.52
N GLN A 454 12.16 -42.98 23.23
CA GLN A 454 11.03 -43.46 24.01
C GLN A 454 9.92 -44.03 23.15
N GLY A 455 10.01 -43.89 21.84
CA GLY A 455 8.86 -44.20 20.98
C GLY A 455 7.71 -43.22 20.93
N ASN A 456 7.87 -42.03 21.52
CA ASN A 456 6.81 -41.04 21.57
C ASN A 456 6.69 -40.07 20.33
N CYS A 457 7.43 -40.34 19.24
CA CYS A 457 7.37 -39.51 18.02
C CYS A 457 6.88 -40.20 16.75
N GLU A 458 6.00 -41.19 16.91
CA GLU A 458 5.37 -41.97 15.84
C GLU A 458 6.33 -42.60 14.80
N GLY A 459 7.30 -43.40 15.25
CA GLY A 459 8.28 -43.90 14.30
C GLY A 459 9.42 -44.63 14.99
N GLY A 460 9.83 -45.74 14.38
CA GLY A 460 10.86 -46.55 14.97
C GLY A 460 12.18 -46.21 14.33
N ASP A 461 12.12 -45.27 13.38
CA ASP A 461 13.21 -44.87 12.51
C ASP A 461 13.15 -43.34 12.34
N LEU A 462 14.27 -42.65 12.29
CA LEU A 462 14.24 -41.18 12.11
C LEU A 462 13.44 -40.71 10.88
N GLU A 463 13.64 -41.36 9.74
CA GLU A 463 12.95 -40.97 8.52
C GLU A 463 11.44 -41.06 8.68
N THR A 464 11.02 -42.00 9.50
CA THR A 464 9.60 -42.14 9.73
C THR A 464 9.05 -41.03 10.63
N VAL A 465 9.75 -40.77 11.73
CA VAL A 465 9.45 -39.64 12.57
C VAL A 465 9.38 -38.31 11.74
N VAL A 466 10.42 -38.08 10.92
CA VAL A 466 10.50 -36.87 10.09
C VAL A 466 9.29 -36.70 9.16
N GLN A 467 8.87 -37.78 8.51
CA GLN A 467 7.81 -37.62 7.54
C GLN A 467 6.46 -37.62 8.23
N LYS A 468 6.27 -38.56 9.14
CA LYS A 468 4.94 -38.79 9.64
C LYS A 468 4.57 -37.92 10.89
N TYR A 469 5.54 -37.73 11.77
CA TYR A 469 5.35 -36.92 12.96
C TYR A 469 5.61 -35.45 12.68
N TYR A 470 6.75 -35.19 12.08
CA TYR A 470 7.19 -33.82 11.83
C TYR A 470 6.43 -33.22 10.67
N HIS A 471 5.80 -34.06 9.80
CA HIS A 471 5.28 -33.57 8.51
C HIS A 471 6.36 -32.92 7.61
N ILE A 472 7.62 -33.29 7.75
CA ILE A 472 8.59 -32.70 6.85
C ILE A 472 8.70 -33.66 5.65
N ASN A 473 8.39 -33.16 4.45
CA ASN A 473 8.23 -34.01 3.27
C ASN A 473 9.60 -34.45 2.71
N ILE A 474 9.95 -35.71 2.93
CA ILE A 474 11.29 -36.17 2.61
C ILE A 474 11.55 -36.02 1.12
N GLY A 475 12.72 -35.43 0.79
CA GLY A 475 13.12 -35.09 -0.57
C GLY A 475 12.60 -33.73 -1.08
N GLU A 476 11.70 -33.10 -0.32
CA GLU A 476 11.25 -31.76 -0.64
C GLU A 476 11.78 -30.67 0.33
N ASP A 477 11.46 -30.84 1.62
CA ASP A 477 11.66 -29.81 2.66
C ASP A 477 13.08 -30.03 3.18
N ASN A 478 13.51 -31.27 2.99
CA ASN A 478 14.71 -31.95 3.47
C ASN A 478 16.05 -31.71 2.72
N PHE A 479 17.20 -32.06 3.31
CA PHE A 479 18.45 -32.32 2.62
C PHE A 479 19.18 -31.05 2.12
N ASP A 480 20.36 -31.25 1.50
CA ASP A 480 21.19 -30.17 0.94
C ASP A 480 20.34 -29.38 0.00
N TYR A 481 20.52 -28.04 -0.04
CA TYR A 481 20.02 -27.21 -1.12
C TYR A 481 20.38 -27.74 -2.54
N VAL A 482 21.60 -28.31 -2.72
CA VAL A 482 21.96 -28.83 -4.07
C VAL A 482 21.15 -30.08 -4.41
N GLY A 483 20.33 -29.98 -5.45
CA GLY A 483 19.43 -31.05 -5.82
C GLY A 483 18.05 -30.93 -5.25
N SER A 484 17.73 -29.79 -4.62
CA SER A 484 16.49 -29.69 -3.93
C SER A 484 15.41 -29.24 -4.92
N PRO A 485 14.15 -29.60 -4.65
CA PRO A 485 13.16 -28.93 -5.43
C PRO A 485 13.27 -27.35 -5.48
N ASP A 486 13.60 -26.71 -4.36
CA ASP A 486 13.67 -25.22 -4.31
C ASP A 486 14.72 -24.70 -5.33
N GLN A 487 15.90 -25.35 -5.30
CA GLN A 487 16.95 -25.11 -6.23
C GLN A 487 16.51 -25.13 -7.68
N LYS A 488 15.86 -26.22 -8.11
CA LYS A 488 15.34 -26.36 -9.45
C LYS A 488 14.23 -25.38 -9.85
N HIS A 489 13.23 -25.19 -8.97
CA HIS A 489 12.17 -24.15 -9.14
C HIS A 489 12.88 -22.79 -9.35
N TRP A 490 14.08 -22.61 -8.78
CA TRP A 490 14.76 -21.30 -8.78
C TRP A 490 15.52 -21.12 -10.10
N LEU A 491 16.30 -22.14 -10.46
CA LEU A 491 17.04 -22.20 -11.71
C LEU A 491 16.11 -22.21 -12.90
N SER A 492 14.83 -22.49 -12.67
CA SER A 492 13.86 -22.38 -13.75
C SER A 492 13.21 -20.98 -13.81
N ILE A 493 12.67 -20.44 -12.70
CA ILE A 493 12.39 -18.98 -12.57
C ILE A 493 13.41 -18.04 -13.31
N LYS A 494 14.71 -18.19 -13.05
CA LYS A 494 15.80 -17.40 -13.67
C LYS A 494 16.42 -18.06 -14.97
N LYS B 1 -43.22 11.78 -0.86
CA LYS B 1 -42.76 10.75 -1.84
C LYS B 1 -41.23 10.70 -1.99
N LYS B 2 -40.57 9.73 -1.33
CA LYS B 2 -39.08 9.63 -1.22
C LYS B 2 -38.31 9.55 -2.54
N LEU B 3 -37.12 10.14 -2.58
CA LEU B 3 -36.36 10.24 -3.84
C LEU B 3 -35.66 8.92 -4.23
N ASN B 4 -35.76 8.51 -5.52
CA ASN B 4 -34.87 7.39 -5.96
C ASN B 4 -33.42 7.82 -6.19
N LEU B 5 -32.52 6.85 -6.23
CA LEU B 5 -31.07 7.09 -6.51
C LEU B 5 -30.79 8.08 -7.64
N LYS B 6 -31.42 7.89 -8.80
CA LYS B 6 -31.35 8.86 -9.88
C LYS B 6 -31.75 10.29 -9.52
N ASP B 7 -32.91 10.46 -8.86
CA ASP B 7 -33.50 11.80 -8.65
C ASP B 7 -32.80 12.58 -7.54
N LYS B 8 -32.30 11.83 -6.54
CA LYS B 8 -31.55 12.35 -5.41
C LYS B 8 -30.25 12.96 -5.84
N TYR B 9 -29.62 12.30 -6.79
CA TYR B 9 -28.35 12.72 -7.29
C TYR B 9 -28.50 13.94 -8.19
N GLN B 10 -29.54 13.96 -8.99
CA GLN B 10 -29.81 15.16 -9.76
C GLN B 10 -30.16 16.36 -8.86
N TYR B 11 -30.82 16.09 -7.72
CA TYR B 11 -31.05 17.06 -6.68
C TYR B 11 -29.74 17.57 -6.09
N LEU B 12 -28.75 16.70 -5.96
CA LEU B 12 -27.46 17.08 -5.41
C LEU B 12 -26.49 17.67 -6.44
N THR B 13 -26.88 17.69 -7.71
CA THR B 13 -26.05 18.26 -8.73
C THR B 13 -26.89 19.22 -9.56
N ARG B 14 -27.58 18.75 -10.59
CA ARG B 14 -28.42 19.62 -11.47
C ARG B 14 -29.34 20.68 -10.76
N ASP B 15 -29.97 20.31 -9.64
CA ASP B 15 -30.91 21.23 -9.00
C ASP B 15 -30.21 22.50 -8.41
N MET B 16 -28.90 22.44 -8.18
CA MET B 16 -28.12 23.60 -7.73
C MET B 16 -28.04 24.69 -8.82
N ALA B 17 -28.06 24.30 -10.11
CA ALA B 17 -27.96 25.31 -11.17
C ALA B 17 -29.37 25.89 -11.42
N TRP B 18 -29.51 26.95 -12.23
CA TRP B 18 -30.81 27.70 -12.33
C TRP B 18 -30.92 28.46 -13.66
N GLU B 19 -32.12 28.88 -14.07
CA GLU B 19 -32.18 29.70 -15.30
C GLU B 19 -31.79 31.15 -14.96
N PRO B 20 -30.82 31.69 -15.69
CA PRO B 20 -30.39 33.03 -15.40
C PRO B 20 -31.42 34.12 -15.75
N THR B 21 -31.47 35.19 -14.92
CA THR B 21 -32.36 36.35 -15.15
C THR B 21 -31.56 37.61 -15.49
N TYR B 22 -30.34 37.71 -14.96
CA TYR B 22 -29.60 38.94 -15.04
C TYR B 22 -28.60 38.94 -16.18
N GLN B 23 -28.23 37.74 -16.65
CA GLN B 23 -27.27 37.59 -17.76
C GLN B 23 -27.92 36.70 -18.79
N ASP B 24 -27.59 36.86 -20.08
CA ASP B 24 -28.08 35.91 -21.09
C ASP B 24 -27.34 34.59 -20.97
N LYS B 25 -28.10 33.52 -21.11
CA LYS B 25 -27.57 32.14 -21.08
C LYS B 25 -26.39 32.06 -21.97
N LYS B 26 -26.47 32.75 -23.10
CA LYS B 26 -25.48 32.58 -24.17
C LYS B 26 -24.24 33.40 -23.95
N ASP B 27 -24.25 34.34 -23.01
CA ASP B 27 -23.04 34.97 -22.62
C ASP B 27 -22.37 34.16 -21.51
N ILE B 28 -23.15 33.48 -20.69
CA ILE B 28 -22.61 32.60 -19.67
C ILE B 28 -22.00 31.35 -20.34
N PHE B 29 -22.62 30.91 -21.47
CA PHE B 29 -22.20 29.68 -22.19
C PHE B 29 -22.08 30.00 -23.68
N PRO B 30 -21.04 30.76 -24.07
CA PRO B 30 -20.82 31.22 -25.48
C PRO B 30 -20.13 30.22 -26.45
N GLU B 31 -19.82 29.02 -25.96
CA GLU B 31 -19.04 28.06 -26.80
C GLU B 31 -19.81 26.88 -27.40
N GLU B 32 -21.07 26.79 -27.01
CA GLU B 32 -21.97 25.73 -27.42
C GLU B 32 -22.65 25.73 -28.80
N ASP B 33 -22.52 26.80 -29.60
CA ASP B 33 -23.28 26.94 -30.85
C ASP B 33 -22.43 26.84 -32.10
N PHE B 34 -21.18 27.25 -31.99
CA PHE B 34 -20.39 27.53 -33.17
C PHE B 34 -19.89 26.31 -33.96
N GLU B 35 -19.90 25.15 -33.28
CA GLU B 35 -19.50 23.86 -33.87
C GLU B 35 -20.56 23.20 -34.74
N GLY B 36 -21.81 23.69 -34.66
CA GLY B 36 -22.92 23.19 -35.51
C GLY B 36 -23.84 22.27 -34.70
N ILE B 37 -23.40 21.90 -33.48
CA ILE B 37 -24.10 20.92 -32.63
C ILE B 37 -25.30 21.55 -31.97
N LYS B 38 -26.40 20.80 -31.95
CA LYS B 38 -27.65 21.35 -31.40
C LYS B 38 -28.09 20.54 -30.25
N ILE B 39 -28.40 21.24 -29.17
CA ILE B 39 -28.80 20.59 -27.94
C ILE B 39 -30.19 21.06 -27.54
N THR B 40 -31.12 20.11 -27.65
CA THR B 40 -32.57 20.31 -27.49
C THR B 40 -32.84 20.35 -25.99
N ASP B 41 -32.39 19.30 -25.29
CA ASP B 41 -32.65 19.18 -23.86
C ASP B 41 -31.51 18.56 -22.97
N TRP B 42 -30.71 19.44 -22.32
CA TRP B 42 -29.64 19.00 -21.43
C TRP B 42 -30.08 18.06 -20.33
N SER B 43 -31.34 18.16 -19.88
CA SER B 43 -31.95 17.20 -18.89
C SER B 43 -32.00 15.71 -19.32
N GLN B 44 -31.89 15.46 -20.62
CA GLN B 44 -31.88 14.10 -21.17
C GLN B 44 -30.52 13.40 -20.88
N TRP B 45 -29.49 14.21 -20.61
CA TRP B 45 -28.18 13.76 -20.22
C TRP B 45 -28.40 12.78 -19.07
N GLU B 46 -27.91 11.54 -19.26
CA GLU B 46 -27.89 10.53 -18.21
C GLU B 46 -26.55 10.58 -17.53
N ASP B 47 -26.54 10.64 -16.21
CA ASP B 47 -25.28 10.58 -15.45
C ASP B 47 -24.48 9.29 -15.71
N PRO B 48 -23.32 9.43 -16.40
CA PRO B 48 -22.55 8.21 -16.64
C PRO B 48 -22.29 7.40 -15.36
N PHE B 49 -22.04 8.10 -14.24
CA PHE B 49 -21.78 7.59 -12.87
C PHE B 49 -22.45 8.62 -11.94
N ARG B 50 -22.64 8.22 -10.67
CA ARG B 50 -23.28 9.08 -9.69
C ARG B 50 -22.40 9.29 -8.44
N LEU B 51 -21.20 9.88 -8.53
CA LEU B 51 -20.39 10.14 -7.29
C LEU B 51 -20.66 11.51 -6.71
N THR B 52 -20.99 11.59 -5.42
CA THR B 52 -21.02 12.87 -4.78
C THR B 52 -19.58 13.20 -4.33
N MET B 53 -19.31 14.45 -3.97
CA MET B 53 -17.95 14.82 -3.54
C MET B 53 -17.50 14.03 -2.37
N ASP B 54 -18.36 13.83 -1.38
CA ASP B 54 -17.87 13.09 -0.18
C ASP B 54 -17.46 11.64 -0.53
N ALA B 55 -18.18 11.00 -1.43
CA ALA B 55 -17.86 9.63 -1.84
C ALA B 55 -16.59 9.69 -2.76
N TYR B 56 -16.50 10.69 -3.65
CA TYR B 56 -15.26 10.88 -4.42
C TYR B 56 -14.00 10.97 -3.53
N TRP B 57 -13.99 11.94 -2.61
CA TRP B 57 -12.86 12.15 -1.70
C TRP B 57 -12.53 10.86 -0.94
N LYS B 58 -13.55 10.22 -0.39
CA LYS B 58 -13.35 9.04 0.39
C LYS B 58 -12.73 7.87 -0.37
N TYR B 59 -13.20 7.63 -1.57
N TYR B 59 -13.25 7.60 -1.55
CA TYR B 59 -12.78 6.45 -2.30
CA TYR B 59 -12.82 6.43 -2.34
C TYR B 59 -11.46 6.71 -3.01
C TYR B 59 -11.45 6.73 -2.95
N GLN B 60 -11.27 7.93 -3.51
CA GLN B 60 -9.94 8.33 -4.02
C GLN B 60 -8.87 8.33 -2.94
N ALA B 61 -9.20 8.86 -1.74
CA ALA B 61 -8.20 8.85 -0.65
C ALA B 61 -7.68 7.49 -0.29
N GLU B 62 -8.59 6.55 -0.12
CA GLU B 62 -8.20 5.16 0.13
C GLU B 62 -7.21 4.55 -0.98
N LYS B 63 -7.43 4.84 -2.24
CA LYS B 63 -6.51 4.46 -3.32
C LYS B 63 -5.15 5.10 -3.17
N GLU B 64 -5.16 6.42 -2.94
CA GLU B 64 -3.94 7.17 -2.84
C GLU B 64 -3.03 6.66 -1.75
N LYS B 65 -3.64 6.31 -0.61
CA LYS B 65 -2.86 5.87 0.49
C LYS B 65 -2.12 4.57 0.14
N LYS B 66 -2.82 3.62 -0.47
CA LYS B 66 -2.19 2.37 -0.92
C LYS B 66 -1.13 2.56 -2.00
N LEU B 67 -1.40 3.38 -3.00
CA LEU B 67 -0.46 3.73 -4.06
C LEU B 67 0.88 4.29 -3.52
N TYR B 68 0.81 5.34 -2.67
CA TYR B 68 2.03 5.95 -2.14
C TYR B 68 2.82 5.03 -1.22
N ALA B 69 2.12 4.13 -0.54
CA ALA B 69 2.87 3.17 0.32
C ALA B 69 3.65 2.29 -0.62
N ILE B 70 3.07 1.97 -1.75
CA ILE B 70 3.76 1.06 -2.70
C ILE B 70 4.93 1.75 -3.37
N PHE B 71 4.74 3.01 -3.81
CA PHE B 71 5.78 3.84 -4.38
C PHE B 71 6.94 4.02 -3.38
N ASP B 72 6.61 4.39 -2.12
CA ASP B 72 7.63 4.51 -1.05
C ASP B 72 8.40 3.21 -0.86
N ALA B 73 7.70 2.08 -0.86
CA ALA B 73 8.37 0.78 -0.67
C ALA B 73 9.24 0.39 -1.87
N PHE B 74 8.72 0.56 -3.10
CA PHE B 74 9.52 0.41 -4.28
C PHE B 74 10.85 1.21 -4.26
N ALA B 75 10.79 2.46 -3.85
CA ALA B 75 12.00 3.29 -3.77
C ALA B 75 13.01 2.80 -2.72
N GLN B 76 12.50 2.51 -1.50
CA GLN B 76 13.31 2.15 -0.33
C GLN B 76 14.01 0.86 -0.66
N ASN B 77 13.31 0.06 -1.41
CA ASN B 77 13.82 -1.24 -1.71
C ASN B 77 14.57 -1.28 -3.07
N ASN B 78 14.76 -0.13 -3.72
CA ASN B 78 15.48 -0.15 -5.05
C ASN B 78 14.83 -1.08 -6.07
N GLY B 79 13.50 -1.01 -6.18
CA GLY B 79 12.82 -1.95 -7.05
C GLY B 79 13.14 -1.75 -8.53
N HIS B 80 13.81 -0.63 -8.87
CA HIS B 80 14.25 -0.43 -10.28
C HIS B 80 15.24 -1.54 -10.70
N GLN B 81 15.88 -2.16 -9.73
CA GLN B 81 16.83 -3.22 -9.97
C GLN B 81 16.15 -4.53 -10.26
N ASN B 82 14.81 -4.60 -10.14
CA ASN B 82 14.06 -5.84 -10.36
C ASN B 82 13.43 -6.00 -11.75
N ILE B 83 13.65 -5.02 -12.63
CA ILE B 83 13.05 -5.09 -14.01
C ILE B 83 13.81 -6.19 -14.82
N SER B 84 13.23 -6.65 -15.92
CA SER B 84 13.83 -7.68 -16.76
C SER B 84 15.19 -7.23 -17.23
N ASP B 85 15.29 -6.03 -17.82
CA ASP B 85 16.62 -5.41 -18.07
C ASP B 85 16.49 -3.94 -18.35
N ALA B 86 17.62 -3.22 -18.30
CA ALA B 86 17.58 -1.74 -18.52
C ALA B 86 16.97 -1.27 -19.84
N ARG B 87 16.93 -2.12 -20.86
CA ARG B 87 16.33 -1.70 -22.13
C ARG B 87 14.90 -1.25 -21.86
N TYR B 88 14.25 -1.93 -20.89
CA TYR B 88 12.82 -1.72 -20.60
C TYR B 88 12.50 -0.24 -20.17
N VAL B 89 13.44 0.40 -19.52
CA VAL B 89 13.23 1.73 -19.10
C VAL B 89 12.98 2.73 -20.29
N ASN B 90 13.42 2.36 -21.48
CA ASN B 90 13.20 3.22 -22.68
C ASN B 90 11.72 3.44 -22.91
N ALA B 91 10.92 2.43 -22.62
CA ALA B 91 9.46 2.60 -22.58
C ALA B 91 8.94 3.70 -21.63
N LEU B 92 9.62 3.86 -20.48
CA LEU B 92 9.22 4.80 -19.47
C LEU B 92 9.72 6.21 -19.81
N LYS B 93 10.86 6.29 -20.52
CA LYS B 93 11.33 7.51 -21.14
C LYS B 93 10.29 8.09 -22.14
N LEU B 94 9.82 7.24 -23.03
CA LEU B 94 8.74 7.55 -23.92
C LEU B 94 7.45 7.91 -23.13
N PHE B 95 7.12 7.10 -22.12
CA PHE B 95 5.95 7.33 -21.27
C PHE B 95 5.98 8.70 -20.61
N ILE B 96 7.06 9.00 -19.91
CA ILE B 96 7.11 10.32 -19.24
C ILE B 96 7.21 11.63 -20.12
N SER B 97 7.75 11.48 -21.33
CA SER B 97 7.94 12.57 -22.31
C SER B 97 6.73 12.83 -23.15
N GLY B 98 6.07 11.72 -23.50
CA GLY B 98 5.04 11.69 -24.51
C GLY B 98 3.66 11.44 -23.99
N ILE B 99 3.51 10.62 -22.92
CA ILE B 99 2.18 10.24 -22.44
C ILE B 99 1.78 11.01 -21.19
N SER B 100 2.67 11.06 -20.18
CA SER B 100 2.33 11.88 -19.02
C SER B 100 1.93 13.30 -19.35
N PRO B 101 2.65 13.99 -20.29
CA PRO B 101 2.16 15.36 -20.53
C PRO B 101 0.74 15.45 -21.09
N LEU B 102 0.23 14.37 -21.67
CA LEU B 102 -1.18 14.38 -22.17
C LEU B 102 -2.23 14.32 -21.06
N GLU B 103 -1.84 13.69 -19.94
CA GLU B 103 -2.66 13.64 -18.71
C GLU B 103 -2.83 15.04 -18.24
N HIS B 104 -1.73 15.80 -18.24
CA HIS B 104 -1.79 17.19 -17.82
C HIS B 104 -2.63 18.06 -18.75
N ALA B 105 -2.41 17.91 -20.05
CA ALA B 105 -3.24 18.61 -21.06
C ALA B 105 -4.70 18.25 -20.95
N ALA B 106 -4.99 17.00 -20.62
CA ALA B 106 -6.40 16.61 -20.40
C ALA B 106 -7.05 17.29 -19.14
N PHE B 107 -6.27 17.36 -18.06
CA PHE B 107 -6.65 18.16 -16.89
C PHE B 107 -7.11 19.56 -17.37
N GLN B 108 -6.24 20.26 -18.09
CA GLN B 108 -6.55 21.57 -18.64
C GLN B 108 -7.78 21.56 -19.58
N GLY B 109 -7.85 20.64 -20.52
CA GLY B 109 -8.96 20.53 -21.42
C GLY B 109 -10.28 20.31 -20.70
N TYR B 110 -10.31 19.31 -19.82
CA TYR B 110 -11.50 19.00 -19.06
C TYR B 110 -11.98 20.07 -18.06
N SER B 111 -11.03 20.74 -17.42
CA SER B 111 -11.30 21.94 -16.60
C SER B 111 -12.11 22.96 -17.42
N LYS B 112 -11.60 23.34 -18.59
CA LYS B 112 -12.28 24.26 -19.47
C LYS B 112 -13.70 23.75 -19.84
N VAL B 113 -13.75 22.56 -20.41
CA VAL B 113 -15.04 21.96 -20.76
C VAL B 113 -15.99 21.84 -19.51
N GLY B 114 -15.44 21.56 -18.33
CA GLY B 114 -16.30 21.49 -17.09
C GLY B 114 -16.79 22.87 -16.64
N ARG B 115 -16.43 23.93 -17.41
CA ARG B 115 -17.03 25.27 -17.36
C ARG B 115 -18.08 25.57 -18.51
N GLN B 116 -17.75 25.15 -19.73
CA GLN B 116 -18.38 25.59 -20.97
C GLN B 116 -19.76 24.99 -21.29
N PHE B 117 -20.08 23.83 -20.72
CA PHE B 117 -21.34 23.14 -21.01
C PHE B 117 -22.44 23.68 -20.12
N SER B 118 -23.59 24.02 -20.74
CA SER B 118 -24.72 24.49 -19.95
C SER B 118 -25.46 23.45 -19.15
N GLY B 119 -25.06 22.19 -19.25
CA GLY B 119 -25.72 21.15 -18.49
C GLY B 119 -24.89 20.85 -17.27
N ALA B 120 -25.50 21.03 -16.10
CA ALA B 120 -24.85 20.92 -14.79
C ALA B 120 -24.30 19.52 -14.51
N GLY B 121 -25.07 18.51 -14.90
CA GLY B 121 -24.65 17.15 -14.84
C GLY B 121 -23.40 16.96 -15.63
N ALA B 122 -23.35 17.41 -16.88
CA ALA B 122 -22.17 17.24 -17.72
C ALA B 122 -20.95 18.00 -17.17
N ARG B 123 -21.22 19.12 -16.50
CA ARG B 123 -20.16 19.87 -15.90
C ARG B 123 -19.53 19.11 -14.76
N VAL B 124 -20.31 18.53 -13.86
CA VAL B 124 -19.67 17.76 -12.78
C VAL B 124 -18.84 16.62 -13.32
N ALA B 125 -19.42 15.83 -14.23
CA ALA B 125 -18.76 14.70 -14.87
C ALA B 125 -17.41 15.08 -15.53
N CYS B 126 -17.34 16.21 -16.26
CA CYS B 126 -16.03 16.72 -16.78
C CYS B 126 -15.08 17.29 -15.74
N GLN B 127 -15.64 17.91 -14.70
CA GLN B 127 -14.84 18.47 -13.67
C GLN B 127 -14.17 17.33 -12.90
N MET B 128 -14.86 16.20 -12.72
CA MET B 128 -14.26 15.08 -11.99
C MET B 128 -13.26 14.38 -12.84
N GLN B 129 -13.58 14.28 -14.13
CA GLN B 129 -12.60 13.83 -15.09
C GLN B 129 -11.31 14.74 -15.01
N ALA B 130 -11.49 16.06 -14.98
CA ALA B 130 -10.34 16.97 -14.97
C ALA B 130 -9.42 16.66 -13.79
N ILE B 131 -10.06 16.43 -12.63
CA ILE B 131 -9.28 16.24 -11.43
C ILE B 131 -8.66 14.83 -11.40
N ASP B 132 -9.33 13.86 -12.01
CA ASP B 132 -8.70 12.54 -12.24
C ASP B 132 -7.43 12.63 -13.09
N GLU B 133 -7.38 13.53 -14.08
CA GLU B 133 -6.22 13.63 -15.01
C GLU B 133 -5.07 14.38 -14.29
N LEU B 134 -5.40 15.31 -13.40
CA LEU B 134 -4.39 15.93 -12.56
C LEU B 134 -3.76 14.84 -11.71
N ARG B 135 -4.58 13.96 -11.11
CA ARG B 135 -4.06 12.80 -10.31
C ARG B 135 -3.17 11.90 -11.17
N HIS B 136 -3.64 11.52 -12.36
CA HIS B 136 -2.81 10.74 -13.34
C HIS B 136 -1.49 11.50 -13.64
N SER B 137 -1.62 12.76 -13.99
CA SER B 137 -0.38 13.55 -14.20
C SER B 137 0.58 13.46 -13.01
N GLN B 138 0.09 13.77 -11.79
CA GLN B 138 1.00 13.82 -10.61
C GLN B 138 1.50 12.47 -10.11
N THR B 139 0.62 11.49 -10.01
CA THR B 139 1.05 10.13 -9.56
C THR B 139 2.09 9.56 -10.54
N GLN B 140 1.96 9.93 -11.82
CA GLN B 140 2.97 9.50 -12.82
C GLN B 140 4.31 10.20 -12.62
N GLN B 141 4.31 11.47 -12.25
CA GLN B 141 5.55 12.12 -11.90
C GLN B 141 6.20 11.36 -10.74
N HIS B 142 5.34 10.94 -9.76
CA HIS B 142 5.80 10.28 -8.58
C HIS B 142 6.23 8.87 -8.90
N ALA B 143 5.50 8.16 -9.73
CA ALA B 143 5.91 6.80 -10.08
C ALA B 143 7.32 6.71 -10.75
N MET B 144 7.65 7.71 -11.58
CA MET B 144 8.82 7.66 -12.47
C MET B 144 9.98 8.29 -11.80
N SER B 145 9.69 9.01 -10.71
CA SER B 145 10.68 9.72 -9.90
C SER B 145 11.93 8.89 -9.51
N HIS B 146 11.74 7.64 -9.13
CA HIS B 146 12.85 6.82 -8.71
C HIS B 146 13.66 6.35 -9.93
N TYR B 147 12.97 6.01 -11.04
CA TYR B 147 13.67 5.70 -12.33
C TYR B 147 14.47 6.88 -12.86
N ASN B 148 13.98 8.09 -12.75
CA ASN B 148 14.70 9.27 -13.18
C ASN B 148 16.07 9.38 -12.45
N LYS B 149 16.14 8.89 -11.22
CA LYS B 149 17.32 9.01 -10.40
C LYS B 149 18.37 8.01 -10.83
N HIS B 150 18.00 6.81 -11.30
CA HIS B 150 18.97 5.75 -11.67
C HIS B 150 19.24 5.53 -13.19
N PHE B 151 18.47 6.20 -14.03
CA PHE B 151 18.46 5.96 -15.49
C PHE B 151 18.39 7.28 -16.23
N ASN B 152 18.79 7.25 -17.49
CA ASN B 152 18.87 8.51 -18.24
C ASN B 152 17.62 8.73 -19.02
N GLY B 153 17.44 9.96 -19.50
CA GLY B 153 16.42 10.34 -20.45
C GLY B 153 15.05 10.70 -19.87
N LEU B 154 14.88 10.76 -18.55
CA LEU B 154 13.51 10.97 -17.99
C LEU B 154 13.55 12.30 -17.29
N HIS B 155 14.68 13.01 -17.42
CA HIS B 155 14.92 14.16 -16.52
C HIS B 155 14.34 15.49 -16.94
N ASP B 156 13.72 15.58 -18.14
CA ASP B 156 13.26 16.91 -18.59
C ASP B 156 12.08 16.73 -19.58
N GLY B 157 11.09 15.95 -19.16
CA GLY B 157 9.94 15.45 -19.94
C GLY B 157 9.00 16.52 -20.49
N PRO B 158 8.49 17.43 -19.64
CA PRO B 158 7.71 18.56 -20.14
C PRO B 158 8.51 19.51 -21.05
N HIS B 159 9.74 19.82 -20.69
CA HIS B 159 10.59 20.64 -21.54
C HIS B 159 10.72 20.03 -22.96
N MET B 160 11.09 18.74 -22.98
CA MET B 160 11.21 17.95 -24.18
C MET B 160 9.90 17.83 -24.96
N HIS B 161 8.80 17.60 -24.26
CA HIS B 161 7.50 17.47 -24.86
C HIS B 161 7.24 18.65 -25.81
N ASP B 162 7.68 19.87 -25.40
CA ASP B 162 7.32 21.12 -26.15
C ASP B 162 8.23 21.26 -27.41
N ARG B 163 9.36 20.52 -27.44
CA ARG B 163 10.44 20.83 -28.35
C ARG B 163 10.89 19.70 -29.21
N VAL B 164 11.06 18.50 -28.61
CA VAL B 164 11.67 17.37 -29.36
C VAL B 164 10.77 16.90 -30.53
N TRP B 165 11.40 16.54 -31.64
CA TRP B 165 10.73 16.34 -32.90
C TRP B 165 9.60 15.34 -32.75
N TYR B 166 9.92 14.11 -32.34
CA TYR B 166 8.94 13.04 -32.29
C TYR B 166 7.78 13.29 -31.24
N LEU B 167 7.98 14.19 -30.28
CA LEU B 167 7.02 14.51 -29.23
C LEU B 167 5.97 15.52 -29.70
N SER B 168 6.14 16.09 -30.89
CA SER B 168 5.10 16.95 -31.42
C SER B 168 3.97 16.10 -31.92
N VAL B 169 4.23 14.80 -32.07
CA VAL B 169 3.19 13.79 -32.35
C VAL B 169 2.11 13.76 -31.27
N PRO B 170 2.44 13.31 -30.02
CA PRO B 170 1.47 13.53 -28.94
C PRO B 170 1.03 14.98 -28.67
N LYS B 171 1.93 15.93 -28.75
CA LYS B 171 1.58 17.28 -28.31
C LYS B 171 0.51 17.96 -29.26
N SER B 172 0.73 17.83 -30.58
CA SER B 172 -0.16 18.43 -31.60
C SER B 172 -1.53 17.70 -31.56
N PHE B 173 -1.50 16.42 -31.24
CA PHE B 173 -2.75 15.65 -31.03
C PHE B 173 -3.67 16.37 -30.07
N PHE B 174 -3.13 16.76 -28.89
CA PHE B 174 -3.94 17.28 -27.78
C PHE B 174 -4.13 18.75 -27.94
N ASP B 175 -3.19 19.43 -28.57
CA ASP B 175 -3.39 20.86 -28.94
C ASP B 175 -4.54 21.00 -29.97
N ASP B 176 -4.64 20.05 -30.88
CA ASP B 176 -5.72 19.99 -31.89
C ASP B 176 -7.02 19.83 -31.07
N ALA B 177 -7.09 18.84 -30.22
CA ALA B 177 -8.33 18.70 -29.40
C ALA B 177 -8.66 19.93 -28.57
N ARG B 178 -7.69 20.63 -27.98
CA ARG B 178 -8.07 21.73 -27.07
C ARG B 178 -8.31 23.06 -27.80
N SER B 179 -7.67 23.22 -28.97
CA SER B 179 -8.04 24.40 -29.80
C SER B 179 -9.43 24.24 -30.42
N ALA B 180 -9.92 23.00 -30.46
CA ALA B 180 -11.26 22.70 -30.98
C ALA B 180 -12.27 23.13 -29.97
N GLY B 181 -13.51 23.18 -30.41
CA GLY B 181 -14.55 23.48 -29.50
C GLY B 181 -14.88 22.32 -28.61
N PRO B 182 -15.82 22.56 -27.70
CA PRO B 182 -16.06 21.68 -26.57
C PRO B 182 -16.75 20.32 -26.90
N PHE B 183 -17.66 20.26 -27.89
CA PHE B 183 -18.26 18.95 -28.28
C PHE B 183 -17.26 18.12 -29.05
N GLU B 184 -16.42 18.79 -29.85
CA GLU B 184 -15.33 18.06 -30.52
C GLU B 184 -14.28 17.58 -29.50
N PHE B 185 -13.96 18.41 -28.52
CA PHE B 185 -13.00 17.95 -27.43
C PHE B 185 -13.52 16.62 -26.77
N LEU B 186 -14.79 16.65 -26.47
CA LEU B 186 -15.42 15.54 -25.82
C LEU B 186 -15.48 14.30 -26.70
N THR B 187 -15.78 14.46 -28.01
CA THR B 187 -15.84 13.32 -28.93
C THR B 187 -14.45 12.80 -29.23
N ALA B 188 -13.51 13.73 -29.41
CA ALA B 188 -12.08 13.38 -29.59
C ALA B 188 -11.51 12.61 -28.41
N ILE B 189 -11.76 13.10 -27.21
CA ILE B 189 -10.99 12.60 -26.05
C ILE B 189 -11.81 11.62 -25.21
N SER B 190 -12.96 12.03 -24.65
CA SER B 190 -13.81 11.07 -23.91
C SER B 190 -14.25 9.88 -24.73
N PHE B 191 -14.67 10.08 -25.96
CA PHE B 191 -15.12 8.97 -26.79
C PHE B 191 -14.00 8.27 -27.57
N SER B 192 -13.35 8.95 -28.49
CA SER B 192 -12.34 8.22 -29.28
C SER B 192 -11.12 7.71 -28.55
N PHE B 193 -10.58 8.53 -27.68
CA PHE B 193 -9.29 8.25 -27.09
C PHE B 193 -9.55 7.45 -25.82
N GLU B 194 -10.45 7.97 -25.00
CA GLU B 194 -10.67 7.37 -23.67
C GLU B 194 -11.59 6.12 -23.66
N TYR B 195 -12.36 5.87 -24.73
CA TYR B 195 -13.25 4.71 -24.83
C TYR B 195 -12.76 3.73 -25.91
N VAL B 196 -12.79 4.17 -27.19
CA VAL B 196 -12.42 3.37 -28.36
C VAL B 196 -10.97 2.91 -28.32
N LEU B 197 -10.05 3.70 -27.75
CA LEU B 197 -8.62 3.38 -28.00
C LEU B 197 -7.86 3.19 -26.75
N THR B 198 -8.61 3.29 -25.68
CA THR B 198 -8.01 3.47 -24.36
C THR B 198 -7.10 2.28 -23.97
N ASN B 199 -7.55 1.10 -24.38
CA ASN B 199 -6.89 -0.13 -24.10
C ASN B 199 -5.66 -0.31 -24.96
N LEU B 200 -5.64 0.28 -26.16
CA LEU B 200 -4.45 0.22 -27.04
C LEU B 200 -3.31 1.10 -26.54
N LEU B 201 -3.63 2.06 -25.68
CA LEU B 201 -2.62 2.85 -24.97
C LEU B 201 -2.14 2.22 -23.64
N PHE B 202 -3.09 1.89 -22.79
CA PHE B 202 -2.86 1.49 -21.37
C PHE B 202 -2.18 0.16 -21.29
N VAL B 203 -2.96 -0.92 -21.63
CA VAL B 203 -2.61 -2.40 -21.65
C VAL B 203 -1.18 -2.75 -22.13
N PRO B 204 -0.78 -2.17 -23.32
CA PRO B 204 0.62 -2.48 -23.60
C PRO B 204 1.61 -1.98 -22.49
N PHE B 205 1.46 -0.75 -22.05
CA PHE B 205 2.28 -0.24 -20.96
C PHE B 205 2.02 -1.06 -19.61
N MET B 206 0.78 -1.22 -19.16
CA MET B 206 0.57 -1.68 -17.79
C MET B 206 0.92 -3.17 -17.61
N SER B 207 0.37 -3.99 -18.51
CA SER B 207 0.71 -5.42 -18.56
C SER B 207 2.15 -5.64 -19.01
N GLY B 208 2.67 -4.76 -19.88
CA GLY B 208 4.13 -4.78 -20.13
C GLY B 208 4.95 -4.59 -18.87
N ALA B 209 4.59 -3.57 -18.08
CA ALA B 209 5.27 -3.32 -16.81
C ALA B 209 5.12 -4.56 -15.92
N ALA B 210 3.95 -5.16 -15.95
CA ALA B 210 3.68 -6.52 -15.39
C ALA B 210 4.68 -7.62 -15.77
N TYR B 211 4.71 -7.99 -17.04
CA TYR B 211 5.64 -8.95 -17.61
C TYR B 211 7.16 -8.67 -17.40
N ASN B 212 7.48 -7.49 -16.84
CA ASN B 212 8.84 -6.90 -16.81
C ASN B 212 9.39 -6.47 -15.46
N GLY B 213 8.72 -6.82 -14.36
CA GLY B 213 9.19 -6.54 -12.96
C GLY B 213 9.13 -5.13 -12.41
N ASP B 214 8.29 -4.30 -13.05
CA ASP B 214 8.14 -2.88 -12.71
C ASP B 214 6.87 -2.66 -11.91
N MET B 215 7.04 -2.84 -10.62
CA MET B 215 5.99 -2.71 -9.68
C MET B 215 5.42 -1.30 -9.64
N ALA B 216 6.25 -0.28 -9.72
CA ALA B 216 5.73 1.08 -9.67
C ALA B 216 4.71 1.41 -10.75
N THR B 217 4.99 1.04 -12.01
CA THR B 217 4.10 1.35 -13.14
C THR B 217 2.87 0.50 -13.15
N VAL B 218 2.95 -0.78 -12.80
CA VAL B 218 1.76 -1.63 -12.70
C VAL B 218 0.81 -1.09 -11.64
N THR B 219 1.42 -0.68 -10.51
CA THR B 219 0.69 -0.14 -9.36
C THR B 219 -0.22 1.01 -9.79
N PHE B 220 0.34 2.05 -10.40
N PHE B 220 0.36 2.01 -10.43
CA PHE B 220 -0.53 3.08 -10.92
CA PHE B 220 -0.51 3.04 -10.82
C PHE B 220 -1.67 2.45 -11.75
C PHE B 220 -1.61 2.55 -11.82
N GLY B 221 -1.30 1.56 -12.68
CA GLY B 221 -2.27 1.09 -13.71
C GLY B 221 -3.48 0.46 -13.04
N PHE B 222 -3.19 -0.56 -12.22
N PHE B 222 -3.24 -0.55 -12.20
CA PHE B 222 -4.10 -1.11 -11.19
CA PHE B 222 -4.30 -1.09 -11.32
C PHE B 222 -4.98 -0.04 -10.51
C PHE B 222 -5.07 0.01 -10.51
N SER B 223 -4.35 1.03 -10.02
CA SER B 223 -5.02 2.17 -9.34
C SER B 223 -5.90 3.02 -10.26
N ALA B 224 -5.46 3.21 -11.51
CA ALA B 224 -6.27 4.08 -12.39
C ALA B 224 -7.50 3.28 -13.07
N GLN B 225 -7.48 1.98 -12.89
CA GLN B 225 -8.56 1.11 -13.48
C GLN B 225 -10.02 1.59 -13.12
N SER B 226 -10.25 1.96 -11.86
CA SER B 226 -11.57 2.50 -11.54
C SER B 226 -11.78 3.92 -12.01
N ASP B 227 -10.71 4.68 -12.37
CA ASP B 227 -10.88 6.08 -12.84
C ASP B 227 -11.35 5.90 -14.28
N GLU B 228 -10.70 4.95 -14.96
CA GLU B 228 -10.94 4.66 -16.37
C GLU B 228 -12.35 4.13 -16.64
N ALA B 229 -12.81 3.24 -15.78
CA ALA B 229 -14.17 2.83 -15.88
C ALA B 229 -15.08 4.05 -16.00
N ARG B 230 -14.86 5.08 -15.18
CA ARG B 230 -15.77 6.26 -15.17
C ARG B 230 -15.57 7.07 -16.44
N HIS B 231 -14.31 7.10 -16.87
CA HIS B 231 -13.86 7.82 -18.04
C HIS B 231 -14.45 7.20 -19.38
N MET B 232 -14.52 5.88 -19.45
CA MET B 232 -15.21 5.21 -20.56
C MET B 232 -16.70 5.57 -20.61
N THR B 233 -17.32 5.64 -19.43
CA THR B 233 -18.75 5.81 -19.32
C THR B 233 -19.16 7.18 -19.77
N LEU B 234 -18.42 8.21 -19.39
CA LEU B 234 -18.67 9.53 -19.94
C LEU B 234 -18.51 9.55 -21.50
N GLY B 235 -17.51 8.86 -22.05
CA GLY B 235 -17.32 8.81 -23.48
C GLY B 235 -18.49 8.17 -24.24
N LEU B 236 -19.02 7.06 -23.74
CA LEU B 236 -20.19 6.47 -24.32
C LEU B 236 -21.45 7.33 -24.07
N GLU B 237 -21.63 7.85 -22.86
CA GLU B 237 -22.83 8.59 -22.57
C GLU B 237 -22.90 9.83 -23.40
N VAL B 238 -21.74 10.35 -23.75
CA VAL B 238 -21.69 11.59 -24.53
C VAL B 238 -21.94 11.41 -26.02
N ILE B 239 -21.31 10.49 -26.73
CA ILE B 239 -21.74 10.44 -28.12
C ILE B 239 -23.21 10.04 -28.28
N LYS B 240 -23.68 9.07 -27.47
CA LYS B 240 -25.09 8.71 -27.42
C LYS B 240 -25.96 9.90 -27.17
N PHE B 241 -25.61 10.77 -26.23
CA PHE B 241 -26.43 11.93 -25.96
C PHE B 241 -26.41 12.99 -27.10
N ILE B 242 -25.24 13.28 -27.64
CA ILE B 242 -25.11 14.22 -28.70
C ILE B 242 -25.87 13.71 -29.94
N LEU B 243 -25.65 12.45 -30.33
CA LEU B 243 -26.32 11.81 -31.47
C LEU B 243 -27.85 11.95 -31.44
N GLU B 244 -28.47 11.61 -30.32
CA GLU B 244 -29.90 11.56 -30.11
C GLU B 244 -30.52 12.92 -29.95
N GLN B 245 -29.68 13.92 -29.75
CA GLN B 245 -30.13 15.25 -29.33
C GLN B 245 -30.68 16.02 -30.53
N HIS B 246 -30.13 15.73 -31.70
CA HIS B 246 -30.58 16.29 -32.92
C HIS B 246 -30.04 15.46 -34.08
N GLU B 247 -30.88 15.24 -35.07
CA GLU B 247 -30.45 14.49 -36.24
C GLU B 247 -29.33 15.18 -37.01
N ASP B 248 -29.28 16.50 -37.03
CA ASP B 248 -28.17 17.20 -37.73
C ASP B 248 -26.78 16.97 -37.04
N ASN B 249 -26.75 16.43 -35.82
CA ASN B 249 -25.48 16.18 -35.09
C ASN B 249 -24.77 15.00 -35.70
N VAL B 250 -25.55 14.11 -36.33
CA VAL B 250 -25.05 12.82 -36.76
C VAL B 250 -23.92 13.01 -37.79
N PRO B 251 -24.13 13.82 -38.85
CA PRO B 251 -22.95 13.93 -39.74
C PRO B 251 -21.72 14.66 -39.16
N ILE B 252 -21.94 15.68 -38.31
CA ILE B 252 -20.82 16.35 -37.60
C ILE B 252 -20.04 15.34 -36.74
N VAL B 253 -20.74 14.63 -35.87
CA VAL B 253 -20.18 13.53 -35.08
C VAL B 253 -19.43 12.47 -35.88
N GLN B 254 -20.04 12.01 -36.99
CA GLN B 254 -19.36 11.06 -37.86
C GLN B 254 -17.98 11.58 -38.25
N ARG B 255 -17.93 12.79 -38.78
CA ARG B 255 -16.67 13.43 -39.20
C ARG B 255 -15.63 13.45 -38.08
N TRP B 256 -16.08 13.79 -36.88
CA TRP B 256 -15.23 13.82 -35.71
C TRP B 256 -14.68 12.46 -35.43
N ILE B 257 -15.54 11.45 -35.51
CA ILE B 257 -15.14 10.04 -35.32
C ILE B 257 -14.11 9.63 -36.37
N ASP B 258 -14.31 10.08 -37.61
CA ASP B 258 -13.31 9.75 -38.65
C ASP B 258 -11.92 10.36 -38.30
N LYS B 259 -11.94 11.67 -38.09
CA LYS B 259 -10.77 12.48 -37.78
C LYS B 259 -10.08 11.91 -36.55
N TRP B 260 -10.84 11.61 -35.49
CA TRP B 260 -10.15 11.31 -34.22
C TRP B 260 -9.75 9.85 -34.10
N PHE B 261 -10.49 8.94 -34.76
CA PHE B 261 -9.96 7.61 -34.97
C PHE B 261 -8.58 7.63 -35.68
N TRP B 262 -8.45 8.42 -36.75
CA TRP B 262 -7.25 8.34 -37.57
C TRP B 262 -6.16 9.05 -36.76
N ARG B 263 -6.48 10.19 -36.14
CA ARG B 263 -5.46 10.84 -35.36
C ARG B 263 -5.06 9.95 -34.19
N GLY B 264 -6.06 9.38 -33.52
CA GLY B 264 -5.79 8.42 -32.41
C GLY B 264 -4.91 7.27 -32.90
N PHE B 265 -5.23 6.73 -34.03
CA PHE B 265 -4.46 5.60 -34.51
C PHE B 265 -3.02 6.00 -34.88
N ARG B 266 -2.81 7.19 -35.45
CA ARG B 266 -1.41 7.61 -35.76
C ARG B 266 -0.61 7.79 -34.44
N LEU B 267 -1.24 8.42 -33.45
CA LEU B 267 -0.63 8.57 -32.15
C LEU B 267 -0.27 7.20 -31.58
N LEU B 268 -1.16 6.20 -31.68
CA LEU B 268 -0.77 4.83 -31.24
C LEU B 268 0.40 4.13 -31.98
N SER B 269 0.79 4.59 -33.14
CA SER B 269 1.95 3.98 -33.71
C SER B 269 3.02 3.85 -32.64
N LEU B 270 3.19 4.85 -31.78
CA LEU B 270 4.37 4.86 -30.85
C LEU B 270 4.24 3.76 -29.86
N VAL B 271 3.00 3.43 -29.51
CA VAL B 271 2.74 2.32 -28.60
C VAL B 271 3.09 0.95 -29.19
N SER B 272 2.79 0.75 -30.48
CA SER B 272 3.06 -0.53 -31.16
C SER B 272 4.52 -0.89 -31.15
N MET B 273 5.35 0.11 -31.47
CA MET B 273 6.77 -0.06 -31.43
C MET B 273 7.24 -0.37 -30.02
N MET B 274 6.69 0.34 -29.04
CA MET B 274 7.01 0.13 -27.65
C MET B 274 6.69 -1.31 -27.26
N MET B 275 5.43 -1.75 -27.42
CA MET B 275 5.07 -3.11 -26.92
C MET B 275 5.82 -4.23 -27.67
N ASP B 276 6.00 -4.08 -29.01
CA ASP B 276 6.77 -5.09 -29.76
C ASP B 276 8.29 -5.12 -29.54
N TYR B 277 8.88 -3.96 -29.29
CA TYR B 277 10.34 -3.87 -29.23
C TYR B 277 10.92 -3.53 -27.89
N MET B 278 10.23 -2.67 -27.12
CA MET B 278 10.86 -2.08 -25.97
C MET B 278 10.61 -2.94 -24.75
N LEU B 279 9.68 -3.90 -24.81
CA LEU B 279 9.48 -4.74 -23.63
C LEU B 279 10.37 -5.97 -23.73
N PRO B 280 11.39 -6.13 -22.87
CA PRO B 280 12.19 -7.37 -23.04
C PRO B 280 11.35 -8.65 -23.02
N ASN B 281 10.43 -8.77 -22.05
CA ASN B 281 9.42 -9.81 -22.06
C ASN B 281 8.16 -9.31 -22.71
N LYS B 282 7.74 -10.05 -23.72
CA LYS B 282 6.63 -9.64 -24.54
C LYS B 282 5.37 -10.07 -23.85
N VAL B 283 4.32 -9.34 -24.12
CA VAL B 283 3.00 -9.55 -23.59
C VAL B 283 2.10 -10.06 -24.71
N MET B 284 2.03 -9.32 -25.77
CA MET B 284 1.02 -9.52 -26.75
C MET B 284 1.73 -8.80 -27.87
N SER B 285 1.52 -9.22 -29.11
CA SER B 285 2.04 -8.49 -30.22
C SER B 285 1.12 -7.31 -30.54
N TRP B 286 1.68 -6.22 -31.07
CA TRP B 286 0.80 -5.12 -31.48
C TRP B 286 -0.35 -5.64 -32.33
N SER B 287 -0.06 -6.58 -33.23
CA SER B 287 -1.05 -7.18 -34.12
C SER B 287 -2.24 -7.82 -33.36
N GLU B 288 -1.93 -8.63 -32.38
CA GLU B 288 -2.94 -9.12 -31.47
C GLU B 288 -3.67 -8.00 -30.74
N ALA B 289 -2.92 -7.04 -30.19
CA ALA B 289 -3.58 -5.98 -29.41
C ALA B 289 -4.56 -5.23 -30.33
N TRP B 290 -4.18 -4.95 -31.57
CA TRP B 290 -5.12 -4.19 -32.40
C TRP B 290 -6.44 -4.95 -32.78
N GLU B 291 -6.27 -6.25 -32.94
CA GLU B 291 -7.32 -7.14 -33.38
C GLU B 291 -8.31 -7.37 -32.26
N VAL B 292 -7.83 -7.55 -31.04
CA VAL B 292 -8.71 -7.69 -29.92
C VAL B 292 -9.39 -6.39 -29.65
N TYR B 293 -8.60 -5.38 -29.27
CA TYR B 293 -9.10 -4.08 -28.79
C TYR B 293 -9.68 -3.20 -29.85
N TYR B 294 -9.20 -3.33 -31.07
CA TYR B 294 -9.91 -2.56 -32.08
C TYR B 294 -10.82 -3.44 -33.00
N GLU B 295 -10.28 -4.41 -33.74
CA GLU B 295 -11.11 -5.01 -34.75
C GLU B 295 -12.36 -5.66 -34.08
N GLN B 296 -12.12 -6.43 -33.01
CA GLN B 296 -13.23 -7.04 -32.25
C GLN B 296 -14.11 -6.08 -31.46
N ASN B 297 -13.57 -5.39 -30.45
CA ASN B 297 -14.39 -4.57 -29.53
C ASN B 297 -14.96 -3.33 -30.19
N GLY B 298 -14.10 -2.70 -31.01
CA GLY B 298 -14.48 -1.54 -31.77
C GLY B 298 -15.49 -1.90 -32.81
N GLY B 299 -15.25 -3.00 -33.53
CA GLY B 299 -16.28 -3.55 -34.42
C GLY B 299 -17.66 -3.59 -33.76
N ALA B 300 -17.68 -4.24 -32.60
CA ALA B 300 -18.86 -4.42 -31.76
C ALA B 300 -19.53 -3.09 -31.38
N LEU B 301 -18.73 -2.18 -30.82
CA LEU B 301 -19.20 -0.82 -30.41
C LEU B 301 -19.82 0.06 -31.51
N PHE B 302 -19.17 0.14 -32.67
CA PHE B 302 -19.71 0.86 -33.81
C PHE B 302 -20.97 0.23 -34.33
N LYS B 303 -21.07 -1.11 -34.26
CA LYS B 303 -22.32 -1.82 -34.59
C LYS B 303 -23.51 -1.37 -33.70
N ASP B 304 -23.26 -1.29 -32.39
CA ASP B 304 -24.21 -0.69 -31.48
C ASP B 304 -24.67 0.71 -31.97
N LEU B 305 -23.78 1.47 -32.60
CA LEU B 305 -24.07 2.87 -32.87
C LEU B 305 -24.74 3.00 -34.21
N GLU B 306 -24.86 1.88 -34.91
CA GLU B 306 -25.61 1.81 -36.15
C GLU B 306 -27.02 2.39 -35.99
N ARG B 307 -27.62 2.22 -34.82
CA ARG B 307 -28.96 2.67 -34.48
C ARG B 307 -29.13 4.17 -34.54
N TYR B 308 -27.99 4.87 -34.44
CA TYR B 308 -27.96 6.35 -34.40
C TYR B 308 -27.60 6.88 -35.78
N GLY B 309 -27.30 5.99 -36.72
CA GLY B 309 -26.92 6.40 -38.07
C GLY B 309 -25.41 6.49 -38.25
N ILE B 310 -24.64 5.95 -37.32
CA ILE B 310 -23.16 6.00 -37.35
C ILE B 310 -22.48 4.76 -38.02
N ARG B 311 -21.61 4.99 -39.02
CA ARG B 311 -20.77 3.89 -39.52
C ARG B 311 -19.34 3.86 -38.93
N PRO B 312 -18.66 2.70 -39.00
CA PRO B 312 -17.30 2.69 -38.40
C PRO B 312 -16.36 3.77 -39.05
N PRO B 313 -15.24 4.10 -38.38
CA PRO B 313 -14.31 5.12 -38.89
C PRO B 313 -13.76 4.85 -40.29
N LYS B 314 -13.73 5.90 -41.08
CA LYS B 314 -13.12 5.85 -42.39
C LYS B 314 -11.62 5.46 -42.32
N TYR B 315 -11.21 4.55 -43.23
CA TYR B 315 -9.84 4.02 -43.39
C TYR B 315 -9.50 3.06 -42.31
N GLN B 316 -10.52 2.70 -41.56
CA GLN B 316 -10.41 1.63 -40.59
C GLN B 316 -9.66 0.42 -41.20
N ASP B 317 -9.94 0.10 -42.46
CA ASP B 317 -9.31 -1.02 -43.16
C ASP B 317 -7.79 -0.88 -43.31
N VAL B 318 -7.34 0.37 -43.56
CA VAL B 318 -5.92 0.68 -43.67
C VAL B 318 -5.23 0.41 -42.29
N ALA B 319 -5.92 0.82 -41.23
CA ALA B 319 -5.34 0.67 -39.94
C ALA B 319 -5.21 -0.82 -39.65
N ASN B 320 -6.24 -1.61 -40.05
CA ASN B 320 -6.20 -3.06 -39.82
C ASN B 320 -5.06 -3.74 -40.57
N ASP B 321 -4.86 -3.42 -41.84
CA ASP B 321 -3.72 -3.93 -42.59
C ASP B 321 -2.34 -3.44 -42.04
N ALA B 322 -2.29 -2.21 -41.51
CA ALA B 322 -1.03 -1.58 -41.01
C ALA B 322 -0.48 -2.34 -39.78
N LYS B 323 -1.39 -3.08 -39.10
CA LYS B 323 -1.01 -3.73 -37.85
C LYS B 323 0.13 -4.76 -38.03
N HIS B 324 0.32 -5.26 -39.26
CA HIS B 324 1.41 -6.17 -39.59
C HIS B 324 2.77 -5.51 -39.83
N HIS B 325 2.79 -4.17 -39.77
CA HIS B 325 3.92 -3.31 -40.28
C HIS B 325 4.43 -2.28 -39.31
N LEU B 326 3.44 -1.66 -38.67
CA LEU B 326 3.56 -0.47 -37.78
C LEU B 326 4.74 -0.51 -36.86
N SER B 327 4.78 -1.50 -35.97
CA SER B 327 5.87 -1.53 -35.01
C SER B 327 7.30 -1.61 -35.65
N HIS B 328 7.39 -2.39 -36.72
CA HIS B 328 8.63 -2.63 -37.53
C HIS B 328 9.10 -1.33 -38.21
N GLN B 329 8.15 -0.67 -38.88
CA GLN B 329 8.34 0.58 -39.52
C GLN B 329 8.80 1.67 -38.53
N LEU B 330 8.12 1.77 -37.40
CA LEU B 330 8.46 2.75 -36.34
C LEU B 330 9.78 2.50 -35.68
N TRP B 331 10.06 1.25 -35.37
CA TRP B 331 11.33 0.95 -34.77
C TRP B 331 12.49 1.27 -35.69
N THR B 332 12.41 0.91 -36.95
CA THR B 332 13.55 1.22 -37.80
C THR B 332 13.76 2.75 -38.02
N THR B 333 12.67 3.53 -37.89
CA THR B 333 12.69 5.01 -37.95
C THR B 333 13.44 5.52 -36.73
N PHE B 334 12.98 5.08 -35.56
CA PHE B 334 13.67 5.50 -34.34
C PHE B 334 15.08 5.05 -34.23
N TYR B 335 15.32 3.81 -34.62
CA TYR B 335 16.70 3.28 -34.70
C TYR B 335 17.65 4.32 -35.39
N GLN B 336 17.24 4.81 -36.55
CA GLN B 336 18.17 5.52 -37.42
C GLN B 336 18.21 7.00 -37.04
N TYR B 337 17.27 7.42 -36.19
CA TYR B 337 17.24 8.80 -35.65
C TYR B 337 17.51 8.97 -34.15
N CYS B 338 18.03 7.92 -33.50
CA CYS B 338 18.11 7.96 -32.03
C CYS B 338 19.29 8.75 -31.48
N GLN B 339 20.13 9.29 -32.36
CA GLN B 339 21.04 10.41 -32.04
C GLN B 339 20.23 11.63 -31.66
N ALA B 340 18.95 11.70 -32.06
CA ALA B 340 18.14 12.84 -31.69
C ALA B 340 16.89 12.50 -30.79
N THR B 341 16.95 11.38 -30.05
CA THR B 341 15.88 10.96 -29.09
C THR B 341 16.38 10.99 -27.63
N ASN B 342 15.47 11.07 -26.66
CA ASN B 342 15.86 10.96 -25.25
C ASN B 342 15.87 9.49 -24.79
N PHE B 343 15.71 8.53 -25.71
CA PHE B 343 15.76 7.11 -25.39
C PHE B 343 16.59 6.37 -26.43
N HIS B 344 16.94 5.12 -26.06
CA HIS B 344 17.85 4.27 -26.84
C HIS B 344 17.08 3.34 -27.73
N THR B 345 17.71 2.91 -28.81
CA THR B 345 17.18 1.83 -29.64
C THR B 345 18.29 0.84 -29.73
N TRP B 346 18.00 -0.33 -30.31
CA TRP B 346 18.98 -1.39 -30.44
C TRP B 346 18.44 -2.38 -31.45
N ILE B 347 19.28 -3.33 -31.85
CA ILE B 347 18.82 -4.49 -32.64
C ILE B 347 18.20 -5.57 -31.74
N PRO B 348 16.96 -6.03 -32.02
CA PRO B 348 16.42 -7.09 -31.17
C PRO B 348 17.32 -8.34 -31.14
N GLU B 349 17.23 -9.12 -30.05
CA GLU B 349 17.94 -10.41 -29.90
C GLU B 349 17.38 -11.45 -30.85
N LYS B 350 18.14 -12.51 -31.18
CA LYS B 350 17.58 -13.60 -32.00
C LYS B 350 16.24 -14.11 -31.46
N GLU B 351 16.08 -14.19 -30.15
CA GLU B 351 14.83 -14.73 -29.61
C GLU B 351 13.65 -13.80 -29.74
N GLU B 352 13.88 -12.48 -29.73
CA GLU B 352 12.84 -11.50 -29.98
C GLU B 352 12.41 -11.56 -31.42
N MET B 353 13.38 -11.73 -32.31
CA MET B 353 13.08 -11.85 -33.74
C MET B 353 12.32 -13.14 -34.16
N ASP B 354 12.63 -14.26 -33.49
CA ASP B 354 11.87 -15.52 -33.68
C ASP B 354 10.44 -15.29 -33.21
N TRP B 355 10.28 -14.69 -32.02
CA TRP B 355 8.93 -14.23 -31.58
C TRP B 355 8.21 -13.41 -32.64
N MET B 356 8.87 -12.38 -33.19
CA MET B 356 8.29 -11.51 -34.22
C MET B 356 7.92 -12.25 -35.50
N SER B 357 8.78 -13.18 -35.93
CA SER B 357 8.52 -14.11 -37.06
C SER B 357 7.22 -14.89 -36.80
N GLU B 358 7.00 -15.31 -35.55
CA GLU B 358 5.84 -16.08 -35.18
C GLU B 358 4.62 -15.20 -35.18
N LYS B 359 4.74 -14.03 -34.56
CA LYS B 359 3.62 -13.06 -34.47
C LYS B 359 3.32 -12.37 -35.77
N TYR B 360 4.27 -12.34 -36.71
CA TYR B 360 4.11 -11.60 -37.95
C TYR B 360 4.54 -12.48 -39.10
N PRO B 361 3.74 -13.60 -39.34
CA PRO B 361 4.18 -14.72 -40.17
C PRO B 361 4.25 -14.35 -41.65
N ASP B 362 3.48 -13.35 -42.06
CA ASP B 362 3.40 -12.92 -43.44
C ASP B 362 4.27 -11.69 -43.80
N THR B 363 4.80 -11.03 -42.77
CA THR B 363 5.53 -9.74 -42.99
C THR B 363 6.93 -9.68 -42.43
N PHE B 364 7.19 -10.30 -41.30
CA PHE B 364 8.48 -10.04 -40.65
C PHE B 364 9.72 -10.45 -41.48
N ASP B 365 9.73 -11.72 -41.87
CA ASP B 365 10.85 -12.31 -42.56
C ASP B 365 11.02 -11.73 -43.96
N LYS B 366 9.91 -11.50 -44.63
CA LYS B 366 9.94 -10.87 -45.95
C LYS B 366 10.58 -9.44 -45.86
N TYR B 367 10.05 -8.62 -44.95
CA TYR B 367 10.30 -7.17 -44.96
C TYR B 367 11.26 -6.64 -43.92
N TYR B 368 11.24 -7.21 -42.70
CA TYR B 368 11.90 -6.60 -41.52
C TYR B 368 13.13 -7.35 -41.00
N ARG B 369 13.11 -8.67 -40.99
CA ARG B 369 14.28 -9.41 -40.53
C ARG B 369 15.55 -9.04 -41.32
N PRO B 370 15.43 -8.91 -42.66
CA PRO B 370 16.62 -8.47 -43.43
C PRO B 370 17.17 -7.09 -43.02
N ARG B 371 16.30 -6.19 -42.53
CA ARG B 371 16.82 -4.93 -41.99
C ARG B 371 17.79 -5.23 -40.87
N TYR B 372 17.35 -6.02 -39.87
CA TYR B 372 18.18 -6.28 -38.67
C TYR B 372 19.46 -6.99 -38.97
N GLU B 373 19.42 -7.91 -39.96
CA GLU B 373 20.61 -8.61 -40.48
C GLU B 373 21.64 -7.63 -41.11
N TYR B 374 21.11 -6.74 -41.95
CA TYR B 374 21.91 -5.68 -42.55
C TYR B 374 22.48 -4.74 -41.47
N LEU B 375 21.59 -4.21 -40.65
CA LEU B 375 21.99 -3.27 -39.62
C LEU B 375 22.99 -3.88 -38.67
N ALA B 376 22.82 -5.18 -38.41
CA ALA B 376 23.72 -5.87 -37.51
C ALA B 376 25.10 -6.05 -38.11
N LYS B 377 25.13 -6.45 -39.38
CA LYS B 377 26.43 -6.44 -40.07
C LYS B 377 27.18 -5.08 -40.09
N GLU B 378 26.47 -3.98 -40.32
CA GLU B 378 27.11 -2.65 -40.30
C GLU B 378 27.67 -2.33 -38.93
N ALA B 379 26.86 -2.62 -37.91
CA ALA B 379 27.27 -2.31 -36.55
C ALA B 379 28.53 -3.03 -36.21
N ALA B 380 28.60 -4.34 -36.53
CA ALA B 380 29.79 -5.16 -36.29
C ALA B 380 31.04 -4.63 -37.05
N ALA B 381 30.83 -3.87 -38.14
CA ALA B 381 31.95 -3.32 -38.95
C ALA B 381 32.34 -1.92 -38.53
N GLY B 382 31.71 -1.42 -37.46
CA GLY B 382 32.06 -0.10 -36.90
C GLY B 382 31.24 0.98 -37.57
N ARG B 383 30.17 0.58 -38.27
CA ARG B 383 29.30 1.45 -39.10
C ARG B 383 27.82 1.46 -38.68
N ARG B 384 27.59 1.46 -37.37
CA ARG B 384 26.20 1.56 -36.79
C ARG B 384 25.51 2.74 -37.49
N PHE B 385 24.38 2.47 -38.11
CA PHE B 385 23.71 3.40 -38.96
C PHE B 385 22.90 4.42 -38.23
N TYR B 386 23.27 5.70 -38.42
CA TYR B 386 22.45 6.85 -38.04
C TYR B 386 22.19 7.66 -39.29
N ASN B 387 20.93 8.04 -39.50
CA ASN B 387 20.49 8.77 -40.65
C ASN B 387 20.71 10.24 -40.29
N ASN B 388 21.75 10.84 -40.86
CA ASN B 388 22.11 12.27 -40.61
C ASN B 388 21.30 13.32 -41.35
N THR B 389 20.30 12.84 -42.10
CA THR B 389 19.36 13.76 -42.80
C THR B 389 17.98 13.61 -42.31
N LEU B 390 17.38 14.70 -41.88
CA LEU B 390 16.04 14.75 -41.28
C LEU B 390 14.96 14.42 -42.28
N PRO B 391 13.81 13.94 -41.77
CA PRO B 391 12.77 13.39 -42.59
C PRO B 391 11.71 14.38 -42.93
N GLN B 392 10.99 14.12 -44.02
CA GLN B 392 9.72 14.73 -44.27
C GLN B 392 8.75 14.29 -43.16
N LEU B 393 7.91 15.23 -42.67
CA LEU B 393 6.96 15.00 -41.61
C LEU B 393 5.59 15.14 -42.21
N CYS B 394 4.65 14.36 -41.71
CA CYS B 394 3.30 14.61 -42.05
C CYS B 394 2.73 15.94 -41.49
N GLN B 395 2.07 16.73 -42.35
CA GLN B 395 1.47 17.99 -41.93
C GLN B 395 0.37 17.89 -40.82
N VAL B 396 -0.30 16.73 -40.74
CA VAL B 396 -1.36 16.57 -39.74
C VAL B 396 -0.81 15.85 -38.46
N CYS B 397 -0.32 14.61 -38.57
CA CYS B 397 0.06 13.86 -37.36
C CYS B 397 1.49 14.13 -36.95
N GLN B 398 2.27 14.62 -37.90
CA GLN B 398 3.64 15.13 -37.72
C GLN B 398 4.59 14.00 -37.56
N ILE B 399 4.14 12.78 -37.82
CA ILE B 399 5.08 11.63 -37.77
C ILE B 399 5.81 11.70 -39.11
N PRO B 400 7.12 11.32 -39.15
CA PRO B 400 7.71 11.24 -40.46
C PRO B 400 6.88 10.37 -41.43
N THR B 401 7.00 10.65 -42.73
CA THR B 401 6.19 9.95 -43.75
C THR B 401 6.78 8.53 -44.08
N ILE B 402 6.68 7.65 -43.06
CA ILE B 402 7.31 6.35 -43.11
C ILE B 402 6.28 5.25 -43.41
N PHE B 403 5.03 5.62 -43.60
CA PHE B 403 3.95 4.66 -43.70
C PHE B 403 3.71 4.18 -45.14
N THR B 404 3.29 2.91 -45.33
CA THR B 404 3.23 2.30 -46.70
C THR B 404 1.79 2.11 -47.21
N GLU B 405 1.58 2.11 -48.53
CA GLU B 405 0.25 1.89 -49.12
C GLU B 405 -0.29 0.55 -48.72
N LYS B 406 -1.60 0.47 -48.46
CA LYS B 406 -2.20 -0.81 -48.08
C LYS B 406 -1.77 -1.86 -49.11
N ASP B 407 -1.32 -3.02 -48.67
CA ASP B 407 -1.02 -4.07 -49.64
C ASP B 407 0.16 -3.76 -50.58
N ALA B 408 0.85 -2.63 -50.37
CA ALA B 408 2.15 -2.40 -51.02
C ALA B 408 3.21 -1.87 -50.00
N PRO B 409 3.69 -2.78 -49.15
CA PRO B 409 4.54 -2.53 -48.00
C PRO B 409 5.89 -1.88 -48.33
N THR B 410 6.09 -1.58 -49.62
CA THR B 410 7.39 -1.18 -50.18
C THR B 410 7.31 0.23 -50.79
N MET B 411 6.08 0.74 -50.84
CA MET B 411 5.72 1.99 -51.41
C MET B 411 5.13 2.90 -50.32
N LEU B 412 5.78 4.03 -50.04
CA LEU B 412 5.26 5.00 -49.02
C LEU B 412 3.90 5.55 -49.41
N SER B 413 2.92 5.62 -48.52
CA SER B 413 1.69 6.25 -48.86
C SER B 413 1.75 7.79 -48.87
N HIS B 414 2.87 8.38 -49.30
CA HIS B 414 2.97 9.82 -49.49
C HIS B 414 1.76 10.35 -50.20
N ARG B 415 1.16 11.46 -49.70
CA ARG B 415 0.25 12.34 -50.47
C ARG B 415 0.75 13.82 -50.38
N GLN B 416 0.39 14.67 -51.36
CA GLN B 416 0.56 16.13 -51.31
C GLN B 416 -0.59 16.92 -51.95
N ILE B 417 -0.78 18.15 -51.51
CA ILE B 417 -1.65 19.08 -52.19
C ILE B 417 -1.01 20.50 -52.21
N GLU B 418 -1.71 21.42 -52.89
CA GLU B 418 -1.46 22.84 -52.85
C GLU B 418 -2.66 23.46 -52.20
N HIS B 419 -2.41 24.39 -51.28
CA HIS B 419 -3.49 25.17 -50.66
C HIS B 419 -3.02 26.63 -50.55
N GLU B 420 -3.78 27.54 -51.17
CA GLU B 420 -3.46 28.96 -51.22
C GLU B 420 -1.98 29.25 -51.60
N GLY B 421 -1.49 28.58 -52.65
CA GLY B 421 -0.16 28.80 -53.15
C GLY B 421 0.98 28.00 -52.49
N GLU B 422 0.64 27.17 -51.51
CA GLU B 422 1.66 26.47 -50.72
C GLU B 422 1.52 24.96 -50.87
N ARG B 423 2.64 24.22 -50.74
CA ARG B 423 2.64 22.75 -50.72
C ARG B 423 2.63 22.12 -49.32
N TYR B 424 1.84 21.04 -49.18
CA TYR B 424 1.66 20.33 -47.92
C TYR B 424 1.65 18.90 -48.30
N HIS B 425 2.29 18.13 -47.43
CA HIS B 425 2.55 16.72 -47.62
C HIS B 425 1.93 15.91 -46.43
N PHE B 426 1.51 14.67 -46.69
CA PHE B 426 0.84 13.83 -45.69
C PHE B 426 1.36 12.40 -45.77
N CYS B 427 1.21 11.65 -44.66
CA CYS B 427 1.66 10.26 -44.66
C CYS B 427 0.63 9.32 -45.28
N SER B 428 -0.56 9.82 -45.57
CA SER B 428 -1.73 8.93 -45.74
C SER B 428 -2.89 9.75 -46.23
N ASP B 429 -3.91 9.08 -46.78
CA ASP B 429 -5.21 9.70 -47.16
C ASP B 429 -6.00 10.16 -45.97
N GLY B 430 -5.92 9.40 -44.89
CA GLY B 430 -6.55 9.81 -43.64
C GLY B 430 -6.13 11.19 -43.13
N CYS B 431 -4.85 11.48 -43.15
CA CYS B 431 -4.31 12.82 -42.75
C CYS B 431 -4.63 13.84 -43.79
N CYS B 432 -4.46 13.47 -45.09
CA CYS B 432 -4.92 14.34 -46.19
C CYS B 432 -6.32 14.78 -46.10
N ASP B 433 -7.26 13.86 -45.88
CA ASP B 433 -8.63 14.32 -45.65
C ASP B 433 -8.79 15.20 -44.42
N ILE B 434 -8.08 14.93 -43.32
CA ILE B 434 -8.23 15.81 -42.16
C ILE B 434 -7.77 17.24 -42.52
N PHE B 435 -6.70 17.36 -43.30
CA PHE B 435 -6.22 18.66 -43.75
C PHE B 435 -7.28 19.39 -44.58
N LYS B 436 -7.80 18.70 -45.60
CA LYS B 436 -8.79 19.27 -46.56
C LYS B 436 -9.99 19.83 -45.89
N HIS B 437 -10.44 19.18 -44.80
CA HIS B 437 -11.56 19.75 -44.12
C HIS B 437 -11.17 20.98 -43.30
N GLU B 438 -9.95 21.07 -42.74
CA GLU B 438 -9.61 22.28 -41.92
C GLU B 438 -8.18 22.81 -42.25
N PRO B 439 -7.99 23.21 -43.51
CA PRO B 439 -6.62 23.59 -43.84
C PRO B 439 -6.13 24.83 -43.06
N GLU B 440 -7.07 25.66 -42.61
N GLU B 440 -7.00 25.75 -42.65
CA GLU B 440 -6.79 26.92 -41.91
CA GLU B 440 -6.50 26.94 -41.96
C GLU B 440 -6.13 26.65 -40.53
C GLU B 440 -6.00 26.61 -40.53
N LYS B 441 -6.52 25.53 -39.92
CA LYS B 441 -5.96 25.02 -38.67
C LYS B 441 -4.54 24.45 -38.92
N TYR B 442 -4.40 23.46 -39.83
CA TYR B 442 -3.12 22.72 -39.93
C TYR B 442 -1.93 23.45 -40.54
N ILE B 443 -2.20 24.56 -41.23
CA ILE B 443 -1.09 25.36 -41.80
C ILE B 443 -0.32 26.14 -40.70
N GLN B 444 -0.84 26.15 -39.47
CA GLN B 444 -0.23 26.80 -38.33
C GLN B 444 0.79 25.88 -37.61
N ALA B 445 0.80 24.59 -37.93
CA ALA B 445 1.57 23.61 -37.18
C ALA B 445 3.05 23.94 -37.05
N TRP B 446 3.59 23.57 -35.90
CA TRP B 446 4.97 23.89 -35.55
C TRP B 446 5.70 22.59 -35.79
N LEU B 447 6.10 22.38 -37.06
CA LEU B 447 6.68 21.13 -37.49
C LEU B 447 8.15 21.11 -37.13
N PRO B 448 8.55 20.18 -36.26
CA PRO B 448 9.93 20.35 -35.67
C PRO B 448 11.02 20.48 -36.62
N VAL B 449 11.00 19.69 -37.69
CA VAL B 449 12.08 19.64 -38.73
C VAL B 449 12.15 21.00 -39.45
N HIS B 450 10.99 21.57 -39.78
CA HIS B 450 10.91 22.84 -40.46
C HIS B 450 11.40 23.94 -39.58
N GLN B 451 11.08 23.87 -38.27
CA GLN B 451 11.47 24.90 -37.29
C GLN B 451 12.97 24.85 -37.03
N ILE B 452 13.56 23.68 -37.11
CA ILE B 452 14.99 23.56 -37.05
C ILE B 452 15.63 24.30 -38.27
N TYR B 453 15.10 24.00 -39.45
CA TYR B 453 15.54 24.69 -40.67
C TYR B 453 15.24 26.19 -40.68
N GLN B 454 14.15 26.66 -40.10
CA GLN B 454 13.89 28.08 -39.99
C GLN B 454 14.92 28.72 -39.02
N GLY B 455 15.84 27.93 -38.48
CA GLY B 455 16.67 28.33 -37.32
C GLY B 455 15.99 28.71 -36.02
N ASN B 456 14.81 28.17 -35.72
CA ASN B 456 14.08 28.53 -34.47
C ASN B 456 14.31 27.52 -33.30
N CYS B 457 15.26 26.59 -33.44
CA CYS B 457 15.53 25.60 -32.39
C CYS B 457 16.94 25.74 -31.80
N GLU B 458 17.43 26.98 -31.77
CA GLU B 458 18.67 27.41 -31.03
C GLU B 458 19.83 26.48 -31.32
N GLY B 459 20.06 26.33 -32.64
CA GLY B 459 21.14 25.51 -33.21
C GLY B 459 21.19 25.53 -34.76
N GLY B 460 22.38 25.30 -35.28
CA GLY B 460 22.69 25.44 -36.67
C GLY B 460 22.94 24.09 -37.23
N ASP B 461 23.19 23.13 -36.34
CA ASP B 461 23.23 21.72 -36.68
C ASP B 461 22.36 20.95 -35.68
N LEU B 462 22.08 19.69 -35.99
CA LEU B 462 21.18 18.91 -35.19
C LEU B 462 21.80 18.59 -33.82
N GLU B 463 23.09 18.32 -33.76
CA GLU B 463 23.80 18.03 -32.50
C GLU B 463 23.64 19.17 -31.48
N THR B 464 23.73 20.45 -31.95
CA THR B 464 23.44 21.64 -31.13
C THR B 464 21.97 21.80 -30.71
N VAL B 465 21.03 21.60 -31.63
CA VAL B 465 19.60 21.61 -31.25
C VAL B 465 19.34 20.57 -30.12
N VAL B 466 19.78 19.34 -30.34
CA VAL B 466 19.61 18.27 -29.37
C VAL B 466 20.15 18.60 -27.95
N GLN B 467 21.39 19.02 -27.86
CA GLN B 467 22.02 19.36 -26.60
C GLN B 467 21.42 20.58 -25.97
N LYS B 468 21.38 21.70 -26.67
CA LYS B 468 21.05 22.98 -26.02
C LYS B 468 19.60 23.27 -26.02
N TYR B 469 18.91 22.83 -27.07
CA TYR B 469 17.48 23.13 -27.13
C TYR B 469 16.64 22.03 -26.44
N TYR B 470 16.92 20.77 -26.79
CA TYR B 470 16.14 19.61 -26.31
C TYR B 470 16.55 19.23 -24.85
N HIS B 471 17.76 19.66 -24.40
CA HIS B 471 18.35 19.21 -23.13
C HIS B 471 18.63 17.69 -23.18
N ILE B 472 18.78 17.17 -24.38
CA ILE B 472 19.19 15.79 -24.52
C ILE B 472 20.72 15.70 -24.38
N ASN B 473 21.18 15.08 -23.31
CA ASN B 473 22.60 14.92 -23.09
C ASN B 473 23.27 13.94 -24.01
N ILE B 474 24.11 14.45 -24.91
CA ILE B 474 24.73 13.69 -25.99
C ILE B 474 25.64 12.64 -25.39
N GLY B 475 25.47 11.36 -25.74
CA GLY B 475 26.39 10.40 -25.16
C GLY B 475 25.76 9.79 -23.91
N GLU B 476 24.75 10.44 -23.35
CA GLU B 476 24.06 9.91 -22.20
C GLU B 476 22.61 9.47 -22.50
N ASP B 477 21.77 10.36 -23.03
CA ASP B 477 20.37 10.02 -23.19
C ASP B 477 20.09 9.34 -24.55
N ASN B 478 20.99 9.54 -25.53
CA ASN B 478 20.68 9.18 -26.91
C ASN B 478 21.52 7.97 -27.39
N PHE B 479 21.45 7.66 -28.69
CA PHE B 479 22.26 6.58 -29.33
C PHE B 479 21.77 5.20 -28.94
N ASP B 480 22.41 4.20 -29.54
CA ASP B 480 22.09 2.80 -29.35
C ASP B 480 22.21 2.49 -27.84
N TYR B 481 21.39 1.55 -27.39
CA TYR B 481 21.49 1.01 -26.02
C TYR B 481 22.94 0.46 -25.79
N VAL B 482 23.49 -0.22 -26.80
CA VAL B 482 24.86 -0.78 -26.71
C VAL B 482 25.95 0.31 -26.58
N GLY B 483 26.70 0.27 -25.49
CA GLY B 483 27.63 1.33 -25.21
C GLY B 483 27.02 2.46 -24.40
N SER B 484 25.71 2.47 -24.14
CA SER B 484 25.10 3.57 -23.33
C SER B 484 25.54 3.47 -21.86
N PRO B 485 25.57 4.59 -21.14
CA PRO B 485 25.67 4.56 -19.67
C PRO B 485 24.58 3.72 -19.00
N ASP B 486 23.30 3.75 -19.45
CA ASP B 486 22.30 2.78 -18.92
C ASP B 486 22.76 1.37 -18.96
N GLN B 487 23.20 0.90 -20.13
CA GLN B 487 23.76 -0.44 -20.24
C GLN B 487 24.90 -0.74 -19.28
N LYS B 488 25.87 0.18 -19.14
CA LYS B 488 27.00 0.08 -18.22
C LYS B 488 26.47 -0.11 -16.79
N HIS B 489 25.68 0.86 -16.29
CA HIS B 489 25.07 0.78 -15.00
C HIS B 489 24.32 -0.55 -14.82
N TRP B 490 23.47 -0.96 -15.74
CA TRP B 490 22.83 -2.25 -15.59
C TRP B 490 23.79 -3.44 -15.41
N LEU B 491 24.76 -3.55 -16.30
CA LEU B 491 25.58 -4.72 -16.37
C LEU B 491 26.39 -4.86 -15.09
N SER B 492 26.89 -3.76 -14.55
CA SER B 492 27.48 -3.78 -13.19
C SER B 492 26.41 -3.99 -12.04
N ILE B 493 25.48 -4.92 -12.27
CA ILE B 493 24.72 -5.68 -11.24
C ILE B 493 24.35 -7.07 -11.89
N PRO C 9 3.24 -22.26 -8.58
CA PRO C 9 2.66 -22.27 -7.19
C PRO C 9 2.60 -23.70 -6.75
N ILE C 10 3.44 -24.08 -5.80
CA ILE C 10 3.48 -25.46 -5.28
C ILE C 10 2.19 -25.73 -4.51
N ARG C 11 1.70 -24.72 -3.76
CA ARG C 11 0.56 -24.92 -2.80
C ARG C 11 -0.22 -23.63 -2.62
N HIS C 12 -1.43 -23.71 -2.07
CA HIS C 12 -2.27 -22.55 -2.06
C HIS C 12 -2.30 -21.86 -0.74
N THR C 13 -1.99 -22.58 0.32
CA THR C 13 -2.09 -22.04 1.67
C THR C 13 -1.25 -22.92 2.53
N TYR C 14 -1.17 -22.61 3.84
CA TYR C 14 -0.36 -23.46 4.79
C TYR C 14 -1.03 -24.82 5.14
N GLY C 15 -0.27 -25.85 5.54
CA GLY C 15 -0.84 -27.21 5.80
C GLY C 15 -2.04 -27.20 6.77
N HIS C 16 -1.89 -26.59 7.94
CA HIS C 16 -3.01 -26.54 8.91
C HIS C 16 -4.23 -25.87 8.33
N ILE C 17 -4.05 -24.89 7.46
CA ILE C 17 -5.23 -24.29 6.84
C ILE C 17 -5.84 -25.21 5.79
N ALA C 18 -4.96 -25.88 5.00
CA ALA C 18 -5.41 -26.74 3.94
C ALA C 18 -6.17 -27.90 4.60
N ARG C 19 -5.67 -28.45 5.70
CA ARG C 19 -6.41 -29.52 6.37
C ARG C 19 -7.77 -29.12 6.86
N ARG C 20 -7.96 -27.83 7.05
CA ARG C 20 -9.18 -27.36 7.66
C ARG C 20 -10.18 -26.93 6.61
N PHE C 21 -9.71 -26.30 5.53
CA PHE C 21 -10.61 -25.62 4.63
C PHE C 21 -10.45 -26.04 3.18
N GLY C 22 -9.59 -27.02 2.98
CA GLY C 22 -9.24 -27.49 1.64
C GLY C 22 -7.93 -26.87 1.17
N ASP C 23 -7.31 -27.50 0.17
CA ASP C 23 -6.16 -26.90 -0.46
C ASP C 23 -6.61 -25.92 -1.57
N LYS C 24 -6.85 -24.67 -1.17
CA LYS C 24 -7.19 -23.57 -2.07
C LYS C 24 -6.76 -22.29 -1.37
N PRO C 25 -6.67 -21.18 -2.10
CA PRO C 25 -6.30 -19.93 -1.42
C PRO C 25 -7.22 -19.62 -0.23
N ALA C 26 -6.62 -19.23 0.89
CA ALA C 26 -7.38 -19.04 2.13
C ALA C 26 -7.56 -17.54 2.45
N THR C 27 -8.43 -17.19 3.39
CA THR C 27 -8.62 -15.76 3.72
C THR C 27 -7.52 -15.23 4.58
N ARG C 28 -7.31 -13.91 4.61
CA ARG C 28 -6.41 -13.33 5.66
C ARG C 28 -6.78 -13.79 7.05
N TYR C 29 -8.08 -13.71 7.36
CA TYR C 29 -8.61 -14.12 8.69
C TYR C 29 -8.26 -15.54 8.96
N GLN C 30 -8.44 -16.42 7.96
CA GLN C 30 -8.11 -17.86 8.19
C GLN C 30 -6.66 -18.08 8.44
N GLU C 31 -5.78 -17.51 7.59
CA GLU C 31 -4.34 -17.68 7.84
C GLU C 31 -3.81 -17.03 9.12
N ALA C 32 -4.49 -15.98 9.63
CA ALA C 32 -4.16 -15.35 10.95
C ALA C 32 -4.68 -16.08 12.22
N SER C 33 -5.74 -16.89 12.08
CA SER C 33 -6.59 -17.25 13.22
C SER C 33 -6.70 -18.76 13.61
N TYR C 34 -6.32 -19.67 12.72
CA TYR C 34 -6.49 -21.11 13.00
C TYR C 34 -5.20 -21.81 13.13
N ASP C 35 -5.00 -22.46 14.28
CA ASP C 35 -3.90 -23.42 14.46
C ASP C 35 -2.49 -22.81 14.47
N ILE C 36 -2.43 -21.57 14.97
CA ILE C 36 -1.21 -20.75 15.12
C ILE C 36 -0.55 -21.03 16.47
N GLU C 37 -1.39 -21.33 17.49
CA GLU C 37 -0.89 -21.57 18.87
C GLU C 37 -0.09 -22.87 19.03
N ALA C 38 0.73 -22.93 20.08
CA ALA C 38 1.32 -24.16 20.53
C ALA C 38 0.16 -24.99 21.14
N LYS C 39 0.21 -26.30 20.95
CA LYS C 39 -0.84 -27.22 21.31
C LYS C 39 -0.34 -28.37 22.18
N THR C 40 0.92 -28.78 22.10
CA THR C 40 1.30 -29.98 22.77
C THR C 40 2.77 -29.98 23.08
N ASN C 41 3.25 -30.97 23.83
CA ASN C 41 4.68 -31.22 24.13
C ASN C 41 5.34 -30.10 24.96
N PHE C 42 4.58 -29.44 25.82
CA PHE C 42 5.11 -28.40 26.72
C PHE C 42 6.17 -28.94 27.63
N HIS C 43 7.15 -28.10 27.89
CA HIS C 43 8.33 -28.56 28.57
C HIS C 43 8.30 -28.52 30.10
N TYR C 44 7.38 -27.73 30.67
CA TYR C 44 7.39 -27.49 32.10
C TYR C 44 5.99 -27.13 32.51
N ARG C 45 5.65 -27.62 33.70
CA ARG C 45 4.36 -27.35 34.31
C ARG C 45 4.44 -25.90 34.85
N PRO C 46 3.33 -25.16 34.73
CA PRO C 46 3.17 -23.78 35.33
C PRO C 46 3.53 -23.85 36.81
N GLN C 47 4.49 -23.05 37.26
CA GLN C 47 4.77 -22.81 38.70
C GLN C 47 3.64 -22.06 39.45
N TRP C 48 2.68 -21.48 38.73
CA TRP C 48 1.55 -20.74 39.28
C TRP C 48 0.26 -21.54 39.19
N ASP C 49 0.31 -22.82 38.81
CA ASP C 49 -0.92 -23.59 38.63
C ASP C 49 -0.58 -25.06 38.77
N SER C 50 -1.25 -25.77 39.69
CA SER C 50 -0.91 -27.16 39.98
C SER C 50 -1.78 -28.11 39.18
N GLU C 51 -2.88 -27.57 38.65
CA GLU C 51 -3.92 -28.32 38.06
C GLU C 51 -3.86 -28.43 36.55
N HIS C 52 -3.17 -27.51 35.90
CA HIS C 52 -3.23 -27.53 34.45
C HIS C 52 -1.88 -27.27 33.92
N THR C 53 -1.82 -27.48 32.63
CA THR C 53 -0.61 -27.34 31.90
C THR C 53 -0.60 -25.93 31.22
N LEU C 54 0.56 -25.53 30.64
CA LEU C 54 0.54 -24.43 29.64
C LEU C 54 -0.52 -24.74 28.60
N ASN C 55 -1.31 -23.75 28.19
CA ASN C 55 -2.19 -23.92 27.02
C ASN C 55 -3.06 -25.22 27.19
N ASP C 56 -3.87 -25.19 28.27
CA ASP C 56 -4.72 -26.28 28.67
C ASP C 56 -6.20 -26.00 28.45
N PRO C 57 -6.83 -26.74 27.56
CA PRO C 57 -8.27 -26.48 27.33
C PRO C 57 -9.14 -26.83 28.57
N THR C 58 -8.61 -27.63 29.50
CA THR C 58 -9.36 -27.98 30.67
C THR C 58 -9.36 -26.83 31.72
N ARG C 59 -8.93 -25.59 31.34
CA ARG C 59 -9.04 -24.44 32.30
C ARG C 59 -10.50 -24.02 32.42
N THR C 60 -11.31 -24.47 31.46
CA THR C 60 -12.76 -24.30 31.53
C THR C 60 -13.31 -25.71 31.69
N ALA C 61 -14.46 -25.87 32.36
CA ALA C 61 -15.12 -27.17 32.43
C ALA C 61 -15.91 -27.40 31.16
N ILE C 62 -16.12 -26.37 30.35
CA ILE C 62 -16.75 -26.50 29.03
C ILE C 62 -15.89 -27.37 28.12
N ARG C 63 -16.49 -28.20 27.25
CA ARG C 63 -15.65 -29.18 26.52
C ARG C 63 -15.96 -28.99 25.07
N MET C 64 -14.95 -28.88 24.23
CA MET C 64 -15.31 -28.75 22.82
C MET C 64 -14.53 -29.76 22.02
N GLU C 65 -15.16 -30.36 21.02
CA GLU C 65 -14.43 -31.27 20.13
C GLU C 65 -13.28 -30.48 19.46
N ASP C 66 -13.63 -29.33 18.88
CA ASP C 66 -12.68 -28.38 18.29
C ASP C 66 -13.10 -26.98 18.72
N TRP C 67 -12.31 -26.35 19.55
CA TRP C 67 -12.58 -24.91 19.83
C TRP C 67 -12.80 -23.96 18.61
N CYS C 68 -12.24 -24.31 17.42
CA CYS C 68 -12.42 -23.45 16.20
C CYS C 68 -13.79 -23.52 15.60
N ALA C 69 -14.69 -24.22 16.30
CA ALA C 69 -16.08 -24.10 15.92
C ALA C 69 -16.56 -22.73 16.40
N VAL C 70 -15.87 -22.13 17.37
CA VAL C 70 -16.07 -20.70 17.72
C VAL C 70 -15.18 -19.89 16.72
N SER C 71 -15.82 -19.06 15.97
CA SER C 71 -15.21 -18.31 14.90
C SER C 71 -15.85 -16.92 14.97
N ASP C 72 -15.16 -15.90 14.42
CA ASP C 72 -15.65 -14.51 14.45
C ASP C 72 -16.33 -14.17 13.17
N PRO C 73 -17.66 -13.90 13.20
CA PRO C 73 -18.31 -13.49 11.98
C PRO C 73 -17.87 -12.13 11.45
N ARG C 74 -17.20 -11.32 12.28
CA ARG C 74 -16.67 -10.02 11.85
C ARG C 74 -15.35 -10.27 11.12
N GLN C 75 -14.70 -11.44 11.34
CA GLN C 75 -13.52 -11.85 10.55
C GLN C 75 -12.39 -10.92 10.98
N PHE C 76 -12.37 -10.59 12.27
CA PHE C 76 -11.24 -9.77 12.86
C PHE C 76 -9.97 -10.50 13.07
N TYR C 77 -9.01 -10.30 12.19
CA TYR C 77 -7.65 -10.51 12.57
C TYR C 77 -7.15 -9.09 12.96
N TYR C 78 -5.90 -8.93 13.37
CA TYR C 78 -5.42 -7.66 13.97
C TYR C 78 -5.72 -6.43 13.09
N GLY C 79 -5.25 -6.48 11.82
CA GLY C 79 -5.49 -5.39 10.83
C GLY C 79 -6.91 -5.01 10.65
N ALA C 80 -7.81 -6.00 10.60
CA ALA C 80 -9.24 -5.70 10.41
C ALA C 80 -9.89 -5.00 11.65
N TYR C 81 -9.53 -5.48 12.80
CA TYR C 81 -9.93 -4.88 14.08
C TYR C 81 -9.46 -3.44 14.26
N VAL C 82 -8.15 -3.18 14.12
CA VAL C 82 -7.70 -1.78 14.24
C VAL C 82 -8.20 -0.83 13.18
N GLY C 83 -8.41 -1.32 11.96
CA GLY C 83 -8.88 -0.50 10.90
C GLY C 83 -10.31 -0.14 11.21
N ASN C 84 -11.07 -1.07 11.74
CA ASN C 84 -12.49 -0.80 12.08
C ASN C 84 -12.58 0.14 13.30
N ARG C 85 -11.76 -0.12 14.31
CA ARG C 85 -11.72 0.76 15.49
C ARG C 85 -11.23 2.21 15.21
N ALA C 86 -10.19 2.36 14.35
CA ALA C 86 -9.73 3.73 13.93
C ALA C 86 -10.86 4.59 13.36
N LYS C 87 -11.71 3.99 12.57
CA LYS C 87 -12.82 4.70 11.97
C LYS C 87 -13.88 5.10 13.04
N MET C 88 -14.17 4.17 13.97
CA MET C 88 -15.01 4.46 15.15
C MET C 88 -14.43 5.55 16.08
N GLN C 89 -13.15 5.41 16.45
CA GLN C 89 -12.44 6.48 17.16
C GLN C 89 -12.41 7.85 16.49
N GLU C 90 -12.28 7.94 15.14
CA GLU C 90 -12.36 9.25 14.47
C GLU C 90 -13.73 9.88 14.63
N SER C 91 -14.80 9.08 14.52
CA SER C 91 -16.15 9.56 14.83
C SER C 91 -16.32 10.13 16.23
N ALA C 92 -15.85 9.40 17.23
CA ALA C 92 -16.04 9.82 18.59
C ALA C 92 -15.27 11.13 18.79
N GLU C 93 -14.16 11.27 18.07
CA GLU C 93 -13.25 12.37 18.22
C GLU C 93 -13.90 13.64 17.64
N THR C 94 -14.66 13.46 16.58
CA THR C 94 -15.51 14.50 15.99
C THR C 94 -16.50 15.05 17.03
N SER C 95 -17.26 14.13 17.63
CA SER C 95 -18.24 14.38 18.67
C SER C 95 -17.74 15.09 19.94
N PHE C 96 -16.62 14.61 20.46
CA PHE C 96 -15.96 15.17 21.61
C PHE C 96 -15.39 16.56 21.37
N GLY C 97 -14.84 16.81 20.15
CA GLY C 97 -14.21 18.08 19.82
C GLY C 97 -15.31 19.13 19.76
N PHE C 98 -16.42 18.73 19.15
CA PHE C 98 -17.57 19.55 19.04
C PHE C 98 -18.23 19.92 20.39
N CYS C 99 -18.32 18.99 21.33
CA CYS C 99 -18.94 19.22 22.62
C CYS C 99 -18.07 20.13 23.46
N GLU C 100 -16.78 19.95 23.35
CA GLU C 100 -15.80 20.73 24.04
C GLU C 100 -15.86 22.20 23.58
N LYS C 101 -15.71 22.44 22.28
CA LYS C 101 -15.75 23.74 21.62
C LYS C 101 -17.02 24.51 21.82
N ARG C 102 -18.15 23.83 21.69
CA ARG C 102 -19.44 24.45 21.83
C ARG C 102 -19.89 24.47 23.31
N ASN C 103 -19.04 24.01 24.22
CA ASN C 103 -19.39 24.03 25.65
C ASN C 103 -20.67 23.28 26.03
N LEU C 104 -20.93 22.18 25.33
CA LEU C 104 -22.14 21.44 25.53
C LEU C 104 -22.31 20.79 26.92
N LEU C 105 -21.22 20.50 27.62
CA LEU C 105 -21.31 19.86 28.95
C LEU C 105 -20.95 20.85 30.08
N THR C 106 -20.00 21.77 29.83
CA THR C 106 -19.73 22.80 30.83
C THR C 106 -20.96 23.77 31.03
N ARG C 107 -21.82 23.94 30.03
CA ARG C 107 -22.91 24.85 30.17
C ARG C 107 -24.11 24.22 30.88
N LEU C 108 -24.03 22.95 31.24
CA LEU C 108 -25.12 22.26 31.88
C LEU C 108 -25.22 22.67 33.37
N SER C 109 -26.38 22.47 33.99
CA SER C 109 -26.53 22.84 35.40
C SER C 109 -25.71 21.91 36.28
N GLU C 110 -25.27 22.40 37.40
CA GLU C 110 -24.44 21.58 38.25
C GLU C 110 -25.18 20.30 38.65
N GLU C 111 -26.50 20.35 38.74
CA GLU C 111 -27.28 19.14 39.02
C GLU C 111 -27.32 18.09 37.89
N THR C 112 -27.46 18.52 36.63
CA THR C 112 -27.33 17.65 35.46
C THR C 112 -25.92 17.08 35.39
N GLN C 113 -24.91 17.90 35.61
CA GLN C 113 -23.56 17.38 35.70
C GLN C 113 -23.38 16.25 36.73
N LYS C 114 -24.11 16.34 37.83
CA LYS C 114 -23.91 15.40 38.94
C LYS C 114 -24.61 14.11 38.60
N GLN C 115 -25.77 14.18 37.92
CA GLN C 115 -26.43 13.05 37.29
C GLN C 115 -25.43 12.25 36.39
N LEU C 116 -24.67 12.94 35.53
CA LEU C 116 -23.71 12.31 34.59
C LEU C 116 -22.59 11.71 35.42
N LEU C 117 -22.13 12.42 36.44
CA LEU C 117 -21.07 11.85 37.29
C LEU C 117 -21.51 10.72 38.19
N ARG C 118 -22.80 10.57 38.43
CA ARG C 118 -23.23 9.58 39.40
C ARG C 118 -23.79 8.37 38.70
N LEU C 119 -24.50 8.61 37.63
CA LEU C 119 -25.14 7.50 36.94
C LEU C 119 -24.29 6.90 35.81
N LEU C 120 -23.33 7.64 35.25
CA LEU C 120 -22.78 7.25 33.90
C LEU C 120 -21.29 7.00 33.95
N VAL C 121 -20.53 8.02 34.38
CA VAL C 121 -19.07 7.94 34.51
C VAL C 121 -18.53 6.82 35.38
N PRO C 122 -19.22 6.51 36.52
CA PRO C 122 -18.65 5.35 37.29
C PRO C 122 -18.69 4.00 36.56
N LEU C 123 -19.48 3.89 35.49
CA LEU C 123 -19.29 2.74 34.60
C LEU C 123 -17.82 2.42 34.17
N ARG C 124 -16.95 3.45 34.09
CA ARG C 124 -15.54 3.25 33.69
C ARG C 124 -14.98 2.17 34.59
N HIS C 125 -15.56 2.04 35.79
CA HIS C 125 -15.00 1.06 36.73
C HIS C 125 -15.40 -0.38 36.37
N VAL C 126 -16.60 -0.51 35.86
CA VAL C 126 -17.06 -1.77 35.35
C VAL C 126 -16.27 -2.17 34.03
N GLU C 127 -15.98 -1.16 33.20
CA GLU C 127 -15.19 -1.29 31.93
C GLU C 127 -13.85 -1.72 32.33
N LEU C 128 -13.33 -1.17 33.42
CA LEU C 128 -12.05 -1.65 33.90
C LEU C 128 -12.08 -3.14 34.30
N GLY C 129 -13.18 -3.58 34.96
CA GLY C 129 -13.28 -4.96 35.40
C GLY C 129 -13.34 -5.87 34.16
N ALA C 130 -14.21 -5.51 33.25
CA ALA C 130 -14.38 -6.16 32.01
C ALA C 130 -13.04 -6.28 31.21
N ASN C 131 -12.17 -5.26 31.32
CA ASN C 131 -10.83 -5.27 30.71
C ASN C 131 -9.98 -6.36 31.30
N MET C 132 -9.91 -6.43 32.63
CA MET C 132 -9.11 -7.44 33.30
C MET C 132 -9.65 -8.82 33.06
N ASN C 133 -11.00 -8.93 33.00
CA ASN C 133 -11.65 -10.23 32.80
C ASN C 133 -11.33 -10.78 31.41
N ASN C 134 -11.33 -9.91 30.41
CA ASN C 134 -11.07 -10.32 29.03
C ASN C 134 -9.60 -10.58 28.76
N ALA C 135 -8.73 -9.79 29.41
CA ALA C 135 -7.32 -10.14 29.52
C ALA C 135 -7.05 -11.57 30.06
N LYS C 136 -7.68 -11.93 31.19
CA LYS C 136 -7.49 -13.30 31.71
C LYS C 136 -7.96 -14.38 30.73
N ILE C 137 -9.11 -14.17 30.13
CA ILE C 137 -9.58 -15.09 29.14
C ILE C 137 -8.59 -15.18 27.90
N ALA C 138 -8.15 -14.04 27.34
CA ALA C 138 -7.15 -14.10 26.26
C ALA C 138 -5.98 -14.96 26.71
N GLY C 139 -5.56 -14.85 27.97
CA GLY C 139 -4.47 -15.68 28.46
C GLY C 139 -4.77 -17.15 28.73
N ASP C 140 -6.06 -17.54 28.78
CA ASP C 140 -6.48 -18.89 29.28
C ASP C 140 -7.13 -19.78 28.18
N ALA C 141 -7.93 -19.15 27.31
CA ALA C 141 -8.53 -19.82 26.13
C ALA C 141 -7.39 -20.30 25.23
N THR C 142 -7.50 -21.51 24.72
CA THR C 142 -6.46 -22.04 23.89
C THR C 142 -6.60 -21.66 22.39
N ALA C 143 -7.79 -21.63 21.82
CA ALA C 143 -7.86 -21.42 20.38
C ALA C 143 -7.69 -19.90 20.09
N THR C 144 -6.78 -19.56 19.15
CA THR C 144 -6.66 -18.19 18.64
C THR C 144 -7.97 -17.56 18.19
N THR C 145 -8.89 -18.30 17.58
CA THR C 145 -10.16 -17.71 17.19
C THR C 145 -10.96 -17.14 18.41
N VAL C 146 -10.70 -17.69 19.58
CA VAL C 146 -11.41 -17.35 20.80
C VAL C 146 -10.57 -16.33 21.57
N SER C 147 -9.32 -16.70 21.83
CA SER C 147 -8.48 -15.87 22.60
C SER C 147 -8.29 -14.45 21.99
N GLN C 148 -8.19 -14.34 20.67
CA GLN C 148 -7.99 -13.01 20.06
C GLN C 148 -9.27 -12.16 20.23
N MET C 149 -10.44 -12.76 20.12
CA MET C 149 -11.69 -12.01 20.34
C MET C 149 -11.75 -11.42 21.78
N HIS C 150 -11.10 -12.10 22.71
CA HIS C 150 -11.07 -11.60 24.07
C HIS C 150 -10.06 -10.47 24.33
N ILE C 151 -8.89 -10.52 23.68
CA ILE C 151 -7.99 -9.35 23.75
C ILE C 151 -8.52 -8.12 23.10
N TYR C 152 -9.19 -8.29 21.95
CA TYR C 152 -9.78 -7.20 21.29
C TYR C 152 -10.81 -6.54 22.21
N THR C 153 -11.78 -7.33 22.71
CA THR C 153 -12.86 -6.79 23.50
C THR C 153 -12.35 -6.13 24.76
N GLY C 154 -11.37 -6.77 25.40
CA GLY C 154 -10.57 -6.19 26.47
C GLY C 154 -9.99 -4.80 26.27
N MET C 155 -9.34 -4.57 25.11
CA MET C 155 -8.72 -3.30 24.81
C MET C 155 -9.89 -2.38 24.49
N ASP C 156 -10.98 -2.91 23.96
CA ASP C 156 -12.17 -2.08 23.72
C ASP C 156 -12.72 -1.47 25.03
N ARG C 157 -12.84 -2.31 26.10
CA ARG C 157 -13.32 -1.90 27.42
C ARG C 157 -12.48 -0.79 28.01
N LEU C 158 -11.15 -0.93 27.87
CA LEU C 158 -10.21 0.17 28.22
C LEU C 158 -10.55 1.45 27.46
N GLY C 159 -10.79 1.34 26.15
CA GLY C 159 -11.13 2.49 25.35
C GLY C 159 -12.43 3.14 25.78
N ILE C 160 -13.41 2.31 26.08
CA ILE C 160 -14.77 2.74 26.48
C ILE C 160 -14.73 3.45 27.86
N GLY C 161 -13.97 2.92 28.79
CA GLY C 161 -13.72 3.61 30.03
C GLY C 161 -13.01 4.95 29.87
N GLN C 162 -12.08 5.05 28.91
CA GLN C 162 -11.35 6.31 28.65
C GLN C 162 -12.33 7.31 28.13
N TYR C 163 -13.24 6.89 27.29
CA TYR C 163 -14.30 7.81 26.88
C TYR C 163 -15.22 8.34 28.02
N LEU C 164 -15.60 7.48 28.95
CA LEU C 164 -16.46 7.86 30.05
C LEU C 164 -15.61 8.73 30.91
N SER C 165 -14.30 8.41 31.04
CA SER C 165 -13.40 9.23 31.77
C SER C 165 -13.32 10.64 31.16
N ARG C 166 -13.57 10.75 29.84
CA ARG C 166 -13.38 12.04 29.18
C ARG C 166 -14.57 12.94 29.28
N ILE C 167 -15.73 12.33 29.47
CA ILE C 167 -16.96 13.01 29.88
C ILE C 167 -16.69 13.82 31.16
N ALA C 168 -16.13 13.16 32.17
CA ALA C 168 -15.83 13.84 33.40
C ALA C 168 -14.80 14.95 33.22
N LEU C 169 -13.74 14.71 32.45
CA LEU C 169 -12.74 15.73 32.18
C LEU C 169 -13.24 16.91 31.37
N MET C 170 -14.22 16.69 30.49
CA MET C 170 -14.82 17.82 29.82
C MET C 170 -15.63 18.71 30.85
N ILE C 171 -16.51 18.09 31.65
CA ILE C 171 -17.17 18.77 32.81
C ILE C 171 -16.18 19.57 33.75
N ASP C 172 -15.03 18.99 34.12
CA ASP C 172 -14.11 19.64 35.08
C ASP C 172 -12.98 20.51 34.48
N GLY C 173 -13.02 20.80 33.17
CA GLY C 173 -11.92 21.49 32.45
C GLY C 173 -10.56 20.82 32.60
N SER C 174 -10.56 19.48 32.58
CA SER C 174 -9.31 18.67 32.59
C SER C 174 -8.48 18.82 33.87
N THR C 175 -9.17 18.85 35.00
CA THR C 175 -8.54 18.88 36.33
C THR C 175 -8.57 17.48 37.07
N GLY C 176 -9.60 16.67 36.80
CA GLY C 176 -9.73 15.35 37.42
C GLY C 176 -10.68 15.41 38.62
N ALA C 177 -11.07 16.62 39.02
CA ALA C 177 -11.97 16.86 40.13
C ALA C 177 -13.27 16.05 39.98
N ALA C 178 -13.86 16.02 38.78
CA ALA C 178 -15.06 15.17 38.48
C ALA C 178 -14.74 13.65 38.47
N LEU C 179 -13.50 13.25 38.12
CA LEU C 179 -13.11 11.85 38.28
C LEU C 179 -13.05 11.45 39.79
N ASP C 180 -12.39 12.31 40.58
CA ASP C 180 -12.37 12.21 42.05
C ASP C 180 -13.75 12.02 42.64
N GLU C 181 -14.68 12.86 42.21
CA GLU C 181 -16.02 12.86 42.68
C GLU C 181 -16.78 11.60 42.36
N SER C 182 -16.98 11.41 41.03
CA SER C 182 -17.50 10.18 40.41
C SER C 182 -17.01 8.89 41.10
N LYS C 183 -15.73 8.79 41.33
CA LYS C 183 -15.12 7.62 41.90
C LYS C 183 -15.59 7.43 43.34
N ALA C 184 -15.84 8.54 44.04
CA ALA C 184 -16.39 8.45 45.40
C ALA C 184 -17.84 7.91 45.41
N TYR C 185 -18.65 8.28 44.41
CA TYR C 185 -19.96 7.60 44.26
C TYR C 185 -19.82 6.04 44.16
N TRP C 186 -18.77 5.61 43.47
CA TRP C 186 -18.56 4.23 43.14
C TRP C 186 -18.04 3.53 44.41
N MET C 187 -17.19 4.20 45.18
CA MET C 187 -16.67 3.62 46.42
C MET C 187 -17.80 3.65 47.46
N ASP C 188 -18.42 4.83 47.66
CA ASP C 188 -19.19 5.08 48.88
C ASP C 188 -20.71 5.01 48.78
N ASP C 189 -21.25 5.30 47.59
CA ASP C 189 -22.68 5.44 47.35
C ASP C 189 -23.36 4.07 47.22
N GLU C 190 -24.25 3.81 48.20
CA GLU C 190 -25.00 2.56 48.32
C GLU C 190 -25.56 2.11 46.99
N MET C 191 -25.95 3.05 46.14
CA MET C 191 -26.47 2.69 44.80
C MET C 191 -25.52 1.81 43.90
N TRP C 192 -24.21 1.89 44.14
CA TRP C 192 -23.18 1.27 43.29
C TRP C 192 -22.49 0.05 43.90
N GLN C 193 -22.84 -0.26 45.16
CA GLN C 193 -22.13 -1.27 45.91
C GLN C 193 -22.44 -2.70 45.47
N PRO C 194 -23.70 -2.99 45.09
CA PRO C 194 -24.04 -4.23 44.44
C PRO C 194 -23.27 -4.43 43.09
N MET C 195 -23.21 -3.43 42.21
CA MET C 195 -22.28 -3.46 41.05
C MET C 195 -20.83 -3.72 41.42
N ARG C 196 -20.35 -2.93 42.34
CA ARG C 196 -18.97 -2.96 42.64
C ARG C 196 -18.61 -4.31 43.26
N LYS C 197 -19.50 -4.81 44.12
CA LYS C 197 -19.40 -6.16 44.68
C LYS C 197 -19.39 -7.25 43.56
N LEU C 198 -20.41 -7.26 42.71
CA LEU C 198 -20.41 -8.14 41.54
C LEU C 198 -19.10 -8.09 40.64
N VAL C 199 -18.70 -6.87 40.23
CA VAL C 199 -17.37 -6.69 39.57
C VAL C 199 -16.21 -7.36 40.31
N GLU C 200 -16.00 -7.06 41.59
CA GLU C 200 -14.91 -7.70 42.34
C GLU C 200 -15.07 -9.23 42.45
N ASP C 201 -16.31 -9.71 42.53
CA ASP C 201 -16.55 -11.15 42.55
C ASP C 201 -16.15 -11.79 41.18
N THR C 202 -16.46 -11.14 40.04
CA THR C 202 -16.00 -11.67 38.74
C THR C 202 -14.49 -11.85 38.66
N LEU C 203 -13.76 -10.95 39.27
CA LEU C 203 -12.30 -10.98 39.31
C LEU C 203 -11.72 -12.18 39.93
N VAL C 204 -12.58 -13.04 40.49
CA VAL C 204 -12.08 -14.17 41.32
C VAL C 204 -12.58 -15.58 40.79
N VAL C 205 -13.41 -15.53 39.74
CA VAL C 205 -13.82 -16.67 38.98
C VAL C 205 -12.64 -17.36 38.25
N ASP C 206 -12.44 -18.66 38.43
CA ASP C 206 -11.31 -19.31 37.79
C ASP C 206 -11.66 -19.74 36.36
N ASP C 207 -12.91 -20.13 36.13
CA ASP C 207 -13.24 -20.78 34.89
C ASP C 207 -13.38 -19.70 33.84
N TRP C 208 -12.53 -19.74 32.82
CA TRP C 208 -12.54 -18.67 31.82
C TRP C 208 -13.82 -18.59 31.07
N PHE C 209 -14.46 -19.74 30.78
CA PHE C 209 -15.76 -19.67 30.10
C PHE C 209 -16.93 -19.25 31.00
N GLU C 210 -16.83 -19.52 32.29
CA GLU C 210 -17.80 -18.98 33.23
C GLU C 210 -17.69 -17.46 33.17
N LEU C 211 -16.44 -16.99 33.22
CA LEU C 211 -16.10 -15.56 33.18
C LEU C 211 -16.61 -14.86 31.95
N THR C 212 -16.39 -15.47 30.79
CA THR C 212 -16.87 -14.84 29.60
C THR C 212 -18.39 -14.72 29.55
N LEU C 213 -19.10 -15.76 29.99
CA LEU C 213 -20.56 -15.74 30.08
C LEU C 213 -21.03 -14.60 30.98
N VAL C 214 -20.45 -14.55 32.16
CA VAL C 214 -20.85 -13.56 33.17
C VAL C 214 -20.54 -12.18 32.68
N GLN C 215 -19.26 -11.93 32.40
CA GLN C 215 -18.87 -10.60 31.90
C GLN C 215 -19.51 -10.23 30.58
N ASN C 216 -19.18 -10.97 29.51
CA ASN C 216 -19.53 -10.51 28.14
C ASN C 216 -20.93 -10.82 27.72
N ILE C 217 -21.57 -11.75 28.47
CA ILE C 217 -23.02 -12.04 28.14
C ILE C 217 -24.05 -11.46 29.14
N LEU C 218 -23.95 -11.91 30.37
CA LEU C 218 -24.98 -11.58 31.39
C LEU C 218 -24.89 -10.11 31.89
N ILE C 219 -23.72 -9.65 32.31
CA ILE C 219 -23.55 -8.26 32.75
C ILE C 219 -23.73 -7.32 31.55
N ASP C 220 -22.96 -7.50 30.49
CA ASP C 220 -23.05 -6.55 29.35
C ASP C 220 -24.38 -6.60 28.69
N GLY C 221 -24.90 -7.83 28.53
CA GLY C 221 -26.19 -8.01 27.84
C GLY C 221 -27.37 -7.29 28.52
N MET C 222 -27.26 -6.94 29.81
CA MET C 222 -28.32 -6.09 30.41
C MET C 222 -27.89 -4.64 30.57
N MET C 223 -26.63 -4.42 30.95
CA MET C 223 -26.09 -3.07 31.16
C MET C 223 -26.02 -2.19 29.94
N TYR C 224 -25.54 -2.74 28.82
CA TYR C 224 -25.50 -1.97 27.58
C TYR C 224 -26.88 -1.44 27.19
N PRO C 225 -27.85 -2.32 26.94
CA PRO C 225 -29.17 -1.75 26.64
C PRO C 225 -29.78 -0.80 27.74
N LEU C 226 -29.60 -1.08 29.03
CA LEU C 226 -30.09 -0.19 30.07
C LEU C 226 -29.47 1.22 30.00
N VAL C 227 -28.14 1.26 30.03
CA VAL C 227 -27.35 2.47 29.91
C VAL C 227 -27.39 3.19 28.55
N TYR C 228 -27.09 2.54 27.42
CA TYR C 228 -26.78 3.32 26.26
C TYR C 228 -27.99 3.45 25.40
N ASP C 229 -29.04 2.72 25.76
CA ASP C 229 -30.32 2.87 25.06
C ASP C 229 -31.33 3.57 25.97
N LYS C 230 -31.63 2.95 27.11
CA LYS C 230 -32.77 3.38 27.90
C LYS C 230 -32.40 4.57 28.74
N MET C 231 -31.35 4.44 29.53
CA MET C 231 -30.91 5.55 30.32
C MET C 231 -30.48 6.71 29.40
N ASP C 232 -29.97 6.39 28.20
CA ASP C 232 -29.72 7.41 27.16
C ASP C 232 -30.94 8.21 26.68
N GLN C 233 -32.06 7.52 26.41
CA GLN C 233 -33.25 8.21 25.92
C GLN C 233 -33.85 9.10 27.02
N TRP C 234 -33.80 8.59 28.23
CA TRP C 234 -34.19 9.29 29.46
C TRP C 234 -33.37 10.58 29.68
N PHE C 235 -32.09 10.62 29.30
CA PHE C 235 -31.29 11.84 29.50
C PHE C 235 -31.85 13.06 28.78
N GLU C 236 -32.64 12.84 27.75
CA GLU C 236 -33.22 13.95 27.05
C GLU C 236 -34.20 14.74 27.95
N SER C 237 -35.13 14.02 28.57
CA SER C 237 -36.04 14.53 29.60
C SER C 237 -35.27 15.25 30.71
N GLN C 238 -34.04 14.84 30.96
CA GLN C 238 -33.17 15.41 32.01
C GLN C 238 -32.32 16.64 31.66
N GLY C 239 -32.46 17.20 30.46
CA GLY C 239 -31.57 18.29 30.01
C GLY C 239 -30.16 17.90 29.47
N ALA C 240 -29.94 16.59 29.31
CA ALA C 240 -28.59 16.06 29.13
C ALA C 240 -28.38 15.39 27.76
N GLU C 241 -29.24 15.69 26.79
CA GLU C 241 -29.26 14.93 25.56
C GLU C 241 -27.94 15.09 24.81
N ASP C 242 -27.22 16.21 25.02
CA ASP C 242 -26.03 16.45 24.22
C ASP C 242 -24.92 15.44 24.53
N VAL C 243 -25.02 14.74 25.65
CA VAL C 243 -24.07 13.69 25.94
C VAL C 243 -24.24 12.43 25.06
N SER C 244 -25.40 12.32 24.42
CA SER C 244 -25.68 11.18 23.57
C SER C 244 -24.62 11.04 22.46
N MET C 245 -24.15 12.17 21.91
CA MET C 245 -23.08 12.16 20.88
C MET C 245 -21.77 11.57 21.35
N LEU C 246 -21.54 11.64 22.65
CA LEU C 246 -20.34 11.14 23.24
C LEU C 246 -20.38 9.61 23.56
N THR C 247 -21.58 9.03 23.50
CA THR C 247 -21.76 7.61 23.80
C THR C 247 -22.24 6.80 22.57
N GLU C 248 -22.20 7.36 21.35
CA GLU C 248 -22.44 6.64 20.10
C GLU C 248 -21.46 5.44 19.93
N PHE C 249 -20.19 5.66 20.22
CA PHE C 249 -19.18 4.62 20.15
C PHE C 249 -19.63 3.37 20.90
N MET C 250 -20.12 3.55 22.15
CA MET C 250 -20.65 2.47 23.00
C MET C 250 -21.83 1.73 22.40
N ARG C 251 -22.77 2.46 21.78
CA ARG C 251 -23.88 1.86 21.03
C ARG C 251 -23.50 1.02 19.75
N ASP C 252 -22.69 1.61 18.86
CA ASP C 252 -22.05 0.91 17.75
C ASP C 252 -21.28 -0.30 18.17
N TRP C 253 -20.46 -0.20 19.20
CA TRP C 253 -19.67 -1.31 19.75
C TRP C 253 -20.49 -2.47 20.35
N TYR C 254 -21.58 -2.15 21.06
CA TYR C 254 -22.45 -3.15 21.63
C TYR C 254 -23.17 -3.90 20.51
N LYS C 255 -23.69 -3.15 19.55
CA LYS C 255 -24.34 -3.76 18.43
C LYS C 255 -23.41 -4.72 17.68
N GLU C 256 -22.12 -4.38 17.58
CA GLU C 256 -21.18 -5.27 16.88
C GLU C 256 -20.79 -6.45 17.71
N SER C 257 -20.67 -6.28 19.03
CA SER C 257 -20.34 -7.34 19.91
C SER C 257 -21.42 -8.46 19.96
N LEU C 258 -22.69 -8.15 19.76
CA LEU C 258 -23.70 -9.16 19.64
C LEU C 258 -23.27 -10.20 18.59
N ARG C 259 -22.75 -9.75 17.46
CA ARG C 259 -22.32 -10.68 16.41
C ARG C 259 -21.41 -11.78 16.87
N TRP C 260 -20.27 -11.44 17.47
CA TRP C 260 -19.45 -12.52 17.99
C TRP C 260 -19.85 -13.23 19.34
N THR C 261 -20.47 -12.52 20.26
CA THR C 261 -20.77 -13.17 21.54
C THR C 261 -21.91 -14.22 21.30
N ASN C 262 -22.84 -13.89 20.41
CA ASN C 262 -23.92 -14.82 20.06
C ASN C 262 -23.31 -16.05 19.41
N ALA C 263 -22.53 -15.90 18.32
CA ALA C 263 -21.90 -17.06 17.64
C ALA C 263 -21.06 -17.88 18.59
N MET C 264 -20.45 -17.27 19.61
CA MET C 264 -19.68 -18.05 20.53
C MET C 264 -20.59 -18.92 21.48
N MET C 265 -21.70 -18.34 21.90
CA MET C 265 -22.74 -19.03 22.70
C MET C 265 -23.51 -20.12 21.88
N LYS C 266 -23.98 -19.75 20.70
CA LYS C 266 -24.52 -20.69 19.74
C LYS C 266 -23.71 -21.96 19.57
N ALA C 267 -22.39 -21.80 19.35
CA ALA C 267 -21.50 -22.92 19.09
C ALA C 267 -21.24 -23.76 20.32
N VAL C 268 -21.05 -23.11 21.46
CA VAL C 268 -20.66 -23.79 22.68
C VAL C 268 -21.86 -24.51 23.31
N ALA C 269 -23.04 -23.88 23.24
CA ALA C 269 -24.29 -24.47 23.79
C ALA C 269 -24.64 -25.65 22.90
N GLY C 270 -24.73 -25.38 21.59
CA GLY C 270 -25.02 -26.35 20.55
C GLY C 270 -24.14 -27.58 20.52
N GLU C 271 -23.03 -27.54 21.22
CA GLU C 271 -22.04 -28.56 21.11
C GLU C 271 -22.53 -29.87 21.80
N SER C 272 -23.08 -29.73 23.01
CA SER C 272 -23.41 -30.85 23.87
C SER C 272 -24.35 -30.43 25.00
N GLU C 273 -25.31 -31.32 25.26
CA GLU C 273 -26.23 -31.20 26.38
C GLU C 273 -25.47 -30.93 27.65
N THR C 274 -24.31 -31.54 27.81
CA THR C 274 -23.58 -31.33 29.04
C THR C 274 -22.94 -29.88 29.18
N ASN C 275 -22.65 -29.24 28.04
CA ASN C 275 -22.25 -27.83 28.04
C ASN C 275 -23.52 -27.03 28.40
N ARG C 276 -24.63 -27.29 27.71
CA ARG C 276 -25.82 -26.52 28.00
C ARG C 276 -26.20 -26.53 29.49
N GLU C 277 -26.00 -27.63 30.20
CA GLU C 277 -26.32 -27.67 31.62
C GLU C 277 -25.24 -27.07 32.54
N LEU C 278 -23.98 -27.08 32.09
CA LEU C 278 -22.97 -26.27 32.77
C LEU C 278 -23.33 -24.79 32.67
N LEU C 279 -23.74 -24.37 31.48
CA LEU C 279 -24.02 -22.97 31.24
C LEU C 279 -25.19 -22.47 32.09
N GLN C 280 -26.29 -23.23 32.00
CA GLN C 280 -27.49 -23.05 32.80
C GLN C 280 -27.23 -23.00 34.31
N LYS C 281 -26.45 -23.90 34.85
CA LYS C 281 -26.01 -23.76 36.25
C LYS C 281 -25.31 -22.43 36.51
N TRP C 282 -24.48 -22.00 35.57
CA TRP C 282 -23.80 -20.69 35.75
C TRP C 282 -24.76 -19.48 35.59
N ILE C 283 -25.67 -19.52 34.61
CA ILE C 283 -26.62 -18.45 34.44
C ILE C 283 -27.46 -18.27 35.75
N ASP C 284 -28.07 -19.36 36.22
CA ASP C 284 -28.83 -19.34 37.47
C ASP C 284 -28.12 -18.72 38.66
N HIS C 285 -26.83 -18.99 38.84
CA HIS C 285 -26.05 -18.36 39.88
C HIS C 285 -25.65 -16.89 39.62
N TRP C 286 -25.53 -16.50 38.32
CA TRP C 286 -25.07 -15.15 37.93
C TRP C 286 -26.09 -14.17 37.39
N GLU C 287 -27.02 -14.56 36.51
CA GLU C 287 -27.85 -13.52 35.91
C GLU C 287 -28.66 -12.71 36.92
N PRO C 288 -29.23 -13.38 37.97
CA PRO C 288 -29.83 -12.54 39.01
C PRO C 288 -28.87 -11.64 39.77
N GLN C 289 -27.59 -12.03 39.95
CA GLN C 289 -26.58 -11.08 40.47
C GLN C 289 -26.28 -9.88 39.50
N ALA C 290 -26.18 -10.13 38.20
CA ALA C 290 -26.19 -9.07 37.18
C ALA C 290 -27.38 -8.11 37.37
N TYR C 291 -28.59 -8.67 37.28
CA TYR C 291 -29.86 -7.94 37.42
C TYR C 291 -29.94 -7.03 38.63
N GLU C 292 -29.62 -7.61 39.77
CA GLU C 292 -29.66 -6.92 41.07
C GLU C 292 -28.52 -5.85 41.25
N ALA C 293 -27.41 -6.06 40.54
CA ALA C 293 -26.36 -5.02 40.42
C ALA C 293 -26.85 -3.78 39.67
N LEU C 294 -27.65 -3.98 38.65
CA LEU C 294 -28.18 -2.90 37.85
C LEU C 294 -29.49 -2.25 38.35
N LYS C 295 -30.16 -2.88 39.30
CA LYS C 295 -31.45 -2.36 39.87
C LYS C 295 -31.24 -0.96 40.49
N PRO C 296 -30.28 -0.81 41.42
CA PRO C 296 -30.15 0.57 41.95
C PRO C 296 -29.92 1.64 40.86
N LEU C 297 -29.06 1.33 39.86
CA LEU C 297 -28.81 2.27 38.77
C LEU C 297 -30.08 2.58 37.96
N ALA C 298 -30.85 1.55 37.62
CA ALA C 298 -32.15 1.75 36.89
C ALA C 298 -33.25 2.48 37.68
N GLU C 299 -33.35 2.28 38.99
CA GLU C 299 -34.34 3.09 39.68
C GLU C 299 -33.89 4.55 40.05
N ALA C 300 -32.59 4.80 39.99
CA ALA C 300 -32.11 6.15 40.21
C ALA C 300 -32.15 6.95 38.97
N SER C 301 -32.66 6.38 37.89
CA SER C 301 -32.66 7.06 36.60
C SER C 301 -33.95 6.83 35.83
N VAL C 302 -33.96 5.84 34.94
CA VAL C 302 -35.05 5.60 33.96
C VAL C 302 -36.17 4.73 34.63
N GLY C 303 -35.90 4.22 35.81
CA GLY C 303 -36.91 3.42 36.49
C GLY C 303 -36.94 1.97 36.04
N ILE C 304 -37.27 1.11 36.98
CA ILE C 304 -37.04 -0.33 36.83
C ILE C 304 -37.61 -1.03 35.60
N ASP C 305 -38.66 -0.52 34.95
CA ASP C 305 -39.18 -1.20 33.79
C ASP C 305 -38.16 -1.15 32.63
N GLY C 306 -37.16 -0.29 32.79
CA GLY C 306 -36.10 -0.17 31.80
C GLY C 306 -35.24 -1.39 32.02
N LEU C 307 -34.95 -1.67 33.27
CA LEU C 307 -34.17 -2.82 33.56
C LEU C 307 -34.92 -4.11 33.17
N ASN C 308 -36.14 -4.31 33.67
CA ASN C 308 -36.91 -5.49 33.21
C ASN C 308 -36.99 -5.60 31.69
N GLU C 309 -37.20 -4.50 30.94
CA GLU C 309 -37.22 -4.63 29.46
C GLU C 309 -35.82 -5.02 28.89
N ALA C 310 -34.82 -5.25 29.76
CA ALA C 310 -33.47 -5.49 29.28
C ALA C 310 -33.17 -6.92 29.66
N ARG C 311 -33.71 -7.31 30.81
CA ARG C 311 -33.79 -8.70 31.21
C ARG C 311 -34.57 -9.48 30.13
N ALA C 312 -35.68 -8.89 29.67
CA ALA C 312 -36.46 -9.38 28.54
C ALA C 312 -35.55 -9.69 27.40
N GLU C 313 -34.89 -8.69 26.82
CA GLU C 313 -33.95 -8.87 25.70
C GLU C 313 -32.89 -9.94 25.95
N LEU C 314 -32.35 -10.01 27.17
CA LEU C 314 -31.31 -10.98 27.47
C LEU C 314 -31.88 -12.39 27.46
N SER C 315 -32.98 -12.61 28.18
CA SER C 315 -33.59 -13.97 28.33
C SER C 315 -33.99 -14.55 26.97
N ALA C 316 -34.59 -13.69 26.15
CA ALA C 316 -34.97 -13.97 24.78
C ALA C 316 -33.79 -14.51 23.99
N ARG C 317 -32.72 -13.72 23.93
CA ARG C 317 -31.44 -14.06 23.32
C ARG C 317 -30.85 -15.35 23.89
N LEU C 318 -30.86 -15.52 25.20
CA LEU C 318 -30.44 -16.79 25.76
C LEU C 318 -31.26 -18.02 25.27
N LYS C 319 -32.48 -17.80 24.81
CA LYS C 319 -33.36 -18.91 24.49
C LYS C 319 -33.03 -19.43 23.12
N LYS C 320 -32.58 -18.53 22.25
CA LYS C 320 -31.87 -18.87 21.02
C LYS C 320 -30.67 -19.86 21.17
N PHE C 321 -30.10 -19.95 22.35
CA PHE C 321 -29.09 -20.97 22.63
C PHE C 321 -29.61 -22.23 23.33
N GLU C 322 -30.95 -22.36 23.37
CA GLU C 322 -31.71 -23.33 24.24
C GLU C 322 -31.36 -23.14 25.73
N LEU C 323 -31.32 -21.89 26.16
CA LEU C 323 -30.93 -21.59 27.53
C LEU C 323 -32.01 -20.65 28.10
N GLN C 324 -32.07 -20.50 29.41
CA GLN C 324 -33.16 -19.66 29.92
C GLN C 324 -32.73 -18.71 31.03
N SER C 325 -33.59 -17.73 31.29
CA SER C 325 -33.33 -16.72 32.27
C SER C 325 -34.44 -16.60 33.33
N ARG C 326 -35.39 -15.67 33.06
CA ARG C 326 -36.50 -15.14 33.96
C ARG C 326 -36.79 -13.65 33.71
N GLU D 1 17.95 0.51 14.49
CA GLU D 1 17.93 0.77 13.01
C GLU D 1 18.20 -0.52 12.17
N ILE D 2 17.20 -0.84 11.33
CA ILE D 2 17.38 -1.76 10.18
C ILE D 2 18.36 -1.15 9.15
N LYS D 3 19.44 -1.88 8.88
CA LYS D 3 20.38 -1.54 7.79
C LYS D 3 19.77 -1.88 6.40
N THR D 4 19.87 -0.94 5.46
CA THR D 4 19.42 -1.15 4.07
C THR D 4 20.62 -0.97 3.15
N ASN D 5 20.51 -1.60 1.96
CA ASN D 5 21.45 -1.36 0.87
C ASN D 5 21.13 -0.05 0.15
N SER D 6 22.03 0.93 0.25
CA SER D 6 21.72 2.24 -0.33
C SER D 6 22.55 2.49 -1.60
N VAL D 7 21.82 2.79 -2.68
CA VAL D 7 22.36 2.79 -4.04
C VAL D 7 22.64 4.21 -4.56
N GLU D 8 23.70 4.35 -5.38
CA GLU D 8 24.12 5.68 -5.84
C GLU D 8 23.32 6.17 -7.04
N PRO D 9 22.58 7.27 -6.88
CA PRO D 9 21.78 7.77 -8.00
C PRO D 9 22.62 8.65 -8.95
N ILE D 10 22.20 8.75 -10.21
CA ILE D 10 22.76 9.68 -11.19
C ILE D 10 22.37 11.09 -10.85
N ARG D 11 21.13 11.24 -10.37
CA ARG D 11 20.61 12.57 -10.00
C ARG D 11 19.55 12.46 -8.94
N HIS D 12 19.18 13.56 -8.32
CA HIS D 12 18.20 13.47 -7.28
C HIS D 12 16.81 13.82 -7.60
N THR D 13 16.60 14.71 -8.55
CA THR D 13 15.28 15.06 -8.97
C THR D 13 15.25 15.29 -10.53
N TYR D 14 14.15 15.89 -11.04
CA TYR D 14 13.98 16.20 -12.47
C TYR D 14 14.65 17.51 -12.77
N GLY D 15 15.26 17.58 -13.96
CA GLY D 15 15.79 18.84 -14.52
C GLY D 15 15.06 20.09 -14.10
N HIS D 16 13.75 20.14 -14.30
CA HIS D 16 13.04 21.41 -14.02
C HIS D 16 12.89 21.68 -12.51
N ILE D 17 12.75 20.62 -11.71
CA ILE D 17 12.76 20.78 -10.25
C ILE D 17 14.18 21.26 -9.80
N ALA D 18 15.22 20.59 -10.28
CA ALA D 18 16.57 20.96 -9.90
C ALA D 18 16.96 22.38 -10.27
N ARG D 19 16.51 22.87 -11.44
CA ARG D 19 16.77 24.24 -11.88
C ARG D 19 16.13 25.21 -10.92
N ARG D 20 14.97 24.84 -10.38
CA ARG D 20 14.23 25.73 -9.46
C ARG D 20 14.68 25.61 -8.01
N PHE D 21 15.08 24.42 -7.56
CA PHE D 21 15.27 24.23 -6.14
C PHE D 21 16.69 23.74 -5.75
N GLY D 22 17.47 23.26 -6.74
CA GLY D 22 18.80 22.66 -6.51
C GLY D 22 18.89 21.19 -6.82
N ASP D 23 20.09 20.69 -7.09
CA ASP D 23 20.19 19.28 -7.33
C ASP D 23 20.05 18.38 -6.03
N LYS D 24 18.89 18.38 -5.39
CA LYS D 24 18.75 17.53 -4.21
C LYS D 24 17.38 16.85 -4.20
N PRO D 25 17.17 15.89 -3.29
CA PRO D 25 15.81 15.34 -3.30
C PRO D 25 14.72 16.41 -3.06
N ALA D 26 13.60 16.21 -3.78
CA ALA D 26 12.54 17.19 -3.74
C ALA D 26 11.33 16.58 -3.05
N THR D 27 10.35 17.42 -2.69
CA THR D 27 9.11 16.90 -2.09
C THR D 27 8.12 16.39 -3.13
N ARG D 28 7.11 15.62 -2.70
CA ARG D 28 6.08 15.09 -3.57
C ARG D 28 5.43 16.30 -4.18
N TYR D 29 5.21 17.35 -3.36
CA TYR D 29 4.49 18.48 -3.78
C TYR D 29 5.22 19.17 -4.90
N GLN D 30 6.52 19.42 -4.72
CA GLN D 30 7.37 20.05 -5.79
C GLN D 30 7.35 19.27 -7.08
N GLU D 31 7.57 17.95 -7.02
CA GLU D 31 7.70 17.18 -8.23
C GLU D 31 6.35 17.13 -8.98
N ALA D 32 5.25 17.36 -8.25
CA ALA D 32 3.91 17.26 -8.84
C ALA D 32 3.39 18.63 -9.34
N SER D 33 3.98 19.76 -8.97
CA SER D 33 3.34 21.01 -9.21
C SER D 33 4.13 22.01 -9.99
N TYR D 34 5.41 21.79 -10.16
CA TYR D 34 6.20 22.85 -10.81
C TYR D 34 6.63 22.45 -12.16
N ASP D 35 6.23 23.28 -13.14
CA ASP D 35 6.71 23.24 -14.57
C ASP D 35 6.33 21.98 -15.34
N ILE D 36 5.19 21.44 -14.98
CA ILE D 36 4.71 20.13 -15.45
C ILE D 36 3.88 20.38 -16.79
N GLU D 37 3.30 21.58 -16.90
CA GLU D 37 2.42 21.98 -17.97
C GLU D 37 3.22 22.30 -19.24
N ALA D 38 2.48 22.35 -20.36
CA ALA D 38 3.06 22.76 -21.66
C ALA D 38 3.09 24.27 -21.60
N LYS D 39 4.17 24.84 -22.08
CA LYS D 39 4.37 26.27 -21.94
C LYS D 39 4.52 26.92 -23.30
N THR D 40 5.01 26.15 -24.26
CA THR D 40 5.39 26.78 -25.53
C THR D 40 5.19 25.87 -26.81
N ASN D 41 5.37 26.52 -28.00
CA ASN D 41 5.30 25.87 -29.33
C ASN D 41 3.96 25.21 -29.62
N PHE D 42 2.88 25.88 -29.23
CA PHE D 42 1.52 25.36 -29.42
C PHE D 42 1.24 25.30 -30.94
N HIS D 43 0.47 24.30 -31.35
CA HIS D 43 0.38 23.97 -32.75
C HIS D 43 -0.73 24.72 -33.51
N TYR D 44 -1.82 25.13 -32.86
CA TYR D 44 -2.95 25.79 -33.53
C TYR D 44 -3.56 26.77 -32.56
N ARG D 45 -4.11 27.86 -33.09
CA ARG D 45 -4.80 28.86 -32.26
C ARG D 45 -6.16 28.32 -31.85
N PRO D 46 -6.61 28.61 -30.59
CA PRO D 46 -7.98 28.37 -30.17
C PRO D 46 -9.05 28.84 -31.18
N GLN D 47 -10.01 27.96 -31.51
CA GLN D 47 -11.10 28.32 -32.41
C GLN D 47 -12.12 29.10 -31.60
N TRP D 48 -11.98 29.07 -30.27
CA TRP D 48 -12.93 29.71 -29.36
C TRP D 48 -12.45 31.06 -28.74
N ASP D 49 -11.35 31.61 -29.26
CA ASP D 49 -10.73 32.79 -28.63
C ASP D 49 -9.79 33.33 -29.65
N SER D 50 -10.02 34.58 -30.10
CA SER D 50 -9.12 35.21 -31.08
C SER D 50 -7.92 35.90 -30.47
N GLU D 51 -7.91 36.04 -29.13
CA GLU D 51 -6.98 36.99 -28.47
C GLU D 51 -5.79 36.34 -27.84
N HIS D 52 -5.90 35.03 -27.59
CA HIS D 52 -4.83 34.32 -26.85
C HIS D 52 -4.61 32.95 -27.44
N THR D 53 -3.38 32.46 -27.25
CA THR D 53 -2.99 31.09 -27.52
C THR D 53 -3.58 30.06 -26.48
N LEU D 54 -3.39 28.78 -26.74
CA LEU D 54 -3.47 27.78 -25.66
C LEU D 54 -2.49 28.22 -24.54
N ASN D 55 -2.86 28.03 -23.26
CA ASN D 55 -1.92 28.20 -22.12
C ASN D 55 -1.20 29.52 -22.21
N ASP D 56 -1.96 30.59 -22.08
CA ASP D 56 -1.53 31.94 -22.37
C ASP D 56 -1.58 32.75 -21.09
N PRO D 57 -0.40 33.19 -20.57
CA PRO D 57 -0.49 33.98 -19.32
C PRO D 57 -1.30 35.26 -19.49
N THR D 58 -1.55 35.64 -20.75
CA THR D 58 -2.19 36.96 -20.99
C THR D 58 -3.72 36.94 -20.95
N ARG D 59 -4.29 35.79 -20.66
CA ARG D 59 -5.75 35.64 -20.33
C ARG D 59 -6.11 36.44 -19.07
N THR D 60 -5.11 36.81 -18.24
CA THR D 60 -5.34 37.84 -17.21
C THR D 60 -4.47 39.03 -17.54
N ALA D 61 -4.93 40.24 -17.18
CA ALA D 61 -4.11 41.47 -17.28
C ALA D 61 -2.99 41.59 -16.22
N ILE D 62 -3.09 40.82 -15.11
CA ILE D 62 -2.05 40.76 -14.10
C ILE D 62 -0.82 40.18 -14.74
N ARG D 63 0.35 40.70 -14.41
CA ARG D 63 1.62 40.20 -14.85
C ARG D 63 2.47 39.69 -13.67
N MET D 64 3.16 38.62 -13.92
CA MET D 64 4.17 38.03 -13.02
C MET D 64 5.31 37.49 -13.89
N GLU D 65 6.51 37.76 -13.46
CA GLU D 65 7.72 37.18 -14.02
C GLU D 65 7.74 35.64 -13.91
N ASP D 66 7.20 35.13 -12.81
CA ASP D 66 7.08 33.66 -12.59
C ASP D 66 5.78 33.42 -11.83
N TRP D 67 4.79 32.85 -12.50
CA TRP D 67 3.58 32.42 -11.79
C TRP D 67 3.84 31.46 -10.63
N CYS D 68 4.93 30.72 -10.65
CA CYS D 68 5.26 29.91 -9.47
C CYS D 68 5.64 30.65 -8.18
N ALA D 69 5.80 31.98 -8.22
CA ALA D 69 5.87 32.79 -7.00
C ALA D 69 4.61 32.48 -6.19
N VAL D 70 3.62 31.92 -6.86
CA VAL D 70 2.36 31.50 -6.20
C VAL D 70 2.44 30.00 -5.96
N SER D 71 2.38 29.65 -4.67
CA SER D 71 2.61 28.35 -4.11
C SER D 71 1.59 28.06 -3.00
N ASP D 72 1.33 26.79 -2.79
CA ASP D 72 0.28 26.43 -1.85
C ASP D 72 1.00 26.15 -0.51
N PRO D 73 0.79 27.02 0.53
CA PRO D 73 1.35 26.69 1.87
C PRO D 73 0.82 25.39 2.44
N ARG D 74 -0.32 24.87 1.97
CA ARG D 74 -0.79 23.54 2.41
C ARG D 74 -0.04 22.45 1.65
N GLN D 75 0.66 22.77 0.53
CA GLN D 75 1.37 21.75 -0.22
C GLN D 75 0.45 20.66 -0.81
N PHE D 76 -0.75 21.03 -1.18
CA PHE D 76 -1.66 20.06 -1.78
C PHE D 76 -1.24 19.73 -3.22
N TYR D 77 -0.71 18.53 -3.39
CA TYR D 77 -0.85 17.84 -4.67
C TYR D 77 -2.07 16.90 -4.54
N TYR D 78 -2.43 16.20 -5.61
CA TYR D 78 -3.65 15.42 -5.55
C TYR D 78 -3.90 14.56 -4.27
N GLY D 79 -3.01 13.67 -3.98
CA GLY D 79 -3.18 12.79 -2.87
C GLY D 79 -3.27 13.43 -1.50
N ALA D 80 -2.48 14.48 -1.24
CA ALA D 80 -2.61 15.24 -0.01
C ALA D 80 -3.99 15.88 0.07
N TYR D 81 -4.43 16.42 -1.04
CA TYR D 81 -5.73 17.06 -1.06
C TYR D 81 -6.87 16.08 -0.74
N VAL D 82 -6.92 14.95 -1.45
CA VAL D 82 -8.03 13.97 -1.19
C VAL D 82 -7.87 13.33 0.16
N GLY D 83 -6.66 13.14 0.68
CA GLY D 83 -6.51 12.56 2.00
C GLY D 83 -7.03 13.54 3.06
N ASN D 84 -6.71 14.82 2.94
CA ASN D 84 -7.23 15.81 3.84
C ASN D 84 -8.75 15.83 3.82
N ARG D 85 -9.33 15.84 2.61
CA ARG D 85 -10.76 15.95 2.48
C ARG D 85 -11.57 14.71 2.90
N ALA D 86 -11.00 13.52 2.68
CA ALA D 86 -11.63 12.28 3.11
C ALA D 86 -11.76 12.36 4.65
N LYS D 87 -10.78 12.94 5.33
CA LYS D 87 -10.91 13.09 6.74
C LYS D 87 -12.04 14.10 7.09
N MET D 88 -12.13 15.25 6.42
CA MET D 88 -13.21 16.14 6.73
C MET D 88 -14.56 15.55 6.41
N GLN D 89 -14.61 14.75 5.36
CA GLN D 89 -15.92 14.27 4.92
C GLN D 89 -16.45 13.26 5.94
N GLU D 90 -15.54 12.52 6.56
CA GLU D 90 -15.94 11.51 7.49
C GLU D 90 -16.57 12.19 8.69
N SER D 91 -15.99 13.31 9.15
CA SER D 91 -16.57 14.04 10.29
C SER D 91 -17.90 14.54 9.96
N ALA D 92 -18.02 15.15 8.80
CA ALA D 92 -19.30 15.62 8.32
C ALA D 92 -20.34 14.49 8.30
N GLU D 93 -19.96 13.30 7.84
CA GLU D 93 -20.89 12.11 7.80
C GLU D 93 -21.34 11.73 9.17
N THR D 94 -20.42 11.73 10.13
CA THR D 94 -20.72 11.51 11.54
C THR D 94 -21.88 12.41 12.04
N SER D 95 -21.75 13.70 11.77
CA SER D 95 -22.67 14.72 12.22
C SER D 95 -24.00 14.66 11.49
N PHE D 96 -23.94 14.52 10.16
CA PHE D 96 -25.14 14.26 9.40
C PHE D 96 -25.87 12.98 9.89
N GLY D 97 -25.14 11.89 10.14
CA GLY D 97 -25.75 10.68 10.65
C GLY D 97 -26.46 10.84 11.98
N PHE D 98 -25.76 11.39 12.95
CA PHE D 98 -26.34 11.83 14.18
C PHE D 98 -27.55 12.75 14.03
N CYS D 99 -27.50 13.87 13.28
CA CYS D 99 -28.71 14.76 13.19
C CYS D 99 -29.93 14.10 12.59
N GLU D 100 -29.71 13.14 11.72
CA GLU D 100 -30.76 12.43 11.06
C GLU D 100 -31.39 11.41 12.02
N LYS D 101 -30.56 10.60 12.66
CA LYS D 101 -31.05 9.60 13.57
C LYS D 101 -31.80 10.18 14.79
N ARG D 102 -31.30 11.27 15.36
CA ARG D 102 -31.89 11.92 16.54
C ARG D 102 -32.98 12.93 16.15
N ASN D 103 -33.36 12.98 14.87
CA ASN D 103 -34.37 13.91 14.41
C ASN D 103 -34.21 15.41 14.79
N LEU D 104 -32.96 15.87 14.84
CA LEU D 104 -32.67 17.18 15.33
C LEU D 104 -33.17 18.29 14.46
N LEU D 105 -33.41 18.01 13.19
CA LEU D 105 -33.87 19.07 12.30
C LEU D 105 -35.32 18.93 12.00
N THR D 106 -35.79 17.68 11.88
CA THR D 106 -37.23 17.46 11.61
C THR D 106 -38.18 17.83 12.81
N ARG D 107 -37.64 17.84 14.03
CA ARG D 107 -38.38 18.20 15.21
C ARG D 107 -38.49 19.74 15.38
N LEU D 108 -37.72 20.50 14.61
CA LEU D 108 -37.80 21.94 14.63
C LEU D 108 -39.19 22.38 14.21
N SER D 109 -39.55 23.56 14.69
CA SER D 109 -40.82 24.17 14.36
C SER D 109 -40.73 24.48 12.88
N GLU D 110 -41.88 24.63 12.23
CA GLU D 110 -41.94 24.93 10.82
C GLU D 110 -41.33 26.28 10.46
N GLU D 111 -41.43 27.23 11.37
CA GLU D 111 -40.85 28.56 11.17
C GLU D 111 -39.33 28.56 11.22
N THR D 112 -38.75 27.82 12.18
CA THR D 112 -37.32 27.62 12.26
C THR D 112 -36.80 26.89 10.98
N GLN D 113 -37.57 25.93 10.47
CA GLN D 113 -37.17 25.23 9.26
C GLN D 113 -37.17 26.12 8.07
N LYS D 114 -38.16 27.02 8.00
CA LYS D 114 -38.25 27.97 6.91
C LYS D 114 -37.06 28.94 6.97
N GLN D 115 -36.63 29.33 8.17
CA GLN D 115 -35.42 30.18 8.30
C GLN D 115 -34.21 29.48 7.68
N LEU D 116 -34.11 28.16 7.89
CA LEU D 116 -33.05 27.37 7.32
C LEU D 116 -33.14 27.31 5.82
N LEU D 117 -34.33 27.09 5.26
CA LEU D 117 -34.49 27.00 3.78
C LEU D 117 -34.41 28.34 3.17
N ARG D 118 -34.68 29.38 3.95
CA ARG D 118 -34.62 30.74 3.42
C ARG D 118 -33.24 31.43 3.55
N LEU D 119 -32.56 31.30 4.66
CA LEU D 119 -31.32 32.05 4.93
C LEU D 119 -30.00 31.28 4.67
N LEU D 120 -30.07 29.95 4.61
CA LEU D 120 -28.89 29.12 4.62
C LEU D 120 -28.85 28.31 3.32
N VAL D 121 -29.87 27.45 3.13
CA VAL D 121 -29.85 26.50 2.01
C VAL D 121 -29.62 27.14 0.66
N PRO D 122 -30.17 28.37 0.40
CA PRO D 122 -29.97 28.94 -0.89
C PRO D 122 -28.49 29.34 -1.24
N LEU D 123 -27.62 29.34 -0.26
CA LEU D 123 -26.20 29.53 -0.54
C LEU D 123 -25.64 28.42 -1.44
N ARG D 124 -26.29 27.24 -1.48
CA ARG D 124 -25.93 26.21 -2.50
C ARG D 124 -25.82 26.75 -3.94
N HIS D 125 -26.57 27.80 -4.28
CA HIS D 125 -26.56 28.34 -5.62
C HIS D 125 -25.35 29.29 -5.78
N VAL D 126 -24.94 29.88 -4.68
CA VAL D 126 -23.69 30.66 -4.63
C VAL D 126 -22.48 29.75 -4.83
N GLU D 127 -22.48 28.61 -4.15
CA GLU D 127 -21.44 27.58 -4.24
C GLU D 127 -21.32 26.94 -5.62
N LEU D 128 -22.46 26.74 -6.28
CA LEU D 128 -22.46 26.33 -7.67
C LEU D 128 -21.82 27.37 -8.57
N GLY D 129 -22.22 28.63 -8.42
CA GLY D 129 -21.49 29.74 -9.13
C GLY D 129 -20.00 29.67 -8.88
N ALA D 130 -19.57 29.36 -7.65
CA ALA D 130 -18.17 29.42 -7.29
C ALA D 130 -17.50 28.17 -7.90
N ASN D 131 -18.20 27.04 -7.90
CA ASN D 131 -17.69 25.83 -8.54
C ASN D 131 -17.33 26.12 -10.00
N MET D 132 -18.24 26.91 -10.63
CA MET D 132 -18.14 27.23 -12.04
C MET D 132 -17.00 28.19 -12.28
N ASN D 133 -16.94 29.19 -11.42
CA ASN D 133 -15.90 30.24 -11.54
C ASN D 133 -14.50 29.66 -11.34
N ASN D 134 -14.40 28.68 -10.48
CA ASN D 134 -13.10 28.07 -10.23
C ASN D 134 -12.61 27.05 -11.28
N ALA D 135 -13.55 26.29 -11.83
CA ALA D 135 -13.33 25.52 -13.04
C ALA D 135 -12.78 26.37 -14.19
N LYS D 136 -13.41 27.49 -14.44
CA LYS D 136 -12.97 28.47 -15.41
C LYS D 136 -11.54 28.91 -15.08
N ILE D 137 -11.29 29.38 -13.86
CA ILE D 137 -9.86 29.72 -13.49
C ILE D 137 -8.91 28.51 -13.70
N ALA D 138 -9.34 27.31 -13.33
CA ALA D 138 -8.41 26.18 -13.53
C ALA D 138 -8.06 25.98 -14.95
N GLY D 139 -8.93 26.36 -15.89
CA GLY D 139 -8.65 26.01 -17.26
C GLY D 139 -7.93 27.16 -17.97
N ASP D 140 -7.83 28.32 -17.32
CA ASP D 140 -7.24 29.56 -17.87
C ASP D 140 -5.87 29.86 -17.27
N ALA D 141 -5.64 29.55 -15.98
CA ALA D 141 -4.35 29.86 -15.36
C ALA D 141 -3.35 28.92 -15.85
N THR D 142 -2.14 29.42 -16.17
CA THR D 142 -1.11 28.56 -16.74
C THR D 142 -0.32 27.69 -15.73
N ALA D 143 0.16 28.26 -14.64
CA ALA D 143 1.02 27.48 -13.70
C ALA D 143 0.23 26.39 -13.05
N THR D 144 0.75 25.19 -12.96
CA THR D 144 0.06 24.13 -12.21
C THR D 144 -0.14 24.56 -10.72
N THR D 145 0.76 25.39 -10.15
CA THR D 145 0.63 25.71 -8.72
C THR D 145 -0.65 26.48 -8.50
N VAL D 146 -1.01 27.27 -9.50
CA VAL D 146 -2.19 28.13 -9.46
C VAL D 146 -3.47 27.36 -9.95
N SER D 147 -3.35 26.70 -11.10
CA SER D 147 -4.54 26.04 -11.64
C SER D 147 -4.98 24.87 -10.72
N GLN D 148 -4.03 24.11 -10.16
CA GLN D 148 -4.42 23.02 -9.26
C GLN D 148 -5.17 23.53 -8.00
N MET D 149 -4.86 24.69 -7.48
CA MET D 149 -5.57 25.17 -6.28
C MET D 149 -7.01 25.53 -6.56
N HIS D 150 -7.24 25.99 -7.78
CA HIS D 150 -8.57 26.38 -8.25
C HIS D 150 -9.45 25.21 -8.65
N ILE D 151 -8.86 24.14 -9.17
CA ILE D 151 -9.62 22.91 -9.32
C ILE D 151 -10.03 22.28 -7.94
N TYR D 152 -9.11 22.22 -6.98
CA TYR D 152 -9.43 21.72 -5.67
C TYR D 152 -10.50 22.56 -5.05
N THR D 153 -10.36 23.86 -5.04
CA THR D 153 -11.38 24.69 -4.42
C THR D 153 -12.75 24.62 -5.14
N GLY D 154 -12.80 24.45 -6.47
CA GLY D 154 -14.05 24.31 -7.22
C GLY D 154 -14.80 23.05 -6.84
N MET D 155 -14.08 21.96 -6.69
CA MET D 155 -14.68 20.72 -6.21
C MET D 155 -15.18 20.84 -4.82
N ASP D 156 -14.44 21.56 -3.97
CA ASP D 156 -14.86 21.85 -2.60
C ASP D 156 -16.21 22.63 -2.63
N ARG D 157 -16.34 23.64 -3.49
CA ARG D 157 -17.66 24.33 -3.64
C ARG D 157 -18.81 23.37 -3.94
N LEU D 158 -18.54 22.40 -4.81
CA LEU D 158 -19.54 21.41 -5.13
C LEU D 158 -19.90 20.64 -3.85
N GLY D 159 -18.90 20.16 -3.11
CA GLY D 159 -19.07 19.45 -1.90
C GLY D 159 -19.88 20.23 -0.83
N ILE D 160 -19.65 21.55 -0.75
CA ILE D 160 -20.30 22.42 0.18
C ILE D 160 -21.75 22.64 -0.25
N GLY D 161 -22.00 22.82 -1.56
CA GLY D 161 -23.34 22.91 -2.07
C GLY D 161 -24.13 21.65 -1.80
N GLN D 162 -23.43 20.52 -1.84
CA GLN D 162 -24.04 19.22 -1.51
C GLN D 162 -24.43 19.06 -0.04
N TYR D 163 -23.58 19.56 0.87
CA TYR D 163 -23.91 19.50 2.31
C TYR D 163 -25.12 20.45 2.59
N LEU D 164 -25.14 21.61 2.00
CA LEU D 164 -26.29 22.48 2.17
C LEU D 164 -27.56 21.88 1.61
N SER D 165 -27.48 21.29 0.42
CA SER D 165 -28.56 20.55 -0.15
C SER D 165 -29.01 19.45 0.83
N ARG D 166 -28.08 18.76 1.49
CA ARG D 166 -28.45 17.66 2.37
C ARG D 166 -29.13 18.15 3.68
N ILE D 167 -28.81 19.35 4.12
CA ILE D 167 -29.61 20.01 5.18
C ILE D 167 -31.15 20.05 4.81
N ALA D 168 -31.50 20.54 3.61
CA ALA D 168 -32.89 20.54 3.12
C ALA D 168 -33.48 19.16 2.99
N LEU D 169 -32.71 18.20 2.44
CA LEU D 169 -33.22 16.88 2.32
C LEU D 169 -33.54 16.26 3.69
N MET D 170 -32.81 16.67 4.72
CA MET D 170 -32.99 16.10 6.02
C MET D 170 -34.29 16.64 6.59
N ILE D 171 -34.54 17.93 6.33
CA ILE D 171 -35.79 18.62 6.71
C ILE D 171 -37.01 18.01 6.00
N ASP D 172 -36.95 17.78 4.68
CA ASP D 172 -38.10 17.25 3.97
C ASP D 172 -38.18 15.71 3.90
N GLY D 173 -37.31 15.06 4.67
CA GLY D 173 -37.19 13.60 4.69
C GLY D 173 -36.89 12.98 3.34
N SER D 174 -36.06 13.66 2.56
CA SER D 174 -35.48 13.04 1.32
C SER D 174 -36.48 12.98 0.16
N THR D 175 -37.35 13.97 0.11
CA THR D 175 -38.32 14.16 -0.95
C THR D 175 -37.90 15.22 -1.98
N GLY D 176 -37.16 16.23 -1.53
CA GLY D 176 -36.77 17.29 -2.45
C GLY D 176 -37.66 18.51 -2.44
N ALA D 177 -38.71 18.50 -1.61
CA ALA D 177 -39.71 19.57 -1.56
C ALA D 177 -39.15 20.82 -0.90
N ALA D 178 -38.35 20.66 0.15
CA ALA D 178 -37.58 21.73 0.83
C ALA D 178 -36.55 22.32 -0.10
N LEU D 179 -35.95 21.48 -0.93
CA LEU D 179 -35.04 21.94 -1.99
C LEU D 179 -35.76 22.84 -2.98
N ASP D 180 -36.96 22.43 -3.43
CA ASP D 180 -37.78 23.28 -4.31
C ASP D 180 -38.28 24.58 -3.63
N GLU D 181 -38.73 24.49 -2.38
CA GLU D 181 -39.07 25.70 -1.62
C GLU D 181 -37.87 26.63 -1.50
N SER D 182 -36.73 26.07 -1.15
CA SER D 182 -35.53 26.89 -1.01
C SER D 182 -35.13 27.59 -2.31
N LYS D 183 -35.29 26.92 -3.44
CA LYS D 183 -34.88 27.46 -4.74
C LYS D 183 -35.82 28.55 -5.26
N ALA D 184 -37.11 28.45 -4.93
CA ALA D 184 -38.04 29.59 -5.10
C ALA D 184 -37.64 30.86 -4.28
N TYR D 185 -37.00 30.71 -3.14
CA TYR D 185 -36.59 31.92 -2.44
C TYR D 185 -35.46 32.56 -3.28
N TRP D 186 -34.60 31.69 -3.78
CA TRP D 186 -33.40 32.12 -4.51
C TRP D 186 -33.76 32.82 -5.80
N MET D 187 -34.73 32.21 -6.49
CA MET D 187 -35.28 32.74 -7.74
C MET D 187 -36.16 34.02 -7.57
N ASP D 188 -36.97 34.05 -6.50
CA ASP D 188 -38.12 34.97 -6.39
C ASP D 188 -38.07 35.98 -5.22
N ASP D 189 -37.54 35.59 -4.07
CA ASP D 189 -37.50 36.50 -2.92
C ASP D 189 -36.50 37.65 -3.15
N GLU D 190 -36.93 38.90 -2.91
CA GLU D 190 -36.05 40.07 -3.18
C GLU D 190 -34.81 40.10 -2.33
N MET D 191 -34.88 39.50 -1.12
CA MET D 191 -33.70 39.26 -0.28
C MET D 191 -32.46 38.67 -1.03
N TRP D 192 -32.76 37.75 -1.95
CA TRP D 192 -31.74 37.02 -2.74
C TRP D 192 -31.34 37.61 -4.09
N GLN D 193 -32.02 38.62 -4.61
CA GLN D 193 -31.71 39.12 -5.99
C GLN D 193 -30.40 39.89 -6.23
N PRO D 194 -30.04 40.80 -5.28
CA PRO D 194 -28.68 41.35 -5.42
C PRO D 194 -27.56 40.26 -5.41
N MET D 195 -27.67 39.25 -4.56
CA MET D 195 -26.78 38.00 -4.64
C MET D 195 -26.87 37.24 -5.98
N ARG D 196 -28.08 36.90 -6.35
CA ARG D 196 -28.28 36.12 -7.55
C ARG D 196 -27.80 36.86 -8.77
N LYS D 197 -28.07 38.14 -8.85
CA LYS D 197 -27.49 38.96 -9.92
C LYS D 197 -25.96 39.11 -9.85
N LEU D 198 -25.38 39.16 -8.65
CA LEU D 198 -23.90 39.24 -8.54
C LEU D 198 -23.29 37.93 -8.99
N VAL D 199 -23.85 36.83 -8.51
CA VAL D 199 -23.36 35.53 -8.95
C VAL D 199 -23.38 35.40 -10.49
N GLU D 200 -24.47 35.80 -11.13
CA GLU D 200 -24.58 35.67 -12.59
C GLU D 200 -23.68 36.65 -13.30
N ASP D 201 -23.47 37.82 -12.68
CA ASP D 201 -22.49 38.74 -13.20
C ASP D 201 -21.09 38.19 -13.16
N THR D 202 -20.69 37.51 -12.07
CA THR D 202 -19.32 36.89 -12.03
C THR D 202 -19.19 35.87 -13.13
N LEU D 203 -20.28 35.21 -13.48
CA LEU D 203 -20.19 34.20 -14.56
C LEU D 203 -19.76 34.70 -15.97
N VAL D 204 -19.59 36.00 -16.14
CA VAL D 204 -19.37 36.63 -17.45
C VAL D 204 -18.06 37.47 -17.44
N VAL D 205 -17.30 37.42 -16.35
CA VAL D 205 -15.96 38.02 -16.24
C VAL D 205 -14.93 37.22 -17.02
N ASP D 206 -14.18 37.89 -17.91
CA ASP D 206 -13.17 37.23 -18.73
C ASP D 206 -11.84 36.95 -18.07
N ASP D 207 -11.24 37.98 -17.44
CA ASP D 207 -9.98 37.96 -16.69
C ASP D 207 -10.05 36.98 -15.46
N TRP D 208 -9.34 35.85 -15.52
CA TRP D 208 -9.39 34.78 -14.47
C TRP D 208 -8.88 35.28 -13.08
N PHE D 209 -8.02 36.31 -13.09
CA PHE D 209 -7.61 36.91 -11.82
C PHE D 209 -8.59 37.86 -11.19
N GLU D 210 -9.16 38.73 -12.02
CA GLU D 210 -10.28 39.50 -11.58
C GLU D 210 -11.30 38.51 -11.01
N LEU D 211 -11.56 37.44 -11.74
CA LEU D 211 -12.48 36.40 -11.23
C LEU D 211 -12.01 35.74 -9.91
N THR D 212 -10.72 35.41 -9.76
CA THR D 212 -10.35 34.77 -8.46
C THR D 212 -10.47 35.76 -7.31
N LEU D 213 -10.15 37.01 -7.61
CA LEU D 213 -10.30 38.07 -6.64
C LEU D 213 -11.76 38.19 -6.16
N VAL D 214 -12.67 38.34 -7.11
CA VAL D 214 -14.08 38.59 -6.76
C VAL D 214 -14.71 37.40 -6.09
N GLN D 215 -14.60 36.22 -6.71
CA GLN D 215 -15.14 35.00 -6.09
C GLN D 215 -14.42 34.68 -4.78
N ASN D 216 -13.10 34.47 -4.83
CA ASN D 216 -12.40 33.75 -3.73
C ASN D 216 -11.91 34.63 -2.62
N ILE D 217 -11.88 35.95 -2.85
CA ILE D 217 -11.50 36.93 -1.85
C ILE D 217 -12.67 37.87 -1.47
N LEU D 218 -13.19 38.67 -2.40
CA LEU D 218 -14.25 39.61 -2.04
C LEU D 218 -15.52 38.95 -1.53
N ILE D 219 -16.07 38.02 -2.30
CA ILE D 219 -17.37 37.44 -1.94
C ILE D 219 -17.16 36.48 -0.79
N ASP D 220 -16.21 35.55 -0.92
CA ASP D 220 -15.99 34.58 0.14
C ASP D 220 -15.51 35.21 1.41
N GLY D 221 -14.68 36.27 1.27
CA GLY D 221 -14.04 36.94 2.40
C GLY D 221 -15.05 37.57 3.34
N MET D 222 -16.22 37.93 2.81
CA MET D 222 -17.32 38.43 3.63
C MET D 222 -18.45 37.45 3.90
N MET D 223 -18.78 36.60 2.91
CA MET D 223 -19.83 35.59 3.06
C MET D 223 -19.59 34.54 4.16
N TYR D 224 -18.44 33.92 4.15
CA TYR D 224 -18.14 32.85 5.10
C TYR D 224 -18.12 33.33 6.57
N PRO D 225 -17.45 34.47 6.84
CA PRO D 225 -17.61 35.04 8.19
C PRO D 225 -19.04 35.46 8.55
N LEU D 226 -19.73 36.19 7.69
CA LEU D 226 -21.14 36.46 7.97
C LEU D 226 -22.00 35.23 8.26
N VAL D 227 -21.92 34.22 7.38
CA VAL D 227 -22.84 33.09 7.47
C VAL D 227 -22.42 32.04 8.51
N TYR D 228 -21.18 31.60 8.40
CA TYR D 228 -20.76 30.45 9.16
C TYR D 228 -20.19 30.80 10.55
N ASP D 229 -19.85 32.08 10.76
CA ASP D 229 -19.42 32.58 12.09
C ASP D 229 -20.60 33.29 12.73
N LYS D 230 -21.05 34.37 12.11
CA LYS D 230 -22.05 35.28 12.70
C LYS D 230 -23.49 34.82 12.70
N MET D 231 -24.05 34.49 11.53
CA MET D 231 -25.41 33.92 11.48
C MET D 231 -25.50 32.55 12.15
N ASP D 232 -24.39 31.82 12.19
CA ASP D 232 -24.32 30.57 12.95
C ASP D 232 -24.60 30.76 14.47
N GLN D 233 -23.92 31.73 15.13
CA GLN D 233 -24.11 32.00 16.59
C GLN D 233 -25.55 32.41 16.79
N TRP D 234 -26.03 33.25 15.89
CA TRP D 234 -27.34 33.84 15.96
C TRP D 234 -28.41 32.76 15.95
N PHE D 235 -28.15 31.68 15.20
CA PHE D 235 -29.11 30.57 15.04
C PHE D 235 -29.41 29.92 16.35
N GLU D 236 -28.45 29.97 17.28
CA GLU D 236 -28.67 29.44 18.59
C GLU D 236 -29.87 30.13 19.28
N SER D 237 -29.88 31.45 19.25
CA SER D 237 -31.02 32.25 19.70
C SER D 237 -32.33 31.94 18.98
N GLN D 238 -32.29 31.31 17.80
CA GLN D 238 -33.55 31.01 17.07
C GLN D 238 -34.01 29.59 17.29
N GLY D 239 -33.30 28.81 18.12
CA GLY D 239 -33.67 27.40 18.33
C GLY D 239 -33.10 26.43 17.31
N ALA D 240 -32.28 26.97 16.40
CA ALA D 240 -31.60 26.17 15.35
C ALA D 240 -30.13 25.83 15.66
N GLU D 241 -29.73 25.92 16.92
CA GLU D 241 -28.41 25.52 17.36
C GLU D 241 -27.84 24.23 16.75
N ASP D 242 -28.72 23.26 16.48
CA ASP D 242 -28.31 21.93 16.04
C ASP D 242 -27.79 21.85 14.60
N VAL D 243 -28.17 22.83 13.76
CA VAL D 243 -27.59 22.95 12.43
C VAL D 243 -26.09 23.15 12.46
N SER D 244 -25.58 23.74 13.54
CA SER D 244 -24.15 23.97 13.63
C SER D 244 -23.26 22.73 13.36
N MET D 245 -23.72 21.54 13.72
CA MET D 245 -22.85 20.41 13.56
C MET D 245 -22.78 20.05 12.09
N LEU D 246 -23.75 20.54 11.32
CA LEU D 246 -23.83 20.35 9.87
C LEU D 246 -23.00 21.36 9.01
N THR D 247 -22.50 22.42 9.64
CA THR D 247 -21.77 23.46 8.95
C THR D 247 -20.35 23.51 9.50
N GLU D 248 -19.94 22.55 10.31
CA GLU D 248 -18.51 22.46 10.73
C GLU D 248 -17.53 22.39 9.57
N PHE D 249 -17.89 21.60 8.56
CA PHE D 249 -17.10 21.44 7.36
C PHE D 249 -16.75 22.83 6.75
N MET D 250 -17.76 23.67 6.60
CA MET D 250 -17.60 25.03 6.04
C MET D 250 -16.67 25.91 6.88
N ARG D 251 -16.74 25.85 8.22
CA ARG D 251 -15.81 26.59 9.08
C ARG D 251 -14.40 26.10 8.92
N ASP D 252 -14.22 24.77 8.89
CA ASP D 252 -12.90 24.21 8.78
C ASP D 252 -12.27 24.51 7.41
N TRP D 253 -13.14 24.46 6.40
CA TRP D 253 -12.72 24.75 5.05
C TRP D 253 -12.30 26.20 4.87
N TYR D 254 -13.13 27.12 5.40
CA TYR D 254 -12.85 28.53 5.30
C TYR D 254 -11.49 28.92 5.95
N LYS D 255 -11.26 28.46 7.15
CA LYS D 255 -10.02 28.70 7.80
C LYS D 255 -8.82 28.18 6.98
N GLU D 256 -8.93 26.99 6.42
CA GLU D 256 -7.81 26.53 5.60
C GLU D 256 -7.68 27.38 4.31
N SER D 257 -8.82 27.75 3.70
CA SER D 257 -8.76 28.50 2.46
C SER D 257 -8.02 29.85 2.56
N LEU D 258 -8.13 30.51 3.71
CA LEU D 258 -7.39 31.76 3.99
C LEU D 258 -5.93 31.62 3.75
N ARG D 259 -5.42 30.43 4.02
CA ARG D 259 -3.98 30.22 3.87
C ARG D 259 -3.50 30.39 2.42
N TRP D 260 -4.19 29.76 1.48
CA TRP D 260 -3.66 29.77 0.10
C TRP D 260 -4.12 31.04 -0.61
N THR D 261 -5.32 31.53 -0.28
CA THR D 261 -5.78 32.73 -0.94
C THR D 261 -4.99 33.93 -0.49
N ASN D 262 -4.69 34.06 0.82
CA ASN D 262 -3.85 35.17 1.29
C ASN D 262 -2.44 35.01 0.70
N ALA D 263 -1.93 33.76 0.62
CA ALA D 263 -0.60 33.56 -0.01
C ALA D 263 -0.55 34.05 -1.48
N MET D 264 -1.55 33.65 -2.28
CA MET D 264 -1.67 34.07 -3.64
C MET D 264 -1.80 35.59 -3.76
N MET D 265 -2.69 36.21 -2.97
CA MET D 265 -2.85 37.63 -3.01
C MET D 265 -1.57 38.40 -2.68
N LYS D 266 -0.86 37.91 -1.66
CA LYS D 266 0.35 38.55 -1.19
C LYS D 266 1.42 38.56 -2.28
N ALA D 267 1.64 37.42 -2.93
CA ALA D 267 2.63 37.30 -4.02
C ALA D 267 2.27 38.18 -5.21
N VAL D 268 0.97 38.22 -5.55
CA VAL D 268 0.47 38.93 -6.73
C VAL D 268 0.57 40.45 -6.55
N ALA D 269 0.10 40.92 -5.39
CA ALA D 269 0.13 42.35 -5.09
C ALA D 269 1.57 42.80 -4.81
N GLY D 270 2.39 41.95 -4.20
CA GLY D 270 3.77 42.30 -3.95
C GLY D 270 4.63 42.33 -5.20
N GLU D 271 4.15 41.71 -6.27
CA GLU D 271 4.95 41.69 -7.49
C GLU D 271 5.23 43.11 -8.08
N SER D 272 4.25 43.97 -8.15
CA SER D 272 4.52 45.27 -8.77
C SER D 272 3.42 46.20 -8.41
N GLU D 273 3.68 47.49 -8.61
CA GLU D 273 2.71 48.54 -8.28
C GLU D 273 1.60 48.53 -9.32
N THR D 274 1.94 48.14 -10.54
CA THR D 274 0.96 47.91 -11.63
C THR D 274 -0.09 46.87 -11.25
N ASN D 275 0.36 45.71 -10.76
CA ASN D 275 -0.52 44.66 -10.22
C ASN D 275 -1.47 45.21 -9.18
N ARG D 276 -0.87 45.85 -8.16
CA ARG D 276 -1.58 46.58 -7.10
C ARG D 276 -2.66 47.57 -7.61
N GLU D 277 -2.29 48.35 -8.62
CA GLU D 277 -3.22 49.31 -9.24
C GLU D 277 -4.42 48.61 -9.86
N LEU D 278 -4.17 47.53 -10.59
CA LEU D 278 -5.24 46.75 -11.20
C LEU D 278 -6.15 46.14 -10.12
N LEU D 279 -5.55 45.47 -9.15
CA LEU D 279 -6.27 44.83 -8.08
C LEU D 279 -7.10 45.82 -7.40
N GLN D 280 -6.55 47.02 -7.14
CA GLN D 280 -7.33 48.06 -6.40
C GLN D 280 -8.50 48.52 -7.22
N LYS D 281 -8.29 48.66 -8.50
CA LYS D 281 -9.39 49.08 -9.39
C LYS D 281 -10.53 48.03 -9.42
N TRP D 282 -10.16 46.74 -9.54
CA TRP D 282 -11.12 45.60 -9.40
C TRP D 282 -11.84 45.57 -8.06
N ILE D 283 -11.12 45.82 -6.95
CA ILE D 283 -11.78 45.90 -5.60
C ILE D 283 -12.78 47.08 -5.52
N ASP D 284 -12.35 48.28 -5.97
CA ASP D 284 -13.24 49.45 -5.89
C ASP D 284 -14.55 49.18 -6.59
N HIS D 285 -14.49 48.47 -7.73
CA HIS D 285 -15.66 48.05 -8.51
C HIS D 285 -16.53 46.99 -7.86
N TRP D 286 -15.87 45.92 -7.43
CA TRP D 286 -16.55 44.68 -7.00
C TRP D 286 -16.86 44.52 -5.49
N GLU D 287 -15.94 44.95 -4.63
CA GLU D 287 -16.20 44.85 -3.19
C GLU D 287 -17.50 45.51 -2.70
N PRO D 288 -17.86 46.73 -3.18
CA PRO D 288 -19.25 47.21 -2.82
C PRO D 288 -20.41 46.32 -3.25
N GLN D 289 -20.28 45.71 -4.44
CA GLN D 289 -21.28 44.78 -4.96
C GLN D 289 -21.38 43.51 -4.05
N ALA D 290 -20.24 42.98 -3.60
CA ALA D 290 -20.29 41.86 -2.66
C ALA D 290 -20.98 42.26 -1.34
N TYR D 291 -20.62 43.42 -0.78
CA TYR D 291 -21.31 43.94 0.44
C TYR D 291 -22.83 44.05 0.24
N GLU D 292 -23.24 44.65 -0.88
CA GLU D 292 -24.66 44.88 -1.15
C GLU D 292 -25.35 43.54 -1.36
N ALA D 293 -24.65 42.58 -2.00
CA ALA D 293 -25.27 41.24 -2.23
C ALA D 293 -25.65 40.57 -0.86
N LEU D 294 -24.73 40.67 0.11
CA LEU D 294 -24.87 40.10 1.45
C LEU D 294 -25.74 40.97 2.43
N LYS D 295 -26.01 42.21 2.09
CA LYS D 295 -26.70 43.07 3.01
C LYS D 295 -28.08 42.60 3.35
N PRO D 296 -28.87 42.22 2.33
CA PRO D 296 -30.25 41.84 2.63
C PRO D 296 -30.35 40.59 3.45
N LEU D 297 -29.39 39.68 3.26
CA LEU D 297 -29.29 38.48 4.08
C LEU D 297 -28.91 38.82 5.52
N ALA D 298 -27.95 39.74 5.71
CA ALA D 298 -27.55 40.12 7.07
C ALA D 298 -28.72 40.76 7.78
N GLU D 299 -29.47 41.63 7.08
CA GLU D 299 -30.50 42.35 7.72
C GLU D 299 -31.71 41.46 8.08
N ALA D 300 -31.88 40.34 7.37
CA ALA D 300 -32.90 39.30 7.67
C ALA D 300 -32.50 38.35 8.79
N SER D 301 -31.27 38.45 9.27
CA SER D 301 -30.81 37.53 10.28
C SER D 301 -30.15 38.16 11.43
N VAL D 302 -28.83 38.21 11.38
CA VAL D 302 -28.05 38.66 12.53
C VAL D 302 -28.01 40.21 12.67
N GLY D 303 -28.20 40.91 11.55
CA GLY D 303 -28.18 42.35 11.51
C GLY D 303 -27.00 42.90 10.79
N ILE D 304 -27.14 44.16 10.38
CA ILE D 304 -26.17 44.82 9.49
C ILE D 304 -24.80 44.81 10.10
N ASP D 305 -24.75 44.80 11.43
CA ASP D 305 -23.46 44.82 12.10
C ASP D 305 -22.62 43.58 11.89
N GLY D 306 -23.29 42.46 11.67
CA GLY D 306 -22.63 41.18 11.33
C GLY D 306 -21.87 41.39 10.05
N LEU D 307 -22.55 41.90 9.02
CA LEU D 307 -21.91 42.31 7.78
C LEU D 307 -20.84 43.36 7.96
N ASN D 308 -21.10 44.44 8.67
CA ASN D 308 -20.04 45.43 8.85
C ASN D 308 -18.76 44.84 9.44
N GLU D 309 -18.87 43.98 10.45
CA GLU D 309 -17.73 43.21 11.00
C GLU D 309 -17.03 42.27 10.02
N ALA D 310 -17.81 41.58 9.18
CA ALA D 310 -17.24 40.71 8.16
C ALA D 310 -16.54 41.60 7.16
N ARG D 311 -17.14 42.74 6.82
CA ARG D 311 -16.43 43.71 5.93
C ARG D 311 -15.08 44.23 6.47
N ALA D 312 -15.08 44.54 7.75
CA ALA D 312 -13.87 44.93 8.49
C ALA D 312 -12.80 43.82 8.41
N GLU D 313 -13.24 42.59 8.62
CA GLU D 313 -12.34 41.44 8.56
C GLU D 313 -11.70 41.35 7.14
N LEU D 314 -12.50 41.54 6.09
CA LEU D 314 -11.94 41.59 4.70
C LEU D 314 -10.95 42.81 4.49
N SER D 315 -11.35 43.99 4.90
CA SER D 315 -10.46 45.12 4.87
C SER D 315 -9.10 44.87 5.56
N ALA D 316 -9.09 44.23 6.74
CA ALA D 316 -7.80 43.87 7.38
C ALA D 316 -6.94 42.96 6.55
N ARG D 317 -7.55 42.02 5.83
CA ARG D 317 -6.77 41.08 5.01
C ARG D 317 -6.12 41.87 3.87
N LEU D 318 -6.91 42.73 3.22
CA LEU D 318 -6.47 43.47 2.06
C LEU D 318 -5.35 44.42 2.38
N LYS D 319 -5.37 44.98 3.60
CA LYS D 319 -4.32 45.86 4.14
C LYS D 319 -2.95 45.23 4.19
N LYS D 320 -2.89 43.93 4.44
CA LYS D 320 -1.66 43.19 4.43
C LYS D 320 -1.09 43.01 3.04
N PHE D 321 -1.88 43.27 1.99
CA PHE D 321 -1.36 43.19 0.61
C PHE D 321 -1.13 44.58 0.03
N GLU D 322 -1.21 45.58 0.91
CA GLU D 322 -1.16 47.04 0.55
C GLU D 322 -2.33 47.41 -0.39
N LEU D 323 -3.54 47.02 0.00
CA LEU D 323 -4.80 47.30 -0.70
C LEU D 323 -5.87 47.82 0.31
N GLN D 324 -6.94 48.46 -0.17
CA GLN D 324 -7.97 49.07 0.71
C GLN D 324 -9.35 48.77 0.23
N SER D 325 -10.26 48.76 1.19
CA SER D 325 -11.67 48.63 0.96
C SER D 325 -12.32 49.38 2.11
N ARG D 326 -13.64 49.38 2.18
CA ARG D 326 -14.35 50.30 3.05
C ARG D 326 -14.72 49.79 4.45
N GLY D 327 -13.94 48.90 5.08
CA GLY D 327 -14.23 48.54 6.50
C GLY D 327 -13.22 49.00 7.57
N VAL D 328 -13.67 49.12 8.85
CA VAL D 328 -12.84 49.61 10.04
C VAL D 328 -11.44 50.20 9.70
N SER E 1 -14.11 23.49 -44.01
CA SER E 1 -13.43 24.57 -43.26
C SER E 1 -13.73 24.59 -41.74
N VAL E 2 -12.94 25.39 -41.02
CA VAL E 2 -12.92 25.46 -39.56
C VAL E 2 -14.18 26.12 -39.04
N ASN E 3 -14.83 25.52 -38.06
CA ASN E 3 -15.74 26.28 -37.22
C ASN E 3 -14.92 26.98 -36.11
N ALA E 4 -15.22 28.26 -35.93
CA ALA E 4 -14.54 29.10 -34.98
C ALA E 4 -15.55 30.13 -34.67
N LEU E 5 -15.26 30.90 -33.63
CA LEU E 5 -16.08 31.96 -33.09
C LEU E 5 -15.66 33.33 -33.65
N TYR E 6 -14.74 33.33 -34.62
CA TYR E 6 -14.25 34.55 -35.24
C TYR E 6 -13.72 34.08 -36.58
N ASP E 7 -13.20 35.03 -37.37
CA ASP E 7 -12.75 34.67 -38.69
C ASP E 7 -11.38 34.02 -38.59
N TYR E 8 -11.35 32.71 -38.78
CA TYR E 8 -10.19 31.93 -38.40
C TYR E 8 -9.23 31.88 -39.56
N LYS E 9 -8.23 32.75 -39.56
CA LYS E 9 -7.36 32.85 -40.74
C LYS E 9 -5.98 33.27 -40.28
N PHE E 10 -4.99 32.44 -40.55
CA PHE E 10 -3.68 32.69 -40.01
C PHE E 10 -2.69 32.46 -41.15
N GLU E 11 -1.52 33.07 -41.04
CA GLU E 11 -0.55 32.89 -42.07
C GLU E 11 0.06 31.48 -41.92
N PRO E 12 0.44 30.85 -43.04
CA PRO E 12 1.14 29.57 -42.84
C PRO E 12 2.47 29.73 -42.13
N LYS E 13 2.72 28.86 -41.14
CA LYS E 13 4.02 28.86 -40.48
C LYS E 13 5.17 28.52 -41.43
N ASP E 14 4.94 27.66 -42.43
CA ASP E 14 6.09 27.31 -43.27
C ASP E 14 6.20 27.98 -44.67
N LYS E 15 5.64 29.18 -44.84
CA LYS E 15 5.95 29.97 -46.06
C LYS E 15 7.46 30.08 -46.24
N VAL E 16 7.87 30.08 -47.52
CA VAL E 16 9.31 30.24 -47.89
C VAL E 16 10.01 31.44 -47.28
N GLU E 17 9.25 32.52 -47.00
CA GLU E 17 9.84 33.73 -46.42
C GLU E 17 10.42 33.48 -45.01
N ASN E 18 10.03 32.38 -44.38
CA ASN E 18 10.61 32.09 -43.08
C ASN E 18 11.92 31.32 -43.13
N PHE E 19 12.49 31.12 -44.32
CA PHE E 19 13.65 30.23 -44.46
C PHE E 19 14.98 30.89 -44.81
N HIS E 20 15.03 32.22 -44.67
CA HIS E 20 16.30 32.91 -44.79
C HIS E 20 16.97 32.70 -46.13
N GLY E 21 16.19 32.92 -47.20
CA GLY E 21 16.67 32.69 -48.62
C GLY E 21 17.05 31.26 -49.01
N MET E 22 16.76 30.29 -48.10
CA MET E 22 16.82 28.87 -48.46
C MET E 22 15.43 28.39 -48.78
N GLN E 23 15.31 27.15 -49.24
CA GLN E 23 14.03 26.58 -49.54
C GLN E 23 13.97 25.11 -49.11
N LEU E 24 12.81 24.64 -48.67
CA LEU E 24 12.67 23.20 -48.47
C LEU E 24 12.58 22.36 -49.75
N LEU E 25 13.31 21.25 -49.78
CA LEU E 25 13.09 20.24 -50.87
C LEU E 25 12.97 18.84 -50.26
N TYR E 26 11.97 18.06 -50.64
CA TYR E 26 11.90 16.63 -50.28
C TYR E 26 12.40 15.79 -51.45
N VAL E 27 13.05 14.66 -51.15
CA VAL E 27 13.47 13.76 -52.18
C VAL E 27 13.02 12.36 -51.65
N TYR E 28 12.26 11.61 -52.47
CA TYR E 28 11.95 10.19 -52.27
C TYR E 28 12.72 9.32 -53.25
N TRP E 29 13.54 8.38 -52.73
CA TRP E 29 14.22 7.36 -53.53
C TRP E 29 13.50 6.03 -53.24
N PRO E 30 12.57 5.63 -54.13
CA PRO E 30 11.88 4.36 -53.91
C PRO E 30 12.78 3.16 -53.82
N ASP E 31 12.26 2.16 -53.14
CA ASP E 31 12.98 0.89 -52.88
C ASP E 31 14.27 1.00 -52.09
N HIS E 32 14.32 1.96 -51.19
CA HIS E 32 15.54 2.19 -50.35
C HIS E 32 15.11 2.67 -49.01
N LEU E 33 14.18 1.90 -48.43
CA LEU E 33 13.62 2.12 -47.08
C LEU E 33 14.61 2.05 -45.92
N LEU E 34 15.90 1.70 -46.19
CA LEU E 34 17.00 2.03 -45.25
C LEU E 34 16.80 3.45 -44.67
N PHE E 35 16.49 4.39 -45.56
CA PHE E 35 16.03 5.70 -45.15
C PHE E 35 14.53 5.66 -44.98
N CYS E 36 14.02 5.86 -43.77
CA CYS E 36 12.67 5.53 -43.53
C CYS E 36 11.63 6.40 -44.26
N ALA E 37 12.01 7.65 -44.59
CA ALA E 37 11.03 8.62 -45.12
C ALA E 37 11.83 9.41 -46.15
N PRO E 38 11.12 10.09 -47.10
CA PRO E 38 11.81 11.05 -47.95
C PRO E 38 12.59 12.06 -47.08
N PHE E 39 13.78 12.40 -47.53
CA PHE E 39 14.62 13.44 -46.98
C PHE E 39 13.94 14.76 -47.05
N ALA E 40 14.14 15.52 -46.00
CA ALA E 40 13.78 16.92 -45.89
C ALA E 40 15.12 17.68 -45.95
N LEU E 41 15.30 18.42 -47.05
CA LEU E 41 16.57 19.06 -47.41
C LEU E 41 16.32 20.53 -47.40
N LEU E 42 17.30 21.29 -46.91
CA LEU E 42 17.28 22.76 -46.94
C LEU E 42 18.30 23.13 -48.03
N VAL E 43 17.79 23.74 -49.10
CA VAL E 43 18.61 23.93 -50.37
C VAL E 43 18.64 25.41 -50.79
N GLN E 44 19.66 25.79 -51.55
CA GLN E 44 19.72 27.13 -52.19
C GLN E 44 18.78 27.14 -53.45
N PRO E 45 17.83 28.11 -53.55
CA PRO E 45 17.06 28.37 -54.80
C PRO E 45 18.02 28.49 -56.05
N GLY E 46 19.16 29.18 -55.92
CA GLY E 46 20.10 29.30 -57.03
C GLY E 46 21.15 28.23 -57.29
N MET E 47 21.18 27.14 -56.53
CA MET E 47 22.21 26.13 -56.85
C MET E 47 21.67 25.36 -58.08
N THR E 48 22.57 24.70 -58.82
CA THR E 48 22.14 23.94 -60.00
C THR E 48 21.56 22.58 -59.56
N PHE E 49 20.75 21.94 -60.41
CA PHE E 49 20.35 20.56 -60.16
C PHE E 49 21.56 19.60 -59.97
N SER E 50 22.59 19.90 -60.66
CA SER E 50 23.73 19.09 -60.62
C SER E 50 24.48 19.17 -59.28
N ALA E 51 24.59 20.36 -58.69
CA ALA E 51 25.12 20.56 -57.36
C ALA E 51 24.27 19.84 -56.29
N LEU E 52 22.95 19.91 -56.45
CA LEU E 52 21.98 19.20 -55.60
C LEU E 52 22.34 17.69 -55.57
N VAL E 53 22.44 17.11 -56.73
CA VAL E 53 22.79 15.72 -56.78
C VAL E 53 24.17 15.42 -56.13
N ASP E 54 25.19 16.18 -56.50
CA ASP E 54 26.53 15.85 -56.08
C ASP E 54 26.86 16.31 -54.65
N GLU E 55 26.30 17.43 -54.22
CA GLU E 55 26.60 18.00 -52.90
C GLU E 55 25.63 17.59 -51.74
N ILE E 56 24.38 17.33 -52.09
CA ILE E 56 23.30 17.03 -51.14
C ILE E 56 22.87 15.53 -51.24
N LEU E 57 22.34 15.10 -52.39
CA LEU E 57 21.74 13.77 -52.49
C LEU E 57 22.73 12.63 -52.32
N LYS E 58 23.86 12.78 -52.97
CA LYS E 58 24.83 11.76 -52.94
C LYS E 58 25.25 11.51 -51.47
N PRO E 59 25.66 12.56 -50.76
CA PRO E 59 25.98 12.30 -49.33
C PRO E 59 24.79 11.83 -48.49
N ALA E 60 23.60 12.33 -48.75
CA ALA E 60 22.41 11.85 -47.98
C ALA E 60 22.12 10.31 -48.14
N THR E 61 22.50 9.73 -49.29
CA THR E 61 22.08 8.35 -49.68
C THR E 61 23.31 7.46 -49.51
N ALA E 62 24.43 8.02 -49.08
CA ALA E 62 25.65 7.32 -49.07
C ALA E 62 25.66 6.03 -48.26
N ALA E 63 24.81 5.93 -47.23
CA ALA E 63 24.78 4.74 -46.35
C ALA E 63 24.23 3.49 -47.07
N HIS E 64 23.50 3.68 -48.17
CA HIS E 64 22.99 2.52 -48.87
C HIS E 64 24.01 1.95 -49.86
N PRO E 65 24.23 0.63 -49.86
CA PRO E 65 25.18 -0.04 -50.79
C PRO E 65 24.90 0.25 -52.28
N ASP E 66 23.64 0.51 -52.68
CA ASP E 66 23.31 1.04 -54.04
C ASP E 66 23.79 2.46 -54.37
N SER E 67 24.18 3.26 -53.39
CA SER E 67 24.35 4.71 -53.70
C SER E 67 25.56 5.03 -54.62
N ALA E 68 26.64 4.28 -54.44
CA ALA E 68 27.86 4.54 -55.17
C ALA E 68 27.66 4.43 -56.69
N LYS E 69 26.94 3.40 -57.16
CA LYS E 69 26.62 3.22 -58.58
C LYS E 69 25.26 3.78 -59.06
N ALA E 70 24.50 4.42 -58.20
CA ALA E 70 23.37 5.14 -58.71
C ALA E 70 23.91 6.23 -59.66
N ASP E 71 23.13 6.55 -60.67
CA ASP E 71 23.47 7.70 -61.51
C ASP E 71 22.25 8.54 -61.28
N PHE E 72 22.20 9.26 -60.17
CA PHE E 72 20.95 9.90 -59.84
C PHE E 72 20.58 10.90 -60.95
N LEU E 73 21.57 11.58 -61.52
CA LEU E 73 21.25 12.71 -62.41
C LEU E 73 20.41 12.18 -63.59
N ASN E 74 20.74 10.94 -64.03
CA ASN E 74 20.18 10.33 -65.23
C ASN E 74 19.11 9.29 -64.92
N ALA E 75 18.58 9.38 -63.72
CA ALA E 75 17.61 8.37 -63.23
C ALA E 75 16.21 8.83 -63.68
N GLU E 76 15.16 8.15 -63.30
CA GLU E 76 13.78 8.65 -63.56
C GLU E 76 13.21 9.57 -62.48
N TRP E 77 12.93 10.80 -62.87
CA TRP E 77 12.44 11.80 -61.91
C TRP E 77 10.97 12.10 -62.14
N LEU E 78 10.36 12.49 -61.01
CA LEU E 78 9.04 13.07 -60.88
C LEU E 78 9.28 14.33 -60.04
N LEU E 79 8.51 15.37 -60.35
CA LEU E 79 8.42 16.57 -59.57
C LEU E 79 6.98 16.73 -59.28
N ASN E 80 6.70 16.74 -57.95
CA ASN E 80 5.37 16.79 -57.41
C ASN E 80 4.48 15.83 -58.16
N ASP E 81 5.03 14.62 -58.37
CA ASP E 81 4.28 13.51 -58.98
C ASP E 81 4.14 13.59 -60.52
N GLU E 82 4.73 14.58 -61.19
CA GLU E 82 4.67 14.66 -62.66
C GLU E 82 5.99 14.29 -63.14
N PRO E 83 6.10 13.67 -64.37
CA PRO E 83 7.43 13.33 -64.86
C PRO E 83 8.24 14.60 -65.08
N PHE E 84 9.55 14.50 -64.97
CA PHE E 84 10.30 15.73 -64.90
C PHE E 84 11.65 15.40 -65.46
N THR E 85 12.20 16.37 -66.22
CA THR E 85 13.48 16.18 -66.84
C THR E 85 14.38 17.25 -66.35
N PRO E 86 15.31 16.89 -65.44
CA PRO E 86 16.26 17.84 -64.88
C PRO E 86 17.13 18.58 -65.92
N LYS E 87 17.40 19.86 -65.66
CA LYS E 87 18.49 20.53 -66.36
C LYS E 87 19.73 20.62 -65.45
N ALA E 88 20.75 19.81 -65.73
CA ALA E 88 21.87 19.68 -64.84
C ALA E 88 22.44 21.05 -64.43
N ASP E 89 22.44 22.05 -65.33
CA ASP E 89 23.16 23.31 -65.04
C ASP E 89 22.22 24.48 -64.84
N ALA E 90 20.92 24.25 -64.90
CA ALA E 90 19.96 25.31 -64.54
C ALA E 90 19.81 25.34 -62.99
N SER E 91 19.33 26.48 -62.46
CA SER E 91 19.16 26.64 -61.04
C SER E 91 17.91 25.79 -60.67
N LEU E 92 17.76 25.41 -59.40
CA LEU E 92 16.58 24.63 -58.97
C LEU E 92 15.31 25.46 -59.22
N LYS E 93 15.34 26.70 -58.78
CA LYS E 93 14.15 27.53 -58.88
C LYS E 93 13.64 27.79 -60.36
N GLU E 94 14.59 28.15 -61.23
CA GLU E 94 14.43 28.43 -62.68
C GLU E 94 13.62 27.31 -63.34
N GLN E 95 13.92 26.06 -62.95
CA GLN E 95 13.19 24.92 -63.51
C GLN E 95 12.03 24.45 -62.71
N GLY E 96 11.42 25.29 -61.86
CA GLY E 96 10.16 24.92 -61.21
C GLY E 96 10.21 24.09 -59.90
N ILE E 97 11.42 23.81 -59.39
CA ILE E 97 11.64 23.14 -58.08
C ILE E 97 11.56 24.25 -57.01
N ASP E 98 10.36 24.48 -56.53
CA ASP E 98 10.13 25.52 -55.57
C ASP E 98 9.94 24.90 -54.14
N HIS E 99 9.57 25.77 -53.24
CA HIS E 99 9.66 25.46 -51.84
C HIS E 99 8.68 24.34 -51.53
N LYS E 100 9.22 23.33 -50.85
CA LYS E 100 8.49 22.16 -50.41
C LYS E 100 7.98 21.35 -51.60
N SER E 101 8.63 21.48 -52.76
CA SER E 101 8.39 20.50 -53.80
C SER E 101 8.96 19.19 -53.29
N MET E 102 8.47 18.08 -53.83
CA MET E 102 9.12 16.78 -53.70
C MET E 102 9.57 16.21 -55.09
N LEU E 103 10.86 15.89 -55.17
CA LEU E 103 11.39 15.08 -56.21
C LEU E 103 11.38 13.60 -55.80
N THR E 104 10.98 12.73 -56.72
CA THR E 104 11.08 11.24 -56.55
C THR E 104 12.14 10.80 -57.58
N VAL E 105 13.16 10.07 -57.14
CA VAL E 105 14.13 9.60 -58.06
C VAL E 105 14.08 8.07 -58.03
N THR E 106 13.73 7.47 -59.17
CA THR E 106 13.72 6.00 -59.33
C THR E 106 14.92 5.64 -60.12
N THR E 107 15.72 4.73 -59.55
CA THR E 107 16.92 4.26 -60.17
C THR E 107 16.72 2.87 -60.80
N PRO E 108 16.51 2.81 -62.15
CA PRO E 108 16.31 1.55 -62.90
C PRO E 108 17.32 0.44 -62.52
N GLY E 109 16.80 -0.71 -62.12
CA GLY E 109 17.68 -1.80 -61.66
C GLY E 109 18.47 -1.67 -60.35
N LEU E 110 18.20 -0.62 -59.57
CA LEU E 110 18.74 -0.60 -58.17
C LEU E 110 17.52 -0.59 -57.27
N LYS E 111 17.08 -1.77 -56.82
CA LYS E 111 15.85 -1.79 -56.03
C LYS E 111 16.00 -2.22 -54.56
N GLY E 112 17.15 -1.90 -53.99
CA GLY E 112 17.32 -2.12 -52.58
C GLY E 112 17.67 -3.56 -52.36
N MET E 113 17.82 -3.89 -51.08
CA MET E 113 18.27 -5.20 -50.65
C MET E 113 17.17 -6.24 -50.37
N ALA E 114 17.59 -7.51 -50.53
CA ALA E 114 16.89 -8.68 -50.02
C ALA E 114 15.46 -8.73 -50.54
N ASN E 115 15.23 -8.28 -51.77
CA ASN E 115 13.87 -8.21 -52.35
C ASN E 115 12.80 -7.53 -51.53
N ALA E 116 13.27 -6.72 -50.56
CA ALA E 116 12.43 -6.02 -49.57
C ALA E 116 12.39 -4.47 -49.80
N GLY E 117 13.01 -3.99 -50.88
CA GLY E 117 13.02 -2.55 -51.20
C GLY E 117 13.73 -1.75 -50.11
N TYR E 118 14.73 -2.34 -49.48
CA TYR E 118 15.36 -1.80 -48.31
C TYR E 118 16.71 -1.15 -48.69
N SER F 1 16.47 -23.50 44.15
CA SER F 1 15.28 -24.35 44.24
C SER F 1 14.13 -23.65 43.54
N VAL F 2 13.18 -24.38 42.97
CA VAL F 2 12.07 -23.74 42.25
C VAL F 2 11.04 -23.10 43.20
N ASN F 3 10.69 -21.82 42.96
CA ASN F 3 9.62 -21.15 43.68
C ASN F 3 8.34 -21.42 42.95
N ALA F 4 7.27 -21.70 43.67
CA ALA F 4 6.03 -22.15 43.06
C ALA F 4 4.92 -21.93 44.06
N LEU F 5 3.70 -21.99 43.57
CA LEU F 5 2.52 -21.78 44.37
C LEU F 5 1.97 -23.14 44.95
N TYR F 6 2.82 -24.16 44.93
CA TYR F 6 2.47 -25.48 45.42
C TYR F 6 3.76 -26.24 45.53
N ASP F 7 3.72 -27.48 46.04
CA ASP F 7 4.94 -28.31 46.15
C ASP F 7 5.32 -28.76 44.77
N TYR F 8 6.34 -28.14 44.22
CA TYR F 8 6.63 -28.28 42.78
C TYR F 8 7.56 -29.46 42.63
N LYS F 9 7.00 -30.65 42.43
CA LYS F 9 7.78 -31.90 42.39
C LYS F 9 7.23 -32.85 41.32
N PHE F 10 8.09 -33.32 40.41
CA PHE F 10 7.59 -34.13 39.28
C PHE F 10 8.48 -35.35 39.02
N GLU F 11 7.94 -36.41 38.41
CA GLU F 11 8.80 -37.51 37.92
C GLU F 11 9.68 -36.99 36.76
N PRO F 12 10.95 -37.43 36.70
CA PRO F 12 11.80 -37.16 35.54
C PRO F 12 11.15 -37.71 34.24
N LYS F 13 11.14 -36.89 33.16
CA LYS F 13 10.67 -37.38 31.85
C LYS F 13 11.50 -38.54 31.30
N ASP F 14 12.81 -38.58 31.57
CA ASP F 14 13.69 -39.56 30.93
C ASP F 14 14.19 -40.65 31.88
N LYS F 15 13.32 -41.07 32.79
CA LYS F 15 13.52 -42.21 33.67
C LYS F 15 13.78 -43.40 32.78
N VAL F 16 14.80 -44.20 33.16
CA VAL F 16 15.10 -45.48 32.49
C VAL F 16 13.89 -46.30 32.16
N GLU F 17 12.85 -46.16 33.00
CA GLU F 17 11.61 -46.91 32.92
C GLU F 17 10.81 -46.62 31.68
N ASN F 18 11.03 -45.47 31.06
CA ASN F 18 10.31 -45.07 29.85
C ASN F 18 10.93 -45.63 28.50
N PHE F 19 12.06 -46.30 28.61
CA PHE F 19 12.85 -46.66 27.45
C PHE F 19 12.65 -48.12 27.07
N HIS F 20 11.52 -48.66 27.54
CA HIS F 20 11.04 -49.97 27.12
C HIS F 20 12.06 -51.11 27.29
N GLY F 21 12.86 -51.14 28.35
CA GLY F 21 13.88 -52.16 28.36
C GLY F 21 15.27 -51.69 27.94
N MET F 22 15.36 -50.56 27.26
CA MET F 22 16.70 -50.07 26.90
C MET F 22 17.17 -48.97 27.83
N GLN F 23 18.40 -48.54 27.58
CA GLN F 23 19.11 -47.50 28.28
C GLN F 23 19.51 -46.46 27.23
N LEU F 24 19.92 -45.28 27.69
CA LEU F 24 20.65 -44.34 26.88
C LEU F 24 22.07 -44.36 27.31
N LEU F 25 22.94 -44.14 26.32
CA LEU F 25 24.34 -44.05 26.51
C LEU F 25 24.86 -42.98 25.58
N TYR F 26 25.83 -42.19 26.05
CA TYR F 26 26.43 -41.16 25.27
C TYR F 26 27.86 -41.54 25.02
N VAL F 27 28.37 -41.27 23.81
CA VAL F 27 29.75 -41.49 23.54
C VAL F 27 30.35 -40.27 22.91
N TYR F 28 31.48 -39.87 23.49
CA TYR F 28 32.23 -38.72 23.06
C TYR F 28 33.63 -39.17 22.56
N TRP F 29 33.91 -38.94 21.29
CA TRP F 29 35.17 -39.23 20.76
C TRP F 29 35.89 -37.90 20.50
N PRO F 30 36.77 -37.47 21.44
CA PRO F 30 37.51 -36.22 21.24
C PRO F 30 38.32 -36.09 19.94
N ASP F 31 38.49 -34.86 19.46
CA ASP F 31 39.18 -34.52 18.19
C ASP F 31 38.51 -35.01 16.88
N HIS F 32 37.22 -35.29 16.97
CA HIS F 32 36.49 -35.78 15.83
C HIS F 32 35.18 -35.03 15.69
N LEU F 33 35.31 -33.71 15.73
CA LEU F 33 34.19 -32.76 15.55
C LEU F 33 33.42 -32.90 14.24
N LEU F 34 33.79 -33.87 13.43
CA LEU F 34 32.95 -34.16 12.27
C LEU F 34 31.55 -34.45 12.74
N PHE F 35 31.50 -35.24 13.80
CA PHE F 35 30.29 -35.48 14.56
C PHE F 35 30.25 -34.32 15.55
N CYS F 36 29.27 -33.46 15.41
CA CYS F 36 29.24 -32.19 16.13
C CYS F 36 29.15 -32.28 17.69
N ALA F 37 28.62 -33.41 18.18
CA ALA F 37 28.20 -33.62 19.54
C ALA F 37 28.38 -35.10 19.85
N PRO F 38 28.58 -35.44 21.14
CA PRO F 38 28.58 -36.87 21.53
C PRO F 38 27.31 -37.52 21.00
N PHE F 39 27.40 -38.79 20.58
CA PHE F 39 26.22 -39.58 20.14
C PHE F 39 25.29 -39.88 21.28
N ALA F 40 24.00 -40.00 20.97
CA ALA F 40 23.05 -40.48 21.91
C ALA F 40 22.61 -41.82 21.37
N LEU F 41 22.85 -42.88 22.15
CA LEU F 41 22.60 -44.26 21.74
C LEU F 41 21.53 -44.90 22.58
N LEU F 42 20.67 -45.68 21.93
CA LEU F 42 19.68 -46.49 22.56
C LEU F 42 20.15 -47.96 22.46
N VAL F 43 20.42 -48.56 23.61
CA VAL F 43 21.32 -49.66 23.79
C VAL F 43 20.72 -50.71 24.80
N GLN F 44 21.03 -52.00 24.57
CA GLN F 44 20.77 -53.11 25.53
C GLN F 44 21.66 -53.01 26.78
N PRO F 45 21.06 -52.95 27.98
CA PRO F 45 21.89 -52.98 29.21
C PRO F 45 22.75 -54.28 29.35
N GLY F 46 22.16 -55.39 28.88
CA GLY F 46 22.79 -56.70 28.73
C GLY F 46 23.90 -56.82 27.68
N MET F 47 23.87 -56.03 26.63
CA MET F 47 24.92 -56.08 25.63
C MET F 47 26.34 -55.96 26.27
N THR F 48 27.37 -56.51 25.62
CA THR F 48 28.72 -56.54 26.21
C THR F 48 29.40 -55.28 25.73
N PHE F 49 30.50 -54.92 26.35
CA PHE F 49 31.28 -53.84 25.77
C PHE F 49 31.63 -53.93 24.29
N SER F 50 32.14 -55.10 23.85
CA SER F 50 32.61 -55.24 22.42
C SER F 50 31.42 -55.40 21.49
N ALA F 51 30.36 -56.02 21.94
CA ALA F 51 29.15 -55.91 21.16
C ALA F 51 28.83 -54.40 20.92
N LEU F 52 28.89 -53.58 21.98
CA LEU F 52 28.74 -52.12 21.86
C LEU F 52 29.75 -51.45 20.92
N VAL F 53 31.05 -51.76 21.07
CA VAL F 53 32.05 -51.22 20.13
C VAL F 53 31.84 -51.65 18.66
N ASP F 54 31.49 -52.92 18.45
CA ASP F 54 31.39 -53.48 17.11
C ASP F 54 30.01 -53.30 16.46
N GLU F 55 28.92 -53.43 17.23
CA GLU F 55 27.57 -53.33 16.65
C GLU F 55 27.00 -51.92 16.46
N ILE F 56 27.43 -51.01 17.32
CA ILE F 56 26.85 -49.69 17.44
C ILE F 56 27.93 -48.67 17.17
N LEU F 57 28.98 -48.67 17.97
CA LEU F 57 30.01 -47.64 17.93
C LEU F 57 30.83 -47.51 16.64
N LYS F 58 31.41 -48.61 16.14
CA LYS F 58 32.22 -48.54 14.91
C LYS F 58 31.37 -48.04 13.70
N PRO F 59 30.16 -48.63 13.48
CA PRO F 59 29.16 -48.10 12.51
C PRO F 59 28.97 -46.56 12.59
N ALA F 60 28.63 -46.06 13.78
CA ALA F 60 28.31 -44.63 14.01
C ALA F 60 29.45 -43.72 13.65
N THR F 61 30.65 -44.27 13.78
CA THR F 61 31.89 -43.52 13.58
C THR F 61 32.47 -43.72 12.19
N ALA F 62 31.94 -44.69 11.44
CA ALA F 62 32.45 -45.10 10.08
C ALA F 62 32.83 -43.95 9.13
N ALA F 63 32.00 -42.89 9.13
CA ALA F 63 32.16 -41.81 8.18
C ALA F 63 33.47 -41.05 8.34
N HIS F 64 34.13 -41.17 9.49
CA HIS F 64 35.40 -40.49 9.72
C HIS F 64 36.59 -41.35 9.30
N PRO F 65 37.49 -40.78 8.46
CA PRO F 65 38.71 -41.43 8.00
C PRO F 65 39.44 -42.23 9.05
N ASP F 66 39.59 -41.70 10.29
CA ASP F 66 40.24 -42.43 11.40
C ASP F 66 39.53 -43.64 11.99
N SER F 67 38.28 -43.88 11.62
CA SER F 67 37.47 -44.86 12.32
C SER F 67 37.97 -46.30 12.08
N ALA F 68 38.59 -46.44 10.90
CA ALA F 68 39.19 -47.69 10.40
C ALA F 68 40.41 -48.01 11.27
N LYS F 69 41.39 -47.10 11.22
CA LYS F 69 42.65 -47.22 11.93
C LYS F 69 42.50 -47.18 13.45
N ALA F 70 41.31 -46.80 13.92
CA ALA F 70 41.05 -46.73 15.35
C ALA F 70 40.70 -48.10 15.92
N ASP F 71 41.31 -48.36 17.07
CA ASP F 71 40.97 -49.46 17.93
C ASP F 71 40.43 -48.78 19.19
N PHE F 72 39.12 -48.46 19.16
CA PHE F 72 38.32 -48.24 20.38
C PHE F 72 38.43 -49.59 21.07
N LEU F 73 38.09 -49.63 22.34
CA LEU F 73 38.26 -50.84 23.19
C LEU F 73 39.64 -50.84 23.86
N ASN F 74 40.70 -50.62 23.11
CA ASN F 74 41.99 -50.53 23.75
C ASN F 74 42.52 -49.11 23.70
N ALA F 75 41.64 -48.19 23.31
CA ALA F 75 41.88 -46.76 23.48
C ALA F 75 41.57 -46.37 24.96
N GLU F 76 41.95 -45.15 25.37
CA GLU F 76 41.73 -44.67 26.75
C GLU F 76 40.28 -44.17 26.97
N TRP F 77 39.63 -44.72 27.99
CA TRP F 77 38.22 -44.48 28.23
C TRP F 77 38.02 -43.69 29.51
N LEU F 78 36.89 -42.98 29.59
CA LEU F 78 36.38 -42.32 30.79
C LEU F 78 34.90 -42.66 30.90
N LEU F 79 34.46 -42.89 32.12
CA LEU F 79 33.03 -43.15 32.34
C LEU F 79 32.59 -42.08 33.31
N ASN F 80 31.73 -41.17 32.83
CA ASN F 80 31.13 -40.13 33.66
C ASN F 80 32.22 -39.30 34.24
N ASP F 81 33.24 -39.09 33.40
CA ASP F 81 34.44 -38.31 33.68
C ASP F 81 35.55 -39.04 34.45
N GLU F 82 35.22 -40.19 35.04
CA GLU F 82 36.16 -40.97 35.88
C GLU F 82 36.90 -42.02 35.06
N PRO F 83 38.22 -42.14 35.25
CA PRO F 83 39.00 -43.19 34.54
C PRO F 83 38.34 -44.58 34.56
N PHE F 84 38.27 -45.20 33.39
CA PHE F 84 37.53 -46.44 33.20
C PHE F 84 38.34 -47.46 32.35
N THR F 85 38.25 -48.73 32.72
CA THR F 85 38.95 -49.77 32.00
C THR F 85 37.85 -50.81 31.76
N PRO F 86 37.40 -50.91 30.50
CA PRO F 86 36.26 -51.76 30.17
C PRO F 86 36.60 -53.24 30.23
N LYS F 87 35.56 -54.03 30.52
CA LYS F 87 35.62 -55.45 30.55
C LYS F 87 34.87 -55.85 29.31
N ALA F 88 35.64 -56.16 28.25
CA ALA F 88 35.08 -56.58 26.96
C ALA F 88 33.91 -57.60 26.96
N ASP F 89 34.00 -58.65 27.78
CA ASP F 89 32.95 -59.67 27.82
C ASP F 89 31.91 -59.41 28.83
N ALA F 90 32.11 -58.37 29.64
CA ALA F 90 31.09 -58.04 30.65
C ALA F 90 29.93 -57.20 30.04
N SER F 91 28.71 -57.39 30.53
CA SER F 91 27.62 -56.50 30.12
C SER F 91 27.95 -55.01 30.48
N LEU F 92 27.18 -54.09 29.91
CA LEU F 92 27.33 -52.68 30.21
C LEU F 92 26.80 -52.43 31.65
N LYS F 93 25.60 -52.98 31.93
CA LYS F 93 25.01 -52.92 33.24
C LYS F 93 25.98 -53.42 34.32
N GLU F 94 26.31 -54.72 34.24
CA GLU F 94 27.23 -55.33 35.19
C GLU F 94 28.58 -54.63 35.32
N GLN F 95 28.90 -53.69 34.45
CA GLN F 95 30.08 -52.86 34.78
C GLN F 95 29.84 -51.36 35.08
N GLY F 96 28.59 -51.02 35.39
CA GLY F 96 28.26 -49.67 35.87
C GLY F 96 28.21 -48.58 34.82
N ILE F 97 28.07 -49.02 33.55
CA ILE F 97 27.61 -48.17 32.43
C ILE F 97 26.09 -48.17 32.40
N ASP F 98 25.50 -47.22 33.09
CA ASP F 98 24.06 -47.17 33.26
C ASP F 98 23.36 -46.07 32.40
N HIS F 99 22.08 -45.88 32.64
CA HIS F 99 21.22 -44.97 31.92
C HIS F 99 21.75 -43.52 31.95
N LYS F 100 22.07 -43.00 30.78
CA LYS F 100 22.61 -41.64 30.58
C LYS F 100 24.00 -41.44 31.08
N SER F 101 24.76 -42.54 31.22
CA SER F 101 26.20 -42.43 31.33
C SER F 101 26.75 -41.98 30.00
N MET F 102 27.88 -41.29 30.11
CA MET F 102 28.73 -40.93 29.01
C MET F 102 30.13 -41.55 29.13
N LEU F 103 30.43 -42.31 28.06
CA LEU F 103 31.78 -42.75 27.76
C LEU F 103 32.52 -41.75 26.92
N THR F 104 33.73 -41.41 27.35
CA THR F 104 34.68 -40.72 26.54
C THR F 104 35.80 -41.72 26.16
N VAL F 105 35.89 -42.05 24.86
CA VAL F 105 37.03 -42.80 24.34
C VAL F 105 38.01 -41.88 23.60
N THR F 106 39.25 -41.82 24.05
CA THR F 106 40.28 -41.05 23.35
C THR F 106 41.25 -42.03 22.74
N THR F 107 41.52 -41.83 21.45
CA THR F 107 42.36 -42.67 20.65
C THR F 107 43.59 -41.85 20.49
N PRO F 108 44.66 -42.18 21.23
CA PRO F 108 45.72 -41.21 21.07
C PRO F 108 46.50 -41.54 19.77
N GLY F 109 47.07 -40.51 19.12
CA GLY F 109 47.66 -40.70 17.80
C GLY F 109 46.69 -40.48 16.64
N LEU F 110 45.39 -40.61 16.92
CA LEU F 110 44.31 -40.22 15.97
C LEU F 110 43.56 -38.96 16.44
N LYS F 111 44.03 -37.80 16.01
CA LYS F 111 43.47 -36.54 16.48
C LYS F 111 42.75 -35.69 15.42
N GLY F 112 42.08 -36.40 14.51
CA GLY F 112 41.30 -35.86 13.38
C GLY F 112 42.12 -35.08 12.38
N MET F 113 41.41 -34.26 11.57
CA MET F 113 41.95 -33.65 10.38
C MET F 113 42.41 -32.23 10.54
N ALA F 114 43.40 -31.91 9.72
CA ALA F 114 43.95 -30.58 9.52
C ALA F 114 44.30 -29.82 10.79
N ASN F 115 44.77 -30.55 11.81
CA ASN F 115 45.17 -29.95 13.12
C ASN F 115 44.05 -29.04 13.70
N ALA F 116 42.82 -29.35 13.27
CA ALA F 116 41.60 -28.72 13.80
C ALA F 116 41.23 -29.77 14.85
N GLY F 117 40.07 -30.39 14.81
CA GLY F 117 39.89 -31.43 15.80
C GLY F 117 38.77 -32.15 15.17
N TYR F 118 38.91 -32.28 13.84
CA TYR F 118 37.76 -32.56 13.01
C TYR F 118 37.71 -33.98 12.49
N GLN G 3 -21.04 -7.00 -28.60
CA GLN G 3 -20.56 -8.35 -28.22
C GLN G 3 -20.06 -8.31 -26.78
N LEU G 4 -18.76 -8.49 -26.58
CA LEU G 4 -18.21 -8.66 -25.22
C LEU G 4 -18.17 -7.37 -24.35
N VAL G 5 -18.85 -7.40 -23.19
CA VAL G 5 -18.59 -6.37 -22.16
C VAL G 5 -17.40 -6.82 -21.33
N PHE G 6 -16.85 -5.93 -20.54
CA PHE G 6 -15.72 -6.37 -19.78
C PHE G 6 -15.35 -5.48 -18.61
N ILE G 7 -14.64 -6.12 -17.68
CA ILE G 7 -14.20 -5.55 -16.44
C ILE G 7 -12.86 -6.23 -16.09
N VAL G 8 -11.82 -5.42 -15.87
CA VAL G 8 -10.57 -5.98 -15.43
C VAL G 8 -10.39 -5.50 -14.01
N PHE G 9 -9.82 -6.34 -13.14
CA PHE G 9 -9.52 -5.96 -11.76
C PHE G 9 -8.06 -6.12 -11.43
N GLN G 10 -7.69 -5.52 -10.30
CA GLN G 10 -6.52 -5.90 -9.47
C GLN G 10 -6.39 -7.40 -9.23
N ASP G 11 -5.45 -8.05 -9.90
CA ASP G 11 -5.07 -9.39 -9.50
C ASP G 11 -4.57 -9.21 -8.03
N ASN G 12 -5.52 -9.27 -7.09
CA ASN G 12 -5.47 -8.63 -5.75
C ASN G 12 -6.05 -9.58 -4.68
N ASP G 13 -6.03 -9.18 -3.41
CA ASP G 13 -6.73 -9.96 -2.35
C ASP G 13 -8.27 -9.69 -2.34
N ASP G 14 -8.69 -8.42 -2.33
CA ASP G 14 -10.13 -8.07 -2.41
C ASP G 14 -10.79 -8.53 -3.70
N SER G 15 -10.07 -8.32 -4.81
CA SER G 15 -10.54 -8.70 -6.12
C SER G 15 -10.76 -10.22 -6.32
N ARG G 16 -10.06 -11.05 -5.56
CA ARG G 16 -10.38 -12.49 -5.57
C ARG G 16 -11.88 -12.71 -5.31
N TYR G 17 -12.38 -12.15 -4.20
CA TYR G 17 -13.81 -12.20 -3.85
C TYR G 17 -14.70 -11.48 -4.89
N LEU G 18 -14.21 -10.37 -5.43
CA LEU G 18 -14.94 -9.62 -6.45
C LEU G 18 -15.10 -10.43 -7.73
N ALA G 19 -14.06 -11.14 -8.12
CA ALA G 19 -14.07 -12.01 -9.31
C ALA G 19 -15.00 -13.23 -9.12
N GLU G 20 -14.87 -13.91 -7.97
CA GLU G 20 -15.75 -15.02 -7.64
C GLU G 20 -17.24 -14.62 -7.60
N ALA G 21 -17.52 -13.35 -7.27
CA ALA G 21 -18.88 -12.78 -7.30
C ALA G 21 -19.42 -12.56 -8.73
N VAL G 22 -18.51 -12.44 -9.69
CA VAL G 22 -18.85 -12.24 -11.09
C VAL G 22 -18.81 -13.57 -11.89
N MET G 23 -18.21 -14.60 -11.29
CA MET G 23 -18.20 -15.93 -11.93
C MET G 23 -19.30 -16.81 -11.36
N GLU G 24 -19.92 -16.33 -10.29
CA GLU G 24 -21.03 -17.00 -9.64
C GLU G 24 -22.25 -16.08 -9.70
N ASP G 25 -22.41 -15.46 -10.87
CA ASP G 25 -23.55 -14.60 -11.16
C ASP G 25 -23.65 -14.39 -12.66
N ASN G 26 -22.59 -14.79 -13.37
CA ASN G 26 -22.57 -14.80 -14.83
C ASN G 26 -21.91 -16.08 -15.35
N PRO G 27 -22.54 -17.25 -15.08
CA PRO G 27 -22.00 -18.55 -15.51
C PRO G 27 -21.78 -18.66 -17.03
N ASP G 28 -21.93 -17.54 -17.73
CA ASP G 28 -21.61 -17.47 -19.16
C ASP G 28 -20.28 -16.72 -19.32
N ALA G 29 -19.89 -16.00 -18.26
CA ALA G 29 -18.69 -15.16 -18.29
C ALA G 29 -17.43 -15.97 -18.39
N GLU G 30 -16.50 -15.49 -19.20
CA GLU G 30 -15.14 -16.05 -19.26
C GLU G 30 -14.12 -15.15 -18.54
N MET G 31 -13.50 -15.68 -17.49
CA MET G 31 -12.41 -14.97 -16.81
C MET G 31 -11.04 -15.40 -17.36
N GLN G 32 -10.27 -14.46 -17.89
CA GLN G 32 -8.88 -14.75 -18.25
C GLN G 32 -7.87 -13.97 -17.40
N HIS G 33 -6.61 -14.42 -17.44
CA HIS G 33 -5.53 -13.84 -16.60
C HIS G 33 -4.31 -13.33 -17.40
N GLN G 34 -3.93 -12.06 -17.21
CA GLN G 34 -2.58 -11.57 -17.54
C GLN G 34 -1.88 -11.36 -16.17
N PRO G 35 -0.58 -11.01 -16.12
CA PRO G 35 0.04 -11.09 -14.78
C PRO G 35 -0.72 -10.38 -13.68
N ALA G 36 -0.33 -9.14 -13.39
CA ALA G 36 -0.89 -8.46 -12.24
C ALA G 36 -2.32 -7.99 -12.55
N MET G 37 -3.12 -8.89 -13.14
CA MET G 37 -4.47 -8.52 -13.57
C MET G 37 -5.44 -9.67 -13.85
N ILE G 38 -6.71 -9.46 -13.49
CA ILE G 38 -7.85 -10.35 -13.78
C ILE G 38 -8.76 -9.69 -14.82
N ARG G 39 -8.85 -10.25 -16.03
CA ARG G 39 -9.86 -9.80 -17.01
C ARG G 39 -11.02 -10.81 -17.13
N ILE G 40 -12.24 -10.26 -17.04
CA ILE G 40 -13.48 -11.00 -17.18
C ILE G 40 -14.26 -10.48 -18.42
N GLN G 41 -14.33 -11.31 -19.45
CA GLN G 41 -15.12 -11.03 -20.66
C GLN G 41 -16.56 -11.51 -20.45
N ALA G 42 -17.37 -11.35 -21.50
CA ALA G 42 -18.71 -11.95 -21.58
C ALA G 42 -19.58 -11.23 -22.59
N GLU G 43 -20.52 -11.98 -23.16
CA GLU G 43 -21.35 -11.47 -24.25
C GLU G 43 -22.43 -10.49 -23.75
N LYS G 44 -22.52 -9.35 -24.42
CA LYS G 44 -23.56 -8.34 -24.17
C LYS G 44 -23.75 -7.76 -22.74
N ARG G 45 -23.67 -8.57 -21.69
CA ARG G 45 -23.85 -8.06 -20.31
C ARG G 45 -23.05 -8.78 -19.23
N LEU G 46 -22.78 -8.06 -18.14
CA LEU G 46 -22.15 -8.61 -16.93
C LEU G 46 -22.79 -7.98 -15.68
N VAL G 47 -22.79 -8.69 -14.56
CA VAL G 47 -23.34 -8.12 -13.32
C VAL G 47 -22.62 -8.48 -12.02
N ILE G 48 -22.48 -7.47 -11.17
CA ILE G 48 -22.26 -7.69 -9.74
C ILE G 48 -23.57 -7.34 -9.00
N ASN G 49 -23.89 -8.10 -7.97
CA ASN G 49 -25.04 -7.83 -7.12
C ASN G 49 -24.56 -7.72 -5.68
N ARG G 50 -24.90 -6.61 -5.00
CA ARG G 50 -24.53 -6.43 -3.61
C ARG G 50 -24.72 -7.74 -2.83
N GLU G 51 -25.78 -8.48 -3.15
CA GLU G 51 -26.09 -9.74 -2.46
C GLU G 51 -25.03 -10.88 -2.58
N THR G 52 -24.39 -11.04 -3.73
CA THR G 52 -23.34 -12.07 -3.82
C THR G 52 -22.07 -11.65 -3.07
N MET G 53 -21.72 -10.38 -3.17
CA MET G 53 -20.59 -9.82 -2.44
C MET G 53 -20.87 -9.75 -0.94
N GLU G 54 -22.15 -9.66 -0.57
CA GLU G 54 -22.52 -9.55 0.86
C GLU G 54 -22.40 -10.87 1.65
N GLU G 55 -22.96 -11.95 1.13
CA GLU G 55 -22.91 -13.22 1.86
C GLU G 55 -21.48 -13.76 1.96
N LYS G 56 -20.61 -13.29 1.07
CA LYS G 56 -19.25 -13.80 0.93
C LYS G 56 -18.21 -13.09 1.82
N LEU G 57 -18.49 -11.85 2.23
CA LEU G 57 -17.51 -11.13 3.02
C LEU G 57 -17.88 -11.08 4.50
N GLY G 58 -19.14 -11.40 4.81
CA GLY G 58 -19.62 -11.35 6.20
C GLY G 58 -19.73 -9.93 6.75
N ARG G 59 -20.23 -9.05 5.89
CA ARG G 59 -20.37 -7.63 6.19
C ARG G 59 -21.27 -7.01 5.12
N ASP G 60 -21.84 -5.85 5.46
CA ASP G 60 -22.47 -5.01 4.45
C ASP G 60 -21.40 -4.56 3.45
N TRP G 61 -21.72 -4.65 2.16
CA TRP G 61 -20.79 -4.22 1.14
C TRP G 61 -21.48 -3.25 0.16
N ASP G 62 -20.85 -2.09 -0.05
CA ASP G 62 -21.35 -1.07 -0.97
C ASP G 62 -20.66 -1.15 -2.33
N VAL G 63 -21.45 -0.85 -3.37
CA VAL G 63 -21.00 -0.84 -4.77
C VAL G 63 -19.78 0.05 -4.96
N GLN G 64 -19.93 1.34 -4.64
CA GLN G 64 -18.90 2.36 -4.87
C GLN G 64 -17.51 1.90 -4.41
N GLU G 65 -17.47 0.86 -3.58
CA GLU G 65 -16.22 0.31 -3.08
C GLU G 65 -15.52 -0.67 -4.04
N MET G 66 -16.27 -1.17 -5.03
CA MET G 66 -15.68 -2.02 -6.06
C MET G 66 -14.66 -1.21 -6.81
N LEU G 67 -15.01 0.06 -7.01
CA LEU G 67 -14.26 0.97 -7.87
C LEU G 67 -12.75 0.96 -7.57
N ILE G 68 -12.37 0.91 -6.30
CA ILE G 68 -10.96 0.90 -5.94
C ILE G 68 -10.17 -0.09 -6.82
N ASN G 69 -10.78 -1.21 -7.15
CA ASN G 69 -10.07 -2.32 -7.78
C ASN G 69 -10.36 -2.51 -9.26
N VAL G 70 -11.56 -2.12 -9.69
CA VAL G 70 -11.90 -2.26 -11.11
C VAL G 70 -10.82 -1.58 -11.88
N SER G 72 -10.11 -0.64 -15.94
CA SER G 72 -10.94 -0.54 -17.11
C SER G 72 -12.34 -1.16 -16.94
N ILE G 73 -13.16 -1.01 -17.98
CA ILE G 73 -14.54 -1.48 -17.99
C ILE G 73 -15.00 -1.52 -19.46
N ALA G 74 -16.20 -2.01 -19.74
CA ALA G 74 -16.69 -1.96 -21.12
C ALA G 74 -18.19 -2.18 -21.23
N GLY G 75 -18.82 -1.31 -22.02
CA GLY G 75 -20.28 -1.32 -22.15
C GLY G 75 -20.97 -0.25 -21.34
N ASN G 76 -22.30 -0.29 -21.40
CA ASN G 76 -23.13 0.76 -20.78
C ASN G 76 -23.31 0.53 -19.29
N VAL G 77 -23.01 1.56 -18.50
CA VAL G 77 -23.00 1.38 -17.04
C VAL G 77 -24.37 1.54 -16.41
N ASP G 78 -24.76 0.51 -15.64
CA ASP G 78 -25.99 0.55 -14.88
C ASP G 78 -25.77 0.15 -13.42
N GLU G 79 -25.70 1.17 -12.55
CA GLU G 79 -25.49 0.99 -11.12
C GLU G 79 -26.73 1.40 -10.31
N ASP G 80 -27.00 0.63 -9.26
CA ASP G 80 -28.14 0.86 -8.35
C ASP G 80 -27.73 0.65 -6.90
N HIS G 83 -27.19 -2.42 -7.76
CA HIS G 83 -26.32 -3.30 -8.57
C HIS G 83 -25.17 -2.59 -9.31
N PHE G 84 -24.32 -3.39 -9.96
CA PHE G 84 -23.42 -2.84 -10.96
C PHE G 84 -23.39 -3.77 -12.19
N ILE G 85 -23.86 -3.26 -13.33
CA ILE G 85 -23.99 -4.10 -14.51
C ILE G 85 -23.43 -3.43 -15.78
N LEU G 86 -22.61 -4.16 -16.52
CA LEU G 86 -22.10 -3.71 -17.82
C LEU G 86 -22.92 -4.35 -18.97
N GLU G 87 -23.39 -3.53 -19.91
CA GLU G 87 -24.43 -3.96 -20.86
C GLU G 87 -24.40 -3.34 -22.26
N TRP G 88 -24.69 -4.16 -23.26
CA TRP G 88 -24.89 -3.68 -24.63
C TRP G 88 -26.36 -3.77 -25.05
FE FE H . 8.29 -7.04 20.86
ZN ZN I . 22.72 -25.67 27.08
FE FE J . 7.10 -9.29 18.75
FE FE K . -5.75 9.99 -17.57
FE FE L . -8.87 8.41 -18.51
ZN ZN M . -0.17 11.77 -40.91
#